data_6I5C
#
_entry.id   6I5C
#
_cell.length_a   104.240
_cell.length_b   156.830
_cell.length_c   179.540
_cell.angle_alpha   90.000
_cell.angle_beta   90.000
_cell.angle_gamma   90.000
#
_symmetry.space_group_name_H-M   'P 21 21 21'
#
loop_
_entity.id
_entity.type
_entity.pdbx_description
1 polymer 'Tubulin alpha-1B chain'
2 polymer 'Tubulin beta-2B chain'
3 polymer Stathmin-4
4 polymer 'TUBULIN-TYROSINE LIGASE'
5 non-polymer "GUANOSINE-5'-TRIPHOSPHATE"
6 non-polymer 'MAGNESIUM ION'
7 non-polymer 'CALCIUM ION'
8 non-polymer 'CHLORIDE ION'
9 non-polymer "GUANOSINE-5'-DIPHOSPHATE"
10 non-polymer '2-(N-MORPHOLINO)-ETHANESULFONIC ACID'
11 non-polymer 'PHOSPHOMETHYLPHOSPHONIC ACID ADENYLATE ESTER'
12 water water
#
loop_
_entity_poly.entity_id
_entity_poly.type
_entity_poly.pdbx_seq_one_letter_code
_entity_poly.pdbx_strand_id
1 'polypeptide(L)'
;MRECISIHVGQAGVQIGNACWELYCLEHGIQPDGQMPSDKTIGGGDDSFNTFFSETGAGKHVPRAVFVDLEPTVIDEVRT
GTYRQLFHPEQLITGKEDAANNYARGHYTIGKEIIDLVLDRIRKLADQCTGLQGFLVFHSFGGGTGSGFTSLLMERLSVD
YGKKSKLEFSIYPAPQVSTAVVEPYNSILTTHTTLEHSDCAFMVDNEAIYDICRRNLDIERPTYTNLNRLISQIVSSITA
SLRFDGALNVDLTEFQTNLVPYPRIHFPLATYAPVISAEKAYHEQLSVAEITNACFEPANQMVKCDPRHGKYMACCLLYR
GDVVPKDVNAAIATIKTKRSIQFVDWCPTGFKVGINYQPPTVVPGGDLAKVQRAVCMLSNTTAIAEAWARLDHKFDLMYA
KRAFVHWYVGEGMEEGEFSEAREDMAALEKDYEEVGVDSV
;
A,C
2 'polypeptide(L)'
;MREIVHIQAGQCGNQIGAKFWEVISDEHGIDPTGSYHGDSDLQLERINVYYNEATGNKYVPRAILVDLEPGTMDSVRSGP
FGQIFRPDNFVFGQSGAGNNWAKGHYTEGAELVDSVLDVVRKESESCDCLQGFQLTHSLGGGTGSGMGTLLISKIREEYP
DRIMNTFSVMPSPKVSDTVVEPYNATLSVHQLVENTDETYCIDNEALYDICFRTLKLTTPTYGDLNHLVSATMSGVTTCL
RFPGQLNADLRKLAVNMVPFPRLHFFMPGFAPLTSRGSQQYRALTVPELTQQMFDSKNMMAACDPRHGRYLTVAAIFRGR
MSMKEVDEQMLNVQNKNSSYFVEWIPNNVKTAVCDIPPRGLKMSATFIGNSTAIQELFKRISEQFTAMFRRKAFLHWYTG
EGMDEMEFTEAESNMNDLVSEYQQYQDATAD
;
B,D
3 'polypeptide(L)'
;MEVIELNKCTSGQSFEVILKPPSFDGVPEFNASLPRRRDPSLEEIQKKLEAAEERRKYQEAELLKHLAEKREHEREVIQK
AIEENNNFIKMAKEKLAQKMESNKENREAHLAAMLERLQEKDKHAEEVRKNKELKE
;
E
4 'polypeptide(L)'
;MYTFVVRDENSSVYAEVSRLLLATGQWKRLRKDNPRFNLMLGERNRLPFGRLGHEPGLVQLVNYYRGADKLCRKASLVKL
IKTSPELSESCTWFPESYVIYPTNLKTPVAPAQNGIRHLINNTRTDEREVFLAAYNRRREGREGNVWIAKSSAGAKGEGI
LISSEASELLDFIDEQGQVHVIQKYLEKPLLLEPGHRKFDIRSWVLVDHLYNIYLYREGVLRTSSEPYNSANFQDKTCHL
TNHCIQKEYSKNYGRYEEGNEMFFEEFNQYLMDALNTTLENSILLQIKHIIRSCLMCIEPAISTKHLHYQSFQLFGFDFM
VDEELKVWLIEVNGAPACAQKLYAELCQGIVDVAISSVFPLADTGQKTSQPTSIFIKLH
;
F
#
# COMPACT_ATOMS: atom_id res chain seq x y z
N MET A 1 -14.91 -71.75 1.27
CA MET A 1 -14.69 -70.43 0.67
C MET A 1 -14.81 -69.33 1.72
N ARG A 2 -13.82 -68.42 1.74
CA ARG A 2 -13.80 -67.31 2.68
C ARG A 2 -13.70 -66.01 1.92
N GLU A 3 -14.62 -65.08 2.22
CA GLU A 3 -14.73 -63.80 1.54
C GLU A 3 -13.64 -62.81 1.96
N CYS A 4 -13.24 -61.97 1.01
CA CYS A 4 -12.37 -60.83 1.24
C CYS A 4 -13.10 -59.55 0.87
N ILE A 5 -12.98 -58.52 1.69
CA ILE A 5 -13.59 -57.22 1.41
C ILE A 5 -12.50 -56.23 1.05
N SER A 6 -12.68 -55.55 -0.09
CA SER A 6 -11.75 -54.53 -0.56
C SER A 6 -12.29 -53.14 -0.20
N ILE A 7 -11.40 -52.29 0.31
CA ILE A 7 -11.74 -50.93 0.72
C ILE A 7 -10.79 -49.98 0.01
N HIS A 8 -11.34 -49.04 -0.75
CA HIS A 8 -10.55 -48.11 -1.55
C HIS A 8 -10.76 -46.71 -1.00
N VAL A 9 -9.67 -46.06 -0.55
CA VAL A 9 -9.73 -44.82 0.20
C VAL A 9 -8.96 -43.75 -0.55
N GLY A 10 -9.59 -42.59 -0.76
CA GLY A 10 -8.96 -41.48 -1.45
C GLY A 10 -8.92 -41.66 -2.96
N GLN A 11 -8.40 -40.63 -3.63
CA GLN A 11 -8.34 -40.65 -5.09
C GLN A 11 -7.52 -41.83 -5.59
N ALA A 12 -6.30 -41.99 -5.08
CA ALA A 12 -5.42 -43.05 -5.57
C ALA A 12 -6.04 -44.42 -5.35
N GLY A 13 -6.56 -44.64 -4.14
CA GLY A 13 -7.18 -45.92 -3.84
C GLY A 13 -8.39 -46.21 -4.71
N VAL A 14 -9.22 -45.19 -4.95
CA VAL A 14 -10.45 -45.38 -5.72
C VAL A 14 -10.14 -45.65 -7.18
N GLN A 15 -9.20 -44.91 -7.77
CA GLN A 15 -8.90 -45.11 -9.19
C GLN A 15 -8.16 -46.44 -9.41
N ILE A 16 -7.29 -46.82 -8.47
CA ILE A 16 -6.64 -48.12 -8.56
C ILE A 16 -7.66 -49.24 -8.39
N GLY A 17 -8.66 -49.02 -7.51
CA GLY A 17 -9.76 -49.97 -7.40
C GLY A 17 -10.56 -50.11 -8.69
N ASN A 18 -10.86 -48.98 -9.34
CA ASN A 18 -11.49 -49.05 -10.65
C ASN A 18 -10.69 -49.95 -11.60
N ALA A 19 -9.38 -49.70 -11.69
CA ALA A 19 -8.56 -50.48 -12.63
C ALA A 19 -8.54 -51.95 -12.24
N CYS A 20 -8.41 -52.23 -10.94
CA CYS A 20 -8.34 -53.61 -10.46
C CYS A 20 -9.63 -54.37 -10.73
N TRP A 21 -10.78 -53.73 -10.46
CA TRP A 21 -12.05 -54.44 -10.66
C TRP A 21 -12.37 -54.59 -12.14
N GLU A 22 -11.99 -53.63 -12.98
CA GLU A 22 -12.09 -53.85 -14.42
C GLU A 22 -11.29 -55.07 -14.83
N LEU A 23 -10.05 -55.17 -14.34
CA LEU A 23 -9.19 -56.28 -14.70
C LEU A 23 -9.75 -57.60 -14.17
N TYR A 24 -10.28 -57.60 -12.94
CA TYR A 24 -10.92 -58.79 -12.38
C TYR A 24 -12.08 -59.26 -13.25
N CYS A 25 -12.95 -58.32 -13.65
CA CYS A 25 -14.08 -58.69 -14.50
C CYS A 25 -13.59 -59.31 -15.81
N LEU A 26 -12.54 -58.74 -16.39
CA LEU A 26 -11.99 -59.34 -17.61
C LEU A 26 -11.41 -60.72 -17.35
N GLU A 27 -10.75 -60.90 -16.21
CA GLU A 27 -10.10 -62.17 -15.91
C GLU A 27 -11.10 -63.28 -15.60
N HIS A 28 -12.26 -62.91 -15.05
CA HIS A 28 -13.27 -63.89 -14.67
C HIS A 28 -14.42 -63.96 -15.67
N GLY A 29 -14.38 -63.18 -16.74
CA GLY A 29 -15.46 -63.20 -17.71
C GLY A 29 -16.74 -62.60 -17.19
N ILE A 30 -16.66 -61.58 -16.35
CA ILE A 30 -17.83 -60.86 -15.86
C ILE A 30 -18.03 -59.64 -16.75
N GLN A 31 -19.20 -59.54 -17.36
CA GLN A 31 -19.50 -58.40 -18.21
C GLN A 31 -19.76 -57.16 -17.37
N PRO A 32 -19.68 -55.97 -17.98
CA PRO A 32 -19.92 -54.74 -17.20
C PRO A 32 -21.26 -54.69 -16.50
N ASP A 33 -22.27 -55.42 -16.97
CA ASP A 33 -23.57 -55.45 -16.32
C ASP A 33 -23.65 -56.43 -15.16
N GLY A 34 -22.53 -57.06 -14.78
CA GLY A 34 -22.50 -58.00 -13.68
C GLY A 34 -22.78 -59.44 -14.03
N GLN A 35 -23.21 -59.72 -15.26
CA GLN A 35 -23.49 -61.10 -15.67
C GLN A 35 -22.20 -61.86 -15.97
N MET A 36 -22.22 -63.14 -15.65
CA MET A 36 -21.07 -64.03 -15.86
C MET A 36 -21.56 -65.34 -16.46
N PRO A 37 -21.57 -65.43 -17.80
CA PRO A 37 -22.14 -66.63 -18.46
C PRO A 37 -21.54 -67.95 -18.00
N SER A 38 -20.24 -67.99 -17.69
CA SER A 38 -19.61 -69.25 -17.31
C SER A 38 -19.99 -69.72 -15.91
N ASP A 39 -20.69 -68.89 -15.13
CA ASP A 39 -21.10 -69.25 -13.78
C ASP A 39 -22.45 -69.97 -13.86
N LYS A 40 -22.43 -71.28 -13.65
CA LYS A 40 -23.62 -72.09 -13.82
C LYS A 40 -24.48 -72.22 -12.56
N THR A 41 -23.99 -71.76 -11.41
CA THR A 41 -24.78 -71.71 -10.20
C THR A 41 -25.32 -70.28 -10.06
N ILE A 42 -26.61 -70.11 -10.33
CA ILE A 42 -27.22 -68.80 -10.33
C ILE A 42 -27.59 -68.42 -8.90
N GLY A 43 -27.29 -67.18 -8.52
CA GLY A 43 -27.71 -66.66 -7.24
C GLY A 43 -26.85 -67.07 -6.07
N GLY A 44 -25.82 -67.88 -6.28
CA GLY A 44 -24.95 -68.23 -5.18
C GLY A 44 -23.80 -69.11 -5.63
N GLY A 45 -23.15 -69.71 -4.64
CA GLY A 45 -22.02 -70.60 -4.86
C GLY A 45 -20.87 -70.24 -3.95
N ASP A 46 -19.90 -71.14 -3.81
CA ASP A 46 -18.70 -70.89 -3.03
C ASP A 46 -17.45 -71.20 -3.86
N ASP A 47 -17.44 -70.77 -5.11
CA ASP A 47 -16.26 -70.85 -5.95
C ASP A 47 -15.21 -69.84 -5.50
N SER A 48 -13.99 -70.02 -6.02
CA SER A 48 -12.89 -69.16 -5.62
C SER A 48 -13.16 -67.70 -5.97
N PHE A 49 -13.75 -67.45 -7.14
CA PHE A 49 -14.03 -66.05 -7.51
C PHE A 49 -15.09 -65.45 -6.60
N ASN A 50 -15.83 -66.27 -5.86
CA ASN A 50 -16.79 -65.75 -4.89
C ASN A 50 -16.11 -65.15 -3.68
N THR A 51 -14.79 -65.33 -3.52
CA THR A 51 -14.06 -64.61 -2.49
C THR A 51 -14.15 -63.10 -2.71
N PHE A 52 -14.28 -62.67 -3.96
CA PHE A 52 -14.31 -61.26 -4.30
C PHE A 52 -15.66 -60.77 -4.83
N PHE A 53 -16.51 -61.67 -5.35
CA PHE A 53 -17.81 -61.30 -5.86
C PHE A 53 -18.92 -62.04 -5.12
N SER A 54 -19.94 -61.31 -4.70
CA SER A 54 -21.19 -61.90 -4.26
C SER A 54 -22.13 -62.01 -5.47
N GLU A 55 -23.27 -62.67 -5.27
CA GLU A 55 -24.17 -62.93 -6.38
C GLU A 55 -25.61 -62.60 -5.98
N THR A 56 -26.31 -61.93 -6.88
CA THR A 56 -27.74 -61.68 -6.73
C THR A 56 -28.54 -62.77 -7.42
N GLY A 57 -29.82 -62.86 -7.05
CA GLY A 57 -30.70 -63.83 -7.69
C GLY A 57 -30.86 -63.59 -9.17
N ALA A 58 -30.67 -62.35 -9.63
CA ALA A 58 -30.75 -62.03 -11.05
C ALA A 58 -29.49 -62.38 -11.81
N GLY A 59 -28.48 -62.94 -11.15
CA GLY A 59 -27.28 -63.38 -11.81
C GLY A 59 -26.15 -62.36 -11.85
N LYS A 60 -26.30 -61.23 -11.17
CA LYS A 60 -25.26 -60.21 -11.15
C LYS A 60 -24.19 -60.57 -10.13
N HIS A 61 -22.93 -60.41 -10.53
CA HIS A 61 -21.79 -60.63 -9.66
C HIS A 61 -21.28 -59.27 -9.20
N VAL A 62 -21.38 -59.02 -7.90
CA VAL A 62 -21.18 -57.70 -7.30
C VAL A 62 -19.88 -57.73 -6.52
N PRO A 63 -18.94 -56.82 -6.78
CA PRO A 63 -17.70 -56.76 -5.99
C PRO A 63 -17.99 -56.57 -4.51
N ARG A 64 -17.24 -57.32 -3.69
CA ARG A 64 -17.24 -57.13 -2.25
C ARG A 64 -16.30 -55.96 -1.94
N ALA A 65 -16.77 -54.76 -2.22
CA ALA A 65 -15.91 -53.58 -2.22
C ALA A 65 -16.65 -52.36 -1.70
N VAL A 66 -15.92 -51.51 -0.97
CA VAL A 66 -16.40 -50.20 -0.55
C VAL A 66 -15.44 -49.15 -1.11
N PHE A 67 -16.00 -48.08 -1.66
CA PHE A 67 -15.23 -46.93 -2.13
C PHE A 67 -15.50 -45.74 -1.22
N VAL A 68 -14.44 -45.14 -0.70
CA VAL A 68 -14.55 -44.02 0.23
C VAL A 68 -13.69 -42.88 -0.27
N ASP A 69 -14.29 -41.69 -0.39
CA ASP A 69 -13.56 -40.47 -0.70
C ASP A 69 -14.26 -39.32 0.00
N LEU A 70 -13.49 -38.33 0.44
CA LEU A 70 -14.07 -37.21 1.16
C LEU A 70 -14.60 -36.11 0.24
N GLU A 71 -14.27 -36.15 -1.04
CA GLU A 71 -14.90 -35.33 -2.07
C GLU A 71 -15.46 -36.26 -3.14
N PRO A 72 -16.45 -35.80 -3.93
CA PRO A 72 -17.23 -36.75 -4.74
C PRO A 72 -16.80 -36.94 -6.18
N THR A 73 -15.85 -36.14 -6.67
CA THR A 73 -15.62 -36.08 -8.11
C THR A 73 -14.99 -37.36 -8.65
N VAL A 74 -14.24 -38.09 -7.83
CA VAL A 74 -13.59 -39.31 -8.32
C VAL A 74 -14.55 -40.50 -8.29
N ILE A 75 -15.32 -40.65 -7.21
CA ILE A 75 -16.26 -41.76 -7.12
C ILE A 75 -17.44 -41.56 -8.06
N ASP A 76 -17.79 -40.31 -8.38
CA ASP A 76 -18.80 -40.06 -9.40
C ASP A 76 -18.39 -40.69 -10.72
N GLU A 77 -17.10 -40.81 -10.98
CA GLU A 77 -16.62 -41.46 -12.19
C GLU A 77 -16.90 -42.97 -12.15
N VAL A 78 -16.87 -43.57 -10.97
CA VAL A 78 -17.33 -44.95 -10.82
C VAL A 78 -18.82 -45.02 -11.08
N ARG A 79 -19.58 -44.08 -10.50
CA ARG A 79 -21.03 -44.09 -10.63
C ARG A 79 -21.47 -43.93 -12.08
N THR A 80 -20.66 -43.24 -12.89
CA THR A 80 -21.03 -42.94 -14.27
C THR A 80 -20.25 -43.73 -15.31
N GLY A 81 -19.27 -44.54 -14.91
CA GLY A 81 -18.39 -45.20 -15.84
C GLY A 81 -18.94 -46.51 -16.40
N THR A 82 -18.02 -47.29 -16.98
CA THR A 82 -18.41 -48.52 -17.67
C THR A 82 -19.03 -49.53 -16.72
N TYR A 83 -18.44 -49.69 -15.53
CA TYR A 83 -18.85 -50.73 -14.60
C TYR A 83 -19.80 -50.22 -13.52
N ARG A 84 -20.53 -49.14 -13.82
CA ARG A 84 -21.49 -48.60 -12.87
C ARG A 84 -22.50 -49.65 -12.42
N GLN A 85 -22.98 -50.47 -13.36
CA GLN A 85 -23.99 -51.47 -13.04
C GLN A 85 -23.44 -52.48 -12.08
N LEU A 86 -22.12 -52.58 -12.00
CA LEU A 86 -21.47 -53.52 -11.11
C LEU A 86 -21.77 -53.16 -9.65
N PHE A 87 -21.77 -51.88 -9.32
CA PHE A 87 -21.86 -51.43 -7.93
C PHE A 87 -23.24 -50.89 -7.59
N HIS A 88 -23.69 -51.17 -6.34
CA HIS A 88 -24.85 -50.61 -5.66
C HIS A 88 -24.44 -49.33 -4.94
N PRO A 89 -25.35 -48.34 -4.88
CA PRO A 89 -24.99 -47.06 -4.24
C PRO A 89 -24.42 -47.16 -2.84
N GLU A 90 -24.84 -48.12 -2.03
CA GLU A 90 -24.34 -48.18 -0.65
C GLU A 90 -22.85 -48.53 -0.59
N GLN A 91 -22.24 -48.96 -1.69
CA GLN A 91 -20.81 -49.25 -1.73
C GLN A 91 -19.97 -48.00 -1.98
N LEU A 92 -20.57 -46.93 -2.48
CA LEU A 92 -19.86 -45.73 -2.90
C LEU A 92 -20.16 -44.59 -1.94
N ILE A 93 -19.17 -44.21 -1.13
CA ILE A 93 -19.34 -43.23 -0.05
C ILE A 93 -18.52 -42.00 -0.40
N THR A 94 -19.16 -40.83 -0.43
CA THR A 94 -18.48 -39.57 -0.67
C THR A 94 -18.92 -38.54 0.35
N GLY A 95 -17.98 -37.68 0.74
CA GLY A 95 -18.28 -36.44 1.42
C GLY A 95 -18.35 -35.28 0.44
N LYS A 96 -18.30 -34.07 0.98
CA LYS A 96 -18.36 -32.88 0.15
C LYS A 96 -17.07 -32.09 0.11
N GLU A 97 -16.20 -32.26 1.11
CA GLU A 97 -15.01 -31.42 1.27
C GLU A 97 -13.86 -32.33 1.67
N ASP A 98 -12.76 -32.30 0.93
CA ASP A 98 -11.70 -33.28 1.12
C ASP A 98 -10.77 -32.85 2.25
N ALA A 99 -9.70 -33.62 2.46
CA ALA A 99 -8.78 -33.38 3.55
C ALA A 99 -7.64 -32.45 3.18
N ALA A 100 -7.68 -31.89 1.96
CA ALA A 100 -6.73 -30.87 1.52
C ALA A 100 -5.28 -31.27 1.76
N ASN A 101 -4.96 -32.53 1.49
CA ASN A 101 -3.59 -33.05 1.60
C ASN A 101 -3.08 -32.95 3.05
N ASN A 102 -3.97 -33.02 4.03
CA ASN A 102 -3.66 -32.81 5.43
C ASN A 102 -4.05 -34.08 6.21
N TYR A 103 -3.03 -34.84 6.64
CA TYR A 103 -3.28 -36.01 7.49
C TYR A 103 -4.19 -35.69 8.67
N ALA A 104 -3.95 -34.57 9.35
CA ALA A 104 -4.73 -34.24 10.53
C ALA A 104 -6.19 -33.98 10.17
N ARG A 105 -6.41 -33.35 9.01
CA ARG A 105 -7.78 -33.09 8.57
C ARG A 105 -8.49 -34.36 8.17
N GLY A 106 -7.75 -35.31 7.58
CA GLY A 106 -8.36 -36.59 7.22
C GLY A 106 -8.64 -37.49 8.42
N HIS A 107 -7.71 -37.52 9.37
CA HIS A 107 -7.80 -38.44 10.51
C HIS A 107 -8.74 -37.93 11.60
N TYR A 108 -8.70 -36.63 11.90
CA TYR A 108 -9.48 -36.10 13.02
C TYR A 108 -10.71 -35.35 12.53
N THR A 109 -10.50 -34.22 11.84
CA THR A 109 -11.60 -33.29 11.58
C THR A 109 -12.73 -33.94 10.79
N ILE A 110 -12.42 -34.55 9.65
CA ILE A 110 -13.45 -35.13 8.77
C ILE A 110 -13.68 -36.61 9.06
N GLY A 111 -12.59 -37.35 9.30
CA GLY A 111 -12.70 -38.77 9.60
C GLY A 111 -13.64 -39.04 10.75
N LYS A 112 -13.57 -38.23 11.81
CA LYS A 112 -14.48 -38.41 12.94
C LYS A 112 -15.92 -38.24 12.51
N GLU A 113 -16.17 -37.51 11.43
CA GLU A 113 -17.54 -37.25 10.98
C GLU A 113 -18.05 -38.30 10.01
N ILE A 114 -17.18 -39.09 9.38
CA ILE A 114 -17.62 -40.07 8.38
C ILE A 114 -17.28 -41.52 8.74
N ILE A 115 -16.51 -41.74 9.82
CA ILE A 115 -16.03 -43.09 10.13
C ILE A 115 -17.18 -44.04 10.42
N ASP A 116 -18.20 -43.58 11.14
CA ASP A 116 -19.31 -44.47 11.50
C ASP A 116 -20.10 -44.89 10.27
N LEU A 117 -20.33 -43.96 9.35
CA LEU A 117 -21.00 -44.32 8.10
C LEU A 117 -20.20 -45.36 7.34
N VAL A 118 -18.88 -45.16 7.25
CA VAL A 118 -18.04 -46.11 6.51
C VAL A 118 -18.10 -47.49 7.17
N LEU A 119 -17.99 -47.54 8.49
CA LEU A 119 -18.05 -48.81 9.20
C LEU A 119 -19.40 -49.49 9.04
N ASP A 120 -20.49 -48.73 9.02
CA ASP A 120 -21.81 -49.34 8.80
C ASP A 120 -21.89 -49.97 7.40
N ARG A 121 -21.40 -49.23 6.39
CA ARG A 121 -21.46 -49.79 5.04
C ARG A 121 -20.56 -51.00 4.90
N ILE A 122 -19.43 -51.04 5.62
CA ILE A 122 -18.58 -52.23 5.61
C ILE A 122 -19.26 -53.39 6.35
N ARG A 123 -19.91 -53.10 7.48
CA ARG A 123 -20.67 -54.10 8.21
C ARG A 123 -21.73 -54.75 7.33
N LYS A 124 -22.36 -53.96 6.46
CA LYS A 124 -23.39 -54.53 5.60
C LYS A 124 -22.81 -55.56 4.63
N LEU A 125 -21.60 -55.31 4.13
CA LEU A 125 -20.93 -56.33 3.30
C LEU A 125 -20.51 -57.53 4.15
N ALA A 126 -19.99 -57.28 5.34
CA ALA A 126 -19.56 -58.36 6.21
C ALA A 126 -20.71 -59.29 6.55
N ASP A 127 -21.92 -58.74 6.71
CA ASP A 127 -23.09 -59.55 7.03
C ASP A 127 -23.45 -60.51 5.89
N GLN A 128 -23.02 -60.22 4.66
CA GLN A 128 -23.24 -61.15 3.55
C GLN A 128 -22.22 -62.28 3.52
N CYS A 129 -21.25 -62.28 4.43
CA CYS A 129 -20.14 -63.22 4.38
C CYS A 129 -20.39 -64.37 5.35
N THR A 130 -20.19 -65.60 4.87
CA THR A 130 -20.29 -66.78 5.71
C THR A 130 -19.02 -67.03 6.50
N GLY A 131 -17.88 -66.53 6.03
CA GLY A 131 -16.61 -66.68 6.71
C GLY A 131 -15.61 -65.64 6.26
N LEU A 132 -15.88 -64.37 6.59
CA LEU A 132 -14.99 -63.29 6.21
C LEU A 132 -13.59 -63.52 6.76
N GLN A 133 -12.59 -63.46 5.88
CA GLN A 133 -11.21 -63.61 6.29
C GLN A 133 -10.49 -62.29 6.52
N GLY A 134 -10.92 -61.22 5.85
CA GLY A 134 -10.34 -59.92 6.13
C GLY A 134 -10.48 -58.95 4.97
N PHE A 135 -9.62 -57.93 5.02
CA PHE A 135 -9.75 -56.74 4.20
C PHE A 135 -8.47 -56.46 3.42
N LEU A 136 -8.64 -55.90 2.24
CA LEU A 136 -7.56 -55.36 1.42
C LEU A 136 -7.82 -53.87 1.24
N VAL A 137 -6.89 -53.04 1.71
CA VAL A 137 -7.09 -51.60 1.82
C VAL A 137 -6.15 -50.90 0.85
N PHE A 138 -6.72 -50.16 -0.09
CA PHE A 138 -5.97 -49.47 -1.13
C PHE A 138 -5.98 -47.98 -0.80
N HIS A 139 -4.79 -47.37 -0.79
CA HIS A 139 -4.72 -45.96 -0.41
C HIS A 139 -3.35 -45.38 -0.77
N SER A 140 -3.31 -44.05 -0.85
CA SER A 140 -2.06 -43.33 -1.02
C SER A 140 -1.45 -42.96 0.33
N PHE A 141 -0.11 -42.84 0.35
CA PHE A 141 0.56 -42.31 1.52
C PHE A 141 0.40 -40.79 1.62
N GLY A 142 0.33 -40.11 0.49
CA GLY A 142 0.51 -38.67 0.46
C GLY A 142 -0.73 -37.84 0.65
N GLY A 143 -1.89 -38.36 0.26
CA GLY A 143 -3.11 -37.58 0.34
C GLY A 143 -3.64 -37.48 1.75
N GLY A 144 -4.43 -36.44 1.99
CA GLY A 144 -5.00 -36.25 3.30
C GLY A 144 -5.97 -37.36 3.68
N THR A 145 -6.85 -37.72 2.74
CA THR A 145 -7.78 -38.81 3.02
C THR A 145 -7.03 -40.13 3.05
N GLY A 146 -6.30 -40.44 1.98
CA GLY A 146 -5.54 -41.67 1.88
C GLY A 146 -4.68 -41.97 3.09
N SER A 147 -4.14 -40.94 3.73
CA SER A 147 -3.33 -41.17 4.93
C SER A 147 -4.17 -41.16 6.21
N GLY A 148 -4.80 -40.03 6.52
CA GLY A 148 -5.41 -39.90 7.84
C GLY A 148 -6.63 -40.78 8.00
N PHE A 149 -7.55 -40.75 7.02
CA PHE A 149 -8.75 -41.54 7.19
C PHE A 149 -8.43 -43.02 7.13
N THR A 150 -7.46 -43.41 6.30
CA THR A 150 -7.04 -44.81 6.27
C THR A 150 -6.53 -45.25 7.64
N SER A 151 -5.69 -44.43 8.28
CA SER A 151 -5.20 -44.81 9.61
C SER A 151 -6.34 -44.97 10.60
N LEU A 152 -7.30 -44.03 10.59
CA LEU A 152 -8.46 -44.13 11.48
C LEU A 152 -9.25 -45.40 11.20
N LEU A 153 -9.52 -45.66 9.92
CA LEU A 153 -10.29 -46.84 9.53
C LEU A 153 -9.58 -48.11 9.96
N MET A 154 -8.25 -48.15 9.84
CA MET A 154 -7.52 -49.35 10.24
C MET A 154 -7.64 -49.58 11.75
N GLU A 155 -7.53 -48.52 12.55
CA GLU A 155 -7.74 -48.67 13.98
C GLU A 155 -9.12 -49.24 14.28
N ARG A 156 -10.16 -48.63 13.68
CA ARG A 156 -11.52 -49.11 13.94
C ARG A 156 -11.76 -50.51 13.43
N LEU A 157 -11.12 -50.89 12.32
CA LEU A 157 -11.25 -52.25 11.82
C LEU A 157 -10.58 -53.24 12.75
N SER A 158 -9.44 -52.87 13.33
CA SER A 158 -8.84 -53.71 14.37
C SER A 158 -9.79 -53.88 15.54
N VAL A 159 -10.52 -52.83 15.90
CA VAL A 159 -11.46 -52.94 17.02
C VAL A 159 -12.64 -53.84 16.66
N ASP A 160 -13.28 -53.59 15.52
CA ASP A 160 -14.53 -54.26 15.17
C ASP A 160 -14.35 -55.66 14.58
N TYR A 161 -13.17 -55.96 14.04
CA TYR A 161 -12.88 -57.23 13.35
C TYR A 161 -11.54 -57.77 13.84
N GLY A 162 -11.37 -57.80 15.16
CA GLY A 162 -10.10 -58.18 15.77
C GLY A 162 -9.39 -59.36 15.13
N LYS A 163 -10.13 -60.43 14.84
CA LYS A 163 -9.51 -61.67 14.35
C LYS A 163 -9.26 -61.68 12.84
N LYS A 164 -9.59 -60.60 12.14
CA LYS A 164 -9.49 -60.56 10.68
C LYS A 164 -8.19 -59.94 10.19
N SER A 165 -7.62 -60.55 9.14
CA SER A 165 -6.39 -60.09 8.53
C SER A 165 -6.63 -58.82 7.71
N LYS A 166 -5.65 -57.91 7.73
CA LYS A 166 -5.73 -56.68 6.96
C LYS A 166 -4.45 -56.49 6.16
N LEU A 167 -4.60 -56.40 4.83
CA LEU A 167 -3.49 -56.15 3.92
C LEU A 167 -3.61 -54.76 3.32
N GLU A 168 -2.49 -54.12 3.05
CA GLU A 168 -2.48 -52.81 2.41
C GLU A 168 -1.86 -52.85 1.03
N PHE A 169 -2.41 -52.02 0.13
CA PHE A 169 -1.76 -51.60 -1.09
C PHE A 169 -1.59 -50.09 -1.00
N SER A 170 -0.34 -49.64 -0.83
CA SER A 170 -0.02 -48.27 -0.44
C SER A 170 0.79 -47.60 -1.53
N ILE A 171 0.35 -46.41 -1.94
CA ILE A 171 1.04 -45.64 -2.97
C ILE A 171 2.02 -44.69 -2.29
N TYR A 172 3.32 -44.95 -2.47
CA TYR A 172 4.43 -44.20 -1.91
C TYR A 172 4.67 -42.94 -2.74
N PRO A 173 4.92 -41.79 -2.11
CA PRO A 173 4.87 -40.52 -2.86
C PRO A 173 6.09 -40.36 -3.76
N ALA A 174 5.84 -39.76 -4.93
CA ALA A 174 6.90 -39.45 -5.89
C ALA A 174 6.70 -38.03 -6.40
N PRO A 175 7.73 -37.19 -6.36
CA PRO A 175 7.56 -35.78 -6.80
C PRO A 175 7.15 -35.60 -8.26
N GLN A 176 7.44 -36.55 -9.15
CA GLN A 176 7.08 -36.37 -10.55
C GLN A 176 5.58 -36.33 -10.78
N VAL A 177 4.78 -36.92 -9.88
CA VAL A 177 3.33 -36.93 -10.04
C VAL A 177 2.64 -36.53 -8.74
N SER A 178 3.42 -36.10 -7.75
CA SER A 178 2.84 -35.71 -6.46
C SER A 178 2.19 -34.34 -6.55
N THR A 179 1.23 -34.11 -5.66
CA THR A 179 0.44 -32.89 -5.66
C THR A 179 0.57 -32.09 -4.37
N ALA A 180 1.41 -32.53 -3.42
CA ALA A 180 1.52 -31.87 -2.14
C ALA A 180 2.96 -31.92 -1.63
N VAL A 181 3.42 -30.79 -1.08
CA VAL A 181 4.74 -30.73 -0.47
C VAL A 181 4.81 -31.53 0.83
N VAL A 182 3.69 -31.67 1.53
CA VAL A 182 3.65 -32.25 2.88
C VAL A 182 3.46 -33.77 2.86
N GLU A 183 3.53 -34.36 1.67
CA GLU A 183 3.35 -35.80 1.53
C GLU A 183 4.32 -36.63 2.39
N PRO A 184 5.57 -36.20 2.62
CA PRO A 184 6.39 -36.94 3.60
C PRO A 184 5.79 -36.93 5.01
N TYR A 185 5.27 -35.77 5.45
CA TYR A 185 4.59 -35.72 6.74
C TYR A 185 3.45 -36.72 6.78
N ASN A 186 2.57 -36.68 5.77
CA ASN A 186 1.41 -37.56 5.78
C ASN A 186 1.84 -39.02 5.75
N SER A 187 2.87 -39.35 4.96
CA SER A 187 3.35 -40.72 4.86
C SER A 187 3.81 -41.23 6.22
N ILE A 188 4.65 -40.47 6.91
CA ILE A 188 5.19 -40.96 8.17
C ILE A 188 4.08 -41.03 9.23
N LEU A 189 3.18 -40.05 9.24
CA LEU A 189 2.09 -40.09 10.22
C LEU A 189 1.22 -41.32 10.03
N THR A 190 0.81 -41.60 8.79
CA THR A 190 -0.09 -42.74 8.57
C THR A 190 0.65 -44.06 8.78
N THR A 191 1.94 -44.12 8.46
CA THR A 191 2.69 -45.34 8.70
C THR A 191 2.79 -45.63 10.19
N HIS A 192 3.09 -44.61 10.98
CA HIS A 192 3.14 -44.79 12.43
C HIS A 192 1.80 -45.28 12.97
N THR A 193 0.71 -44.63 12.56
CA THR A 193 -0.57 -45.01 13.15
C THR A 193 -1.06 -46.37 12.64
N THR A 194 -0.69 -46.76 11.42
CA THR A 194 -1.19 -47.99 10.82
C THR A 194 -0.32 -49.21 11.14
N LEU A 195 0.93 -48.99 11.54
CA LEU A 195 1.91 -50.08 11.64
C LEU A 195 1.39 -51.27 12.44
N GLU A 196 0.76 -51.02 13.59
CA GLU A 196 0.25 -52.12 14.41
C GLU A 196 -0.96 -52.81 13.79
N HIS A 197 -1.65 -52.17 12.84
CA HIS A 197 -2.94 -52.66 12.39
C HIS A 197 -2.88 -53.34 11.03
N SER A 198 -1.73 -53.33 10.37
CA SER A 198 -1.59 -53.96 9.07
C SER A 198 -0.73 -55.21 9.22
N ASP A 199 -1.20 -56.32 8.66
CA ASP A 199 -0.46 -57.58 8.72
C ASP A 199 0.51 -57.73 7.57
N CYS A 200 0.29 -57.02 6.46
CA CYS A 200 1.14 -57.09 5.27
C CYS A 200 0.77 -55.93 4.37
N ALA A 201 1.77 -55.15 3.96
CA ALA A 201 1.54 -53.96 3.14
C ALA A 201 2.46 -53.99 1.93
N PHE A 202 1.89 -53.83 0.75
CA PHE A 202 2.64 -53.78 -0.50
C PHE A 202 2.79 -52.33 -0.94
N MET A 203 3.99 -51.79 -0.82
CA MET A 203 4.25 -50.41 -1.22
C MET A 203 4.54 -50.36 -2.71
N VAL A 204 3.94 -49.38 -3.38
CA VAL A 204 4.19 -49.11 -4.79
C VAL A 204 4.67 -47.68 -4.91
N ASP A 205 5.97 -47.49 -5.21
CA ASP A 205 6.52 -46.16 -5.38
C ASP A 205 6.15 -45.64 -6.77
N ASN A 206 5.39 -44.53 -6.80
CA ASN A 206 5.00 -43.93 -8.07
C ASN A 206 6.20 -43.64 -8.96
N GLU A 207 7.37 -43.42 -8.38
CA GLU A 207 8.58 -43.22 -9.17
C GLU A 207 8.90 -44.45 -10.01
N ALA A 208 8.82 -45.63 -9.40
CA ALA A 208 9.12 -46.88 -10.11
C ALA A 208 8.12 -47.12 -11.24
N ILE A 209 6.83 -46.95 -10.96
CA ILE A 209 5.81 -47.14 -11.99
C ILE A 209 6.01 -46.14 -13.13
N TYR A 210 6.25 -44.88 -12.79
CA TYR A 210 6.48 -43.84 -13.79
C TYR A 210 7.64 -44.20 -14.70
N ASP A 211 8.78 -44.58 -14.12
CA ASP A 211 9.95 -44.91 -14.94
C ASP A 211 9.72 -46.19 -15.74
N ILE A 212 9.05 -47.19 -15.16
CA ILE A 212 8.75 -48.40 -15.92
C ILE A 212 7.89 -48.06 -17.12
N CYS A 213 6.89 -47.20 -16.94
CA CYS A 213 6.05 -46.83 -18.08
C CYS A 213 6.87 -46.09 -19.14
N ARG A 214 7.69 -45.13 -18.72
CA ARG A 214 8.50 -44.40 -19.69
C ARG A 214 9.43 -45.33 -20.45
N ARG A 215 10.10 -46.22 -19.75
CA ARG A 215 11.18 -47.01 -20.31
C ARG A 215 10.65 -48.19 -21.13
N ASN A 216 9.72 -48.97 -20.56
CA ASN A 216 9.24 -50.20 -21.18
C ASN A 216 7.97 -50.01 -22.01
N LEU A 217 7.15 -49.00 -21.73
CA LEU A 217 5.94 -48.76 -22.52
C LEU A 217 6.11 -47.58 -23.46
N ASP A 218 7.27 -46.91 -23.40
CA ASP A 218 7.60 -45.80 -24.28
C ASP A 218 6.54 -44.70 -24.22
N ILE A 219 6.00 -44.49 -23.02
CA ILE A 219 5.12 -43.36 -22.75
C ILE A 219 5.98 -42.19 -22.27
N GLU A 220 5.96 -41.10 -23.02
CA GLU A 220 6.83 -39.96 -22.68
C GLU A 220 6.43 -39.34 -21.34
N ARG A 221 5.13 -39.16 -21.11
CA ARG A 221 4.66 -38.53 -19.87
C ARG A 221 3.48 -39.33 -19.37
N PRO A 222 3.73 -40.39 -18.59
CA PRO A 222 2.64 -41.27 -18.13
C PRO A 222 1.62 -40.54 -17.28
N THR A 223 0.37 -40.93 -17.44
CA THR A 223 -0.73 -40.45 -16.62
C THR A 223 -1.12 -41.49 -15.57
N TYR A 224 -2.00 -41.06 -14.67
CA TYR A 224 -2.54 -41.98 -13.67
C TYR A 224 -3.18 -43.21 -14.31
N THR A 225 -3.74 -43.07 -15.51
CA THR A 225 -4.34 -44.23 -16.18
C THR A 225 -3.28 -45.28 -16.52
N ASN A 226 -2.15 -44.84 -17.10
CA ASN A 226 -1.05 -45.75 -17.37
C ASN A 226 -0.56 -46.40 -16.09
N LEU A 227 -0.28 -45.57 -15.08
CA LEU A 227 0.26 -46.08 -13.82
C LEU A 227 -0.71 -47.09 -13.21
N ASN A 228 -2.01 -46.80 -13.23
CA ASN A 228 -3.00 -47.65 -12.59
C ASN A 228 -3.22 -48.94 -13.35
N ARG A 229 -3.12 -48.93 -14.68
CA ARG A 229 -3.20 -50.19 -15.40
C ARG A 229 -2.04 -51.11 -15.03
N LEU A 230 -0.83 -50.55 -14.94
CA LEU A 230 0.31 -51.37 -14.51
C LEU A 230 0.13 -51.86 -13.08
N ILE A 231 -0.25 -50.95 -12.17
CA ILE A 231 -0.43 -51.30 -10.76
C ILE A 231 -1.52 -52.36 -10.62
N SER A 232 -2.57 -52.27 -11.42
CA SER A 232 -3.64 -53.25 -11.35
C SER A 232 -3.17 -54.61 -11.83
N GLN A 233 -2.28 -54.65 -12.83
CA GLN A 233 -1.69 -55.93 -13.20
C GLN A 233 -0.92 -56.55 -12.03
N ILE A 234 -0.14 -55.73 -11.32
CA ILE A 234 0.61 -56.27 -10.18
C ILE A 234 -0.32 -56.71 -9.05
N VAL A 235 -1.33 -55.88 -8.72
CA VAL A 235 -2.30 -56.24 -7.69
C VAL A 235 -3.03 -57.53 -8.04
N SER A 236 -3.40 -57.70 -9.32
CA SER A 236 -4.05 -58.92 -9.75
C SER A 236 -3.12 -60.12 -9.61
N SER A 237 -1.84 -59.96 -9.96
CA SER A 237 -0.89 -61.04 -9.72
C SER A 237 -0.85 -61.42 -8.24
N ILE A 238 -0.99 -60.44 -7.35
CA ILE A 238 -0.90 -60.72 -5.92
C ILE A 238 -2.18 -61.40 -5.41
N THR A 239 -3.36 -61.00 -5.88
CA THR A 239 -4.62 -61.53 -5.40
C THR A 239 -5.16 -62.73 -6.20
N ALA A 240 -4.48 -63.12 -7.28
CA ALA A 240 -4.96 -64.23 -8.09
C ALA A 240 -5.08 -65.51 -7.28
N SER A 241 -4.18 -65.72 -6.32
CA SER A 241 -4.26 -66.93 -5.50
C SER A 241 -5.52 -66.94 -4.63
N LEU A 242 -6.03 -65.76 -4.26
CA LEU A 242 -7.29 -65.70 -3.53
C LEU A 242 -8.48 -65.85 -4.45
N ARG A 243 -8.31 -65.51 -5.73
CA ARG A 243 -9.44 -65.49 -6.66
C ARG A 243 -9.55 -66.74 -7.54
N PHE A 244 -8.52 -67.58 -7.57
CA PHE A 244 -8.49 -68.78 -8.40
C PHE A 244 -8.14 -70.00 -7.57
N ASP A 245 -8.37 -71.16 -8.16
CA ASP A 245 -7.97 -72.41 -7.51
C ASP A 245 -6.45 -72.45 -7.38
N GLY A 246 -5.98 -73.07 -6.31
CA GLY A 246 -4.56 -73.13 -6.07
C GLY A 246 -4.24 -73.43 -4.61
N ALA A 247 -3.00 -73.85 -4.38
CA ALA A 247 -2.54 -74.24 -3.05
C ALA A 247 -1.70 -73.19 -2.32
N LEU A 248 -1.15 -72.19 -3.02
CA LEU A 248 -0.27 -71.20 -2.40
C LEU A 248 -0.96 -69.86 -2.23
N ASN A 249 -0.74 -69.24 -1.07
CA ASN A 249 -1.31 -67.94 -0.71
C ASN A 249 -2.82 -67.92 -0.97
N VAL A 250 -3.53 -68.85 -0.32
CA VAL A 250 -4.94 -69.05 -0.61
C VAL A 250 -5.85 -68.36 0.40
N ASP A 251 -5.29 -67.82 1.47
CA ASP A 251 -6.04 -66.99 2.42
C ASP A 251 -5.10 -65.91 2.92
N LEU A 252 -5.68 -64.79 3.36
CA LEU A 252 -4.88 -63.64 3.78
C LEU A 252 -3.85 -64.03 4.85
N THR A 253 -4.20 -64.97 5.74
CA THR A 253 -3.25 -65.42 6.75
C THR A 253 -1.99 -66.01 6.14
N GLU A 254 -2.12 -66.65 4.97
CA GLU A 254 -0.96 -67.24 4.33
C GLU A 254 0.01 -66.18 3.83
N PHE A 255 -0.48 -64.99 3.44
CA PHE A 255 0.44 -63.92 3.11
C PHE A 255 1.36 -63.59 4.28
N GLN A 256 0.80 -63.47 5.49
CA GLN A 256 1.65 -63.16 6.63
C GLN A 256 2.58 -64.32 6.96
N THR A 257 2.04 -65.54 6.96
CA THR A 257 2.84 -66.72 7.24
C THR A 257 4.03 -66.84 6.30
N ASN A 258 3.81 -66.64 5.00
CA ASN A 258 4.86 -66.85 4.02
C ASN A 258 5.80 -65.66 3.88
N LEU A 259 5.31 -64.42 4.00
CA LEU A 259 6.12 -63.25 3.69
C LEU A 259 6.62 -62.47 4.90
N VAL A 260 6.01 -62.64 6.07
CA VAL A 260 6.32 -61.77 7.20
C VAL A 260 6.68 -62.54 8.47
N PRO A 261 7.95 -62.88 8.69
CA PRO A 261 8.32 -63.51 9.96
C PRO A 261 8.31 -62.54 11.13
N TYR A 262 8.57 -61.25 10.92
CA TYR A 262 8.44 -60.34 12.03
C TYR A 262 7.33 -59.34 11.76
N PRO A 263 6.41 -59.13 12.72
CA PRO A 263 5.23 -58.30 12.46
C PRO A 263 5.51 -56.90 11.94
N ARG A 264 6.53 -56.21 12.45
CA ARG A 264 6.77 -54.84 12.00
C ARG A 264 7.41 -54.79 10.62
N ILE A 265 8.23 -55.78 10.28
CA ILE A 265 8.87 -55.83 8.97
C ILE A 265 7.92 -56.52 8.01
N HIS A 266 6.82 -55.84 7.65
CA HIS A 266 5.75 -56.46 6.87
C HIS A 266 5.52 -55.73 5.55
N PHE A 267 6.60 -55.24 4.94
CA PHE A 267 6.52 -54.53 3.67
C PHE A 267 7.29 -55.31 2.61
N PRO A 268 6.64 -56.25 1.91
CA PRO A 268 7.34 -56.98 0.85
C PRO A 268 7.58 -56.11 -0.37
N LEU A 269 8.73 -56.36 -1.01
CA LEU A 269 9.07 -55.77 -2.29
C LEU A 269 8.53 -56.62 -3.43
N ALA A 270 7.76 -55.99 -4.31
CA ALA A 270 7.22 -56.65 -5.49
C ALA A 270 8.04 -56.29 -6.72
N THR A 271 8.30 -57.29 -7.56
CA THR A 271 8.99 -57.11 -8.82
C THR A 271 8.20 -57.84 -9.89
N TYR A 272 8.00 -57.21 -11.04
CA TYR A 272 7.10 -57.77 -12.04
C TYR A 272 7.76 -57.77 -13.40
N ALA A 273 7.62 -58.87 -14.14
CA ALA A 273 8.13 -58.93 -15.50
C ALA A 273 7.32 -59.94 -16.29
N PRO A 274 7.14 -59.74 -17.61
CA PRO A 274 7.62 -58.63 -18.44
C PRO A 274 6.59 -57.54 -18.67
N VAL A 275 7.09 -56.31 -18.80
CA VAL A 275 6.29 -55.15 -19.17
C VAL A 275 6.67 -54.79 -20.59
N ILE A 276 5.76 -54.98 -21.53
CA ILE A 276 6.04 -54.89 -22.96
C ILE A 276 4.98 -53.99 -23.58
N SER A 277 5.41 -53.14 -24.50
CA SER A 277 4.48 -52.20 -25.13
C SER A 277 3.56 -52.92 -26.11
N ALA A 278 2.29 -52.52 -26.10
CA ALA A 278 1.33 -53.01 -27.09
C ALA A 278 1.64 -52.45 -28.47
N GLU A 279 2.22 -51.24 -28.52
CA GLU A 279 2.58 -50.59 -29.78
C GLU A 279 3.66 -51.37 -30.52
N LYS A 280 4.55 -52.04 -29.79
CA LYS A 280 5.66 -52.79 -30.35
C LYS A 280 5.11 -54.01 -31.07
N ALA A 281 4.99 -53.93 -32.40
CA ALA A 281 4.33 -54.99 -33.16
C ALA A 281 5.13 -56.27 -33.14
N TYR A 282 6.43 -56.19 -33.38
CA TYR A 282 7.28 -57.37 -33.29
C TYR A 282 7.84 -57.44 -31.88
N HIS A 283 7.59 -58.55 -31.21
CA HIS A 283 7.96 -58.73 -29.81
C HIS A 283 8.43 -60.17 -29.64
N GLU A 284 9.56 -60.34 -28.96
CA GLU A 284 10.15 -61.65 -28.70
C GLU A 284 9.66 -62.15 -27.35
N GLN A 285 8.95 -63.28 -27.35
CA GLN A 285 8.38 -63.78 -26.12
C GLN A 285 9.49 -64.27 -25.18
N LEU A 286 9.49 -63.71 -23.97
CA LEU A 286 10.53 -63.97 -22.97
C LEU A 286 10.28 -65.29 -22.26
N SER A 287 11.35 -66.07 -22.09
CA SER A 287 11.27 -67.38 -21.48
C SER A 287 11.13 -67.28 -19.95
N VAL A 288 10.88 -68.44 -19.33
CA VAL A 288 10.80 -68.51 -17.89
C VAL A 288 12.11 -68.05 -17.25
N ALA A 289 13.24 -68.48 -17.80
CA ALA A 289 14.53 -68.08 -17.25
C ALA A 289 14.73 -66.58 -17.35
N GLU A 290 14.38 -66.00 -18.51
CA GLU A 290 14.55 -64.56 -18.69
C GLU A 290 13.68 -63.76 -17.73
N ILE A 291 12.39 -64.12 -17.62
CA ILE A 291 11.53 -63.34 -16.76
C ILE A 291 11.87 -63.54 -15.29
N THR A 292 12.35 -64.73 -14.91
CA THR A 292 12.78 -64.94 -13.53
C THR A 292 14.04 -64.15 -13.23
N ASN A 293 14.97 -64.08 -14.20
CA ASN A 293 16.14 -63.22 -14.03
C ASN A 293 15.72 -61.76 -13.86
N ALA A 294 14.72 -61.31 -14.63
CA ALA A 294 14.28 -59.93 -14.54
C ALA A 294 13.74 -59.57 -13.16
N CYS A 295 13.32 -60.56 -12.37
CA CYS A 295 12.81 -60.29 -11.03
C CYS A 295 13.88 -59.75 -10.09
N PHE A 296 15.16 -59.92 -10.43
CA PHE A 296 16.26 -59.48 -9.58
C PHE A 296 16.95 -58.25 -10.14
N GLU A 297 16.36 -57.61 -11.14
CA GLU A 297 16.85 -56.34 -11.65
C GLU A 297 16.05 -55.20 -11.05
N PRO A 298 16.69 -54.27 -10.31
CA PRO A 298 15.92 -53.19 -9.66
C PRO A 298 15.02 -52.40 -10.62
N ALA A 299 15.38 -52.31 -11.90
CA ALA A 299 14.57 -51.55 -12.85
C ALA A 299 13.14 -52.07 -12.97
N ASN A 300 12.88 -53.30 -12.53
CA ASN A 300 11.56 -53.90 -12.59
C ASN A 300 10.84 -53.91 -11.25
N GLN A 301 11.43 -53.32 -10.21
CA GLN A 301 10.83 -53.37 -8.88
C GLN A 301 9.77 -52.30 -8.68
N MET A 302 8.82 -52.58 -7.79
CA MET A 302 7.79 -51.60 -7.43
C MET A 302 8.37 -50.48 -6.58
N VAL A 303 9.55 -50.69 -5.99
CA VAL A 303 10.27 -49.67 -5.23
C VAL A 303 11.73 -49.77 -5.63
N LYS A 304 12.30 -48.65 -6.08
CA LYS A 304 13.71 -48.62 -6.45
C LYS A 304 14.58 -48.79 -5.22
N CYS A 305 15.42 -49.83 -5.21
CA CYS A 305 16.35 -50.12 -4.13
C CYS A 305 17.21 -51.29 -4.59
N ASP A 306 18.22 -51.63 -3.78
CA ASP A 306 19.22 -52.62 -4.16
C ASP A 306 19.21 -53.79 -3.20
N PRO A 307 18.47 -54.85 -3.52
CA PRO A 307 18.44 -56.03 -2.62
C PRO A 307 19.79 -56.66 -2.40
N ARG A 308 20.75 -56.47 -3.32
CA ARG A 308 22.08 -57.04 -3.13
C ARG A 308 22.73 -56.52 -1.87
N HIS A 309 22.30 -55.36 -1.36
CA HIS A 309 22.85 -54.78 -0.15
C HIS A 309 21.84 -54.84 0.98
N GLY A 310 21.05 -55.92 0.99
CA GLY A 310 20.12 -56.21 2.05
C GLY A 310 20.08 -57.71 2.23
N LYS A 311 19.14 -58.23 3.03
CA LYS A 311 19.00 -59.66 3.21
C LYS A 311 17.55 -60.06 3.04
N TYR A 312 17.35 -61.25 2.50
CA TYR A 312 16.01 -61.79 2.27
C TYR A 312 15.52 -62.53 3.51
N MET A 313 14.21 -62.44 3.74
CA MET A 313 13.54 -63.21 4.77
C MET A 313 12.46 -64.13 4.23
N ALA A 314 12.06 -63.95 2.97
CA ALA A 314 11.02 -64.74 2.34
C ALA A 314 10.97 -64.35 0.87
N CYS A 315 10.64 -65.31 0.02
CA CYS A 315 10.58 -65.05 -1.42
C CYS A 315 9.56 -65.96 -2.09
N CYS A 316 8.55 -65.35 -2.70
CA CYS A 316 7.52 -66.06 -3.44
C CYS A 316 7.59 -65.64 -4.91
N LEU A 317 7.43 -66.62 -5.79
CA LEU A 317 7.35 -66.38 -7.22
C LEU A 317 5.95 -66.77 -7.66
N LEU A 318 5.24 -65.83 -8.29
CA LEU A 318 3.86 -66.01 -8.73
C LEU A 318 3.85 -65.91 -10.26
N TYR A 319 3.83 -67.06 -10.92
CA TYR A 319 3.84 -67.13 -12.37
C TYR A 319 2.41 -67.20 -12.90
N ARG A 320 2.21 -66.60 -14.07
CA ARG A 320 0.98 -66.77 -14.84
C ARG A 320 1.34 -67.06 -16.28
N GLY A 321 0.63 -68.02 -16.87
CA GLY A 321 0.85 -68.39 -18.26
C GLY A 321 1.52 -69.74 -18.44
N ASP A 322 2.26 -69.89 -19.53
CA ASP A 322 2.87 -71.16 -19.93
C ASP A 322 4.16 -71.36 -19.13
N VAL A 323 4.04 -71.97 -17.95
CA VAL A 323 5.14 -72.13 -17.02
C VAL A 323 5.04 -73.49 -16.35
N VAL A 324 6.15 -74.24 -16.32
CA VAL A 324 6.19 -75.50 -15.60
C VAL A 324 7.29 -75.50 -14.54
N PRO A 325 7.12 -76.30 -13.47
CA PRO A 325 8.10 -76.27 -12.36
C PRO A 325 9.53 -76.61 -12.75
N LYS A 326 9.73 -77.52 -13.71
CA LYS A 326 11.09 -77.87 -14.11
C LYS A 326 11.83 -76.65 -14.66
N ASP A 327 11.16 -75.87 -15.51
CA ASP A 327 11.78 -74.66 -16.03
C ASP A 327 11.97 -73.63 -14.92
N VAL A 328 11.02 -73.54 -13.98
CA VAL A 328 11.21 -72.63 -12.85
C VAL A 328 12.48 -72.98 -12.09
N ASN A 329 12.66 -74.27 -11.77
CA ASN A 329 13.80 -74.70 -10.99
C ASN A 329 15.11 -74.50 -11.75
N ALA A 330 15.11 -74.78 -13.06
CA ALA A 330 16.30 -74.52 -13.87
C ALA A 330 16.70 -73.05 -13.80
N ALA A 331 15.71 -72.16 -13.98
CA ALA A 331 15.99 -70.73 -13.95
C ALA A 331 16.54 -70.31 -12.59
N ILE A 332 15.96 -70.84 -11.52
CA ILE A 332 16.43 -70.49 -10.17
C ILE A 332 17.87 -70.95 -9.96
N ALA A 333 18.20 -72.16 -10.40
CA ALA A 333 19.58 -72.63 -10.28
C ALA A 333 20.54 -71.69 -11.00
N THR A 334 20.24 -71.39 -12.27
CA THR A 334 21.09 -70.49 -13.04
C THR A 334 21.26 -69.15 -12.32
N ILE A 335 20.15 -68.58 -11.85
CA ILE A 335 20.21 -67.25 -11.23
C ILE A 335 21.02 -67.29 -9.95
N LYS A 336 20.85 -68.36 -9.16
CA LYS A 336 21.59 -68.45 -7.91
C LYS A 336 23.09 -68.49 -8.17
N THR A 337 23.51 -69.22 -9.21
CA THR A 337 24.94 -69.23 -9.49
C THR A 337 25.48 -67.90 -10.01
N LYS A 338 24.65 -66.87 -10.21
CA LYS A 338 25.11 -65.62 -10.79
C LYS A 338 24.74 -64.34 -10.04
N ARG A 339 23.90 -64.40 -9.02
CA ARG A 339 23.43 -63.18 -8.36
C ARG A 339 23.67 -63.23 -6.87
N SER A 340 23.63 -62.04 -6.26
CA SER A 340 23.83 -61.84 -4.82
C SER A 340 22.49 -61.98 -4.12
N ILE A 341 22.13 -63.22 -3.79
CA ILE A 341 20.88 -63.53 -3.11
C ILE A 341 21.25 -64.08 -1.75
N GLN A 342 21.29 -63.20 -0.75
CA GLN A 342 21.67 -63.56 0.61
C GLN A 342 20.44 -63.50 1.51
N PHE A 343 20.14 -64.62 2.15
CA PHE A 343 19.09 -64.69 3.14
C PHE A 343 19.66 -64.45 4.53
N VAL A 344 18.80 -63.99 5.44
CA VAL A 344 19.13 -64.07 6.84
C VAL A 344 19.36 -65.54 7.20
N ASP A 345 20.26 -65.78 8.15
CA ASP A 345 20.75 -67.14 8.40
C ASP A 345 19.79 -67.97 9.27
N TRP A 346 18.77 -67.36 9.85
CA TRP A 346 17.75 -68.05 10.62
C TRP A 346 16.52 -68.36 9.77
N CYS A 347 16.66 -68.25 8.45
CA CYS A 347 15.62 -68.48 7.46
C CYS A 347 16.19 -69.41 6.40
N PRO A 348 15.36 -70.28 5.83
CA PRO A 348 15.82 -71.12 4.72
C PRO A 348 16.00 -70.31 3.46
N THR A 349 17.00 -70.68 2.66
CA THR A 349 17.23 -70.01 1.39
C THR A 349 16.37 -70.75 0.38
N GLY A 350 15.13 -70.29 0.23
CA GLY A 350 14.22 -71.00 -0.65
C GLY A 350 13.18 -70.08 -1.27
N PHE A 351 12.58 -70.58 -2.34
CA PHE A 351 11.49 -69.89 -3.03
C PHE A 351 10.20 -70.68 -2.91
N LYS A 352 9.12 -70.01 -2.51
CA LYS A 352 7.79 -70.59 -2.58
C LYS A 352 7.20 -70.18 -3.93
N VAL A 353 6.77 -71.15 -4.73
CA VAL A 353 6.39 -70.91 -6.10
C VAL A 353 4.94 -71.31 -6.31
N GLY A 354 4.20 -70.46 -7.00
CA GLY A 354 2.88 -70.81 -7.50
C GLY A 354 2.79 -70.45 -8.97
N ILE A 355 2.05 -71.28 -9.71
CA ILE A 355 1.87 -71.10 -11.15
C ILE A 355 0.38 -71.18 -11.43
N ASN A 356 -0.16 -70.11 -12.01
CA ASN A 356 -1.51 -70.11 -12.58
C ASN A 356 -1.36 -70.19 -14.09
N TYR A 357 -2.05 -71.16 -14.71
CA TYR A 357 -1.84 -71.41 -16.13
C TYR A 357 -2.39 -70.30 -17.01
N GLN A 358 -3.37 -69.56 -16.50
CA GLN A 358 -3.98 -68.50 -17.31
C GLN A 358 -3.00 -67.34 -17.46
N PRO A 359 -2.60 -66.99 -18.68
CA PRO A 359 -1.64 -65.91 -18.86
C PRO A 359 -2.28 -64.59 -18.47
N PRO A 360 -1.49 -63.56 -18.18
CA PRO A 360 -2.09 -62.30 -17.72
C PRO A 360 -3.09 -61.77 -18.73
N THR A 361 -4.13 -61.12 -18.22
CA THR A 361 -5.10 -60.46 -19.06
C THR A 361 -4.72 -59.00 -19.11
N VAL A 362 -4.94 -58.38 -20.27
CA VAL A 362 -4.68 -56.97 -20.46
C VAL A 362 -5.96 -56.31 -20.93
N VAL A 363 -6.11 -55.05 -20.56
CA VAL A 363 -7.32 -54.31 -20.96
C VAL A 363 -7.25 -54.04 -22.46
N PRO A 364 -8.30 -54.35 -23.22
CA PRO A 364 -8.31 -54.00 -24.64
C PRO A 364 -8.08 -52.51 -24.82
N GLY A 365 -7.29 -52.16 -25.83
CA GLY A 365 -6.94 -50.76 -26.04
C GLY A 365 -6.05 -50.20 -24.95
N GLY A 366 -5.30 -51.04 -24.27
CA GLY A 366 -4.37 -50.61 -23.25
C GLY A 366 -2.95 -50.46 -23.79
N ASP A 367 -2.04 -50.17 -22.86
CA ASP A 367 -0.64 -49.99 -23.21
C ASP A 367 0.17 -51.26 -23.07
N LEU A 368 -0.32 -52.22 -22.28
CA LEU A 368 0.42 -53.46 -22.05
C LEU A 368 0.17 -54.46 -23.17
N ALA A 369 1.24 -55.08 -23.65
CA ALA A 369 1.12 -56.16 -24.61
C ALA A 369 0.71 -57.46 -23.92
N LYS A 370 -0.04 -58.28 -24.64
CA LYS A 370 -0.36 -59.62 -24.17
C LYS A 370 0.85 -60.53 -24.30
N VAL A 371 1.26 -61.14 -23.19
CA VAL A 371 2.43 -62.00 -23.16
C VAL A 371 1.98 -63.41 -22.84
N GLN A 372 2.85 -64.37 -23.17
CA GLN A 372 2.57 -65.78 -22.96
C GLN A 372 2.83 -66.21 -21.52
N ARG A 373 3.67 -65.48 -20.80
CA ARG A 373 4.00 -65.81 -19.42
C ARG A 373 4.54 -64.57 -18.73
N ALA A 374 4.24 -64.45 -17.45
CA ALA A 374 4.71 -63.35 -16.62
C ALA A 374 4.91 -63.86 -15.21
N VAL A 375 5.58 -63.06 -14.39
CA VAL A 375 5.90 -63.43 -13.02
C VAL A 375 5.92 -62.18 -12.16
N CYS A 376 5.40 -62.31 -10.95
CA CYS A 376 5.52 -61.32 -9.88
C CYS A 376 6.23 -61.98 -8.72
N MET A 377 7.39 -61.44 -8.34
CA MET A 377 8.12 -61.91 -7.18
C MET A 377 7.81 -61.01 -6.00
N LEU A 378 7.40 -61.62 -4.89
CA LEU A 378 7.22 -60.91 -3.63
C LEU A 378 8.34 -61.39 -2.72
N SER A 379 9.30 -60.51 -2.43
CA SER A 379 10.40 -60.86 -1.54
C SER A 379 10.43 -59.86 -0.40
N ASN A 380 10.61 -60.35 0.82
CA ASN A 380 10.74 -59.47 1.97
C ASN A 380 12.23 -59.26 2.22
N THR A 381 12.73 -58.13 1.75
CA THR A 381 14.14 -57.79 1.80
C THR A 381 14.31 -56.50 2.59
N THR A 382 15.39 -56.44 3.38
CA THR A 382 15.67 -55.26 4.18
C THR A 382 15.99 -54.05 3.30
N ALA A 383 16.32 -54.27 2.03
CA ALA A 383 16.66 -53.16 1.14
C ALA A 383 15.52 -52.17 0.95
N ILE A 384 14.28 -52.61 1.16
CA ILE A 384 13.13 -51.72 1.00
C ILE A 384 13.19 -50.57 2.00
N ALA A 385 13.96 -50.73 3.08
CA ALA A 385 14.12 -49.66 4.07
C ALA A 385 14.78 -48.42 3.48
N GLU A 386 15.42 -48.54 2.32
CA GLU A 386 15.92 -47.35 1.64
C GLU A 386 14.82 -46.32 1.43
N ALA A 387 13.60 -46.78 1.11
CA ALA A 387 12.48 -45.86 0.92
C ALA A 387 12.11 -45.16 2.23
N TRP A 388 12.12 -45.90 3.34
CA TRP A 388 11.88 -45.28 4.64
C TRP A 388 12.96 -44.24 4.94
N ALA A 389 14.21 -44.56 4.61
CA ALA A 389 15.30 -43.60 4.84
C ALA A 389 15.07 -42.31 4.06
N ARG A 390 14.70 -42.45 2.79
CA ARG A 390 14.42 -41.29 1.94
C ARG A 390 13.30 -40.44 2.55
N LEU A 391 12.20 -41.10 2.91
CA LEU A 391 11.04 -40.40 3.46
C LEU A 391 11.38 -39.70 4.77
N ASP A 392 12.09 -40.40 5.65
CA ASP A 392 12.47 -39.83 6.95
C ASP A 392 13.41 -38.65 6.78
N HIS A 393 14.31 -38.70 5.78
CA HIS A 393 15.18 -37.56 5.55
C HIS A 393 14.39 -36.33 5.12
N LYS A 394 13.43 -36.51 4.21
CA LYS A 394 12.61 -35.36 3.81
C LYS A 394 11.80 -34.83 5.00
N PHE A 395 11.22 -35.75 5.77
CA PHE A 395 10.51 -35.39 7.00
C PHE A 395 11.39 -34.54 7.91
N ASP A 396 12.62 -35.01 8.17
CA ASP A 396 13.50 -34.29 9.08
C ASP A 396 13.81 -32.90 8.55
N LEU A 397 14.06 -32.81 7.23
CA LEU A 397 14.37 -31.51 6.64
C LEU A 397 13.23 -30.52 6.86
N MET A 398 11.99 -30.94 6.64
CA MET A 398 10.89 -29.98 6.84
C MET A 398 10.62 -29.73 8.32
N TYR A 399 10.70 -30.77 9.15
CA TYR A 399 10.29 -30.64 10.55
C TYR A 399 11.29 -29.88 11.39
N ALA A 400 12.57 -29.83 10.99
CA ALA A 400 13.54 -29.04 11.74
C ALA A 400 13.13 -27.56 11.81
N LYS A 401 12.39 -27.08 10.82
CA LYS A 401 11.90 -25.71 10.78
C LYS A 401 10.42 -25.59 11.13
N ARG A 402 9.77 -26.70 11.50
CA ARG A 402 8.33 -26.73 11.75
C ARG A 402 7.53 -26.24 10.55
N ALA A 403 8.09 -26.38 9.35
CA ALA A 403 7.39 -25.95 8.14
C ALA A 403 6.09 -26.73 7.99
N PHE A 404 5.00 -26.01 7.75
CA PHE A 404 3.65 -26.53 7.49
C PHE A 404 3.02 -27.19 8.71
N VAL A 405 3.69 -27.20 9.88
CA VAL A 405 3.17 -27.91 11.04
C VAL A 405 1.89 -27.25 11.55
N HIS A 406 1.76 -25.94 11.35
CA HIS A 406 0.57 -25.22 11.81
C HIS A 406 -0.70 -25.72 11.12
N TRP A 407 -0.59 -26.21 9.89
CA TRP A 407 -1.76 -26.78 9.23
C TRP A 407 -2.27 -28.01 9.96
N TYR A 408 -1.37 -28.78 10.57
CA TYR A 408 -1.76 -29.99 11.28
C TYR A 408 -2.26 -29.65 12.68
N VAL A 409 -1.53 -28.78 13.39
CA VAL A 409 -1.99 -28.33 14.71
C VAL A 409 -3.37 -27.68 14.61
N GLY A 410 -3.61 -26.91 13.56
CA GLY A 410 -4.88 -26.25 13.34
C GLY A 410 -6.07 -27.18 13.24
N GLU A 411 -5.84 -28.47 12.96
CA GLU A 411 -6.92 -29.44 12.87
C GLU A 411 -7.10 -30.24 14.15
N GLY A 412 -6.39 -29.88 15.22
CA GLY A 412 -6.56 -30.52 16.50
C GLY A 412 -5.48 -31.53 16.84
N MET A 413 -4.52 -31.74 15.95
CA MET A 413 -3.39 -32.60 16.25
C MET A 413 -2.40 -31.86 17.12
N GLU A 414 -1.61 -32.60 17.89
CA GLU A 414 -0.57 -32.01 18.70
C GLU A 414 0.78 -32.21 18.02
N GLU A 415 1.68 -31.26 18.24
CA GLU A 415 3.01 -31.34 17.63
C GLU A 415 3.76 -32.60 18.07
N GLY A 416 3.45 -33.11 19.26
CA GLY A 416 4.12 -34.29 19.75
C GLY A 416 3.90 -35.51 18.87
N GLU A 417 2.78 -35.55 18.15
CA GLU A 417 2.50 -36.69 17.28
C GLU A 417 3.53 -36.78 16.15
N PHE A 418 4.02 -35.64 15.66
CA PHE A 418 5.06 -35.65 14.63
C PHE A 418 6.31 -36.38 15.14
N SER A 419 6.80 -35.99 16.31
CA SER A 419 8.04 -36.57 16.82
C SER A 419 7.83 -38.01 17.25
N GLU A 420 6.65 -38.34 17.75
CA GLU A 420 6.35 -39.71 18.14
C GLU A 420 6.34 -40.63 16.91
N ALA A 421 5.70 -40.18 15.82
CA ALA A 421 5.70 -40.94 14.59
C ALA A 421 7.11 -41.07 14.02
N ARG A 422 7.88 -39.98 14.07
CA ARG A 422 9.24 -40.01 13.53
C ARG A 422 10.12 -40.96 14.34
N GLU A 423 9.95 -41.01 15.66
CA GLU A 423 10.74 -41.94 16.46
C GLU A 423 10.33 -43.38 16.18
N ASP A 424 9.05 -43.62 15.92
CA ASP A 424 8.64 -44.96 15.50
C ASP A 424 9.31 -45.33 14.17
N MET A 425 9.38 -44.37 13.24
CA MET A 425 10.07 -44.62 11.97
C MET A 425 11.56 -44.89 12.18
N ALA A 426 12.18 -44.18 13.13
CA ALA A 426 13.60 -44.42 13.41
C ALA A 426 13.81 -45.82 13.97
N ALA A 427 12.90 -46.27 14.85
CA ALA A 427 12.99 -47.62 15.37
C ALA A 427 12.79 -48.65 14.26
N LEU A 428 11.91 -48.34 13.29
CA LEU A 428 11.72 -49.24 12.16
C LEU A 428 12.99 -49.36 11.32
N GLU A 429 13.62 -48.22 11.00
CA GLU A 429 14.87 -48.27 10.25
C GLU A 429 15.93 -49.05 11.01
N LYS A 430 15.96 -48.90 12.34
CA LYS A 430 16.93 -49.63 13.14
C LYS A 430 16.65 -51.14 13.11
N ASP A 431 15.37 -51.53 13.16
CA ASP A 431 15.02 -52.94 13.00
C ASP A 431 15.53 -53.49 11.68
N TYR A 432 15.35 -52.72 10.60
CA TYR A 432 15.82 -53.18 9.30
C TYR A 432 17.34 -53.30 9.27
N GLU A 433 18.03 -52.36 9.92
CA GLU A 433 19.49 -52.44 9.99
C GLU A 433 19.93 -53.68 10.74
N GLU A 434 19.29 -53.97 11.88
CA GLU A 434 19.70 -55.13 12.67
C GLU A 434 19.48 -56.41 11.89
N VAL A 435 18.33 -56.55 11.26
CA VAL A 435 18.05 -57.80 10.54
C VAL A 435 18.92 -57.92 9.29
N GLY A 436 19.23 -56.81 8.62
CA GLY A 436 19.92 -56.90 7.35
C GLY A 436 21.41 -56.68 7.24
N VAL A 437 22.05 -55.94 8.14
CA VAL A 437 23.45 -55.58 7.96
C VAL A 437 24.33 -56.25 9.01
N ASP A 438 25.46 -56.77 8.55
CA ASP A 438 26.57 -57.27 9.34
C ASP A 438 27.44 -56.13 9.83
N SER A 439 28.24 -56.41 10.87
CA SER A 439 29.14 -55.39 11.40
C SER A 439 30.28 -55.10 10.41
N MET B 1 -15.44 -28.74 -1.35
CA MET B 1 -14.62 -27.68 -1.92
C MET B 1 -15.08 -27.38 -3.35
N ARG B 2 -15.98 -26.41 -3.46
CA ARG B 2 -16.64 -26.13 -4.72
C ARG B 2 -16.74 -24.63 -4.99
N GLU B 3 -17.71 -23.97 -4.35
CA GLU B 3 -18.01 -22.58 -4.65
C GLU B 3 -17.04 -21.61 -3.98
N ILE B 4 -16.65 -20.58 -4.73
CA ILE B 4 -15.90 -19.43 -4.22
C ILE B 4 -16.80 -18.21 -4.32
N VAL B 5 -16.77 -17.37 -3.28
CA VAL B 5 -17.49 -16.10 -3.29
C VAL B 5 -16.50 -14.98 -3.55
N HIS B 6 -16.80 -14.15 -4.54
CA HIS B 6 -15.90 -13.08 -4.96
C HIS B 6 -16.45 -11.73 -4.49
N ILE B 7 -15.55 -10.91 -3.96
CA ILE B 7 -15.87 -9.56 -3.48
C ILE B 7 -14.86 -8.60 -4.07
N GLN B 8 -15.33 -7.48 -4.60
CA GLN B 8 -14.47 -6.43 -5.12
C GLN B 8 -14.85 -5.11 -4.47
N ALA B 9 -13.86 -4.44 -3.88
CA ALA B 9 -14.14 -3.27 -3.04
C ALA B 9 -13.31 -2.08 -3.49
N GLY B 10 -13.96 -0.91 -3.60
CA GLY B 10 -13.28 0.31 -3.97
C GLY B 10 -13.11 0.47 -5.47
N GLN B 11 -12.48 1.59 -5.84
CA GLN B 11 -12.30 1.91 -7.26
C GLN B 11 -11.40 0.90 -7.95
N CYS B 12 -10.15 0.77 -7.46
CA CYS B 12 -9.24 -0.22 -8.01
C CYS B 12 -9.82 -1.63 -7.95
N GLY B 13 -10.37 -1.99 -6.79
CA GLY B 13 -10.93 -3.32 -6.64
C GLY B 13 -12.00 -3.61 -7.67
N ASN B 14 -12.91 -2.67 -7.88
CA ASN B 14 -14.01 -2.91 -8.81
C ASN B 14 -13.55 -2.89 -10.26
N GLN B 15 -12.58 -2.03 -10.60
CA GLN B 15 -12.12 -2.01 -11.98
C GLN B 15 -11.36 -3.30 -12.35
N ILE B 16 -10.44 -3.73 -11.48
CA ILE B 16 -9.72 -4.96 -11.80
C ILE B 16 -10.65 -6.17 -11.69
N GLY B 17 -11.64 -6.13 -10.79
CA GLY B 17 -12.61 -7.21 -10.71
C GLY B 17 -13.48 -7.31 -11.96
N ALA B 18 -13.94 -6.17 -12.47
CA ALA B 18 -14.73 -6.18 -13.69
C ALA B 18 -13.92 -6.74 -14.86
N LYS B 19 -12.64 -6.34 -14.95
CA LYS B 19 -11.81 -6.89 -16.02
C LYS B 19 -11.59 -8.39 -15.83
N PHE B 20 -11.39 -8.84 -14.58
CA PHE B 20 -11.24 -10.26 -14.30
C PHE B 20 -12.46 -11.06 -14.73
N TRP B 21 -13.65 -10.54 -14.40
CA TRP B 21 -14.87 -11.25 -14.77
C TRP B 21 -15.06 -11.28 -16.28
N GLU B 22 -14.74 -10.18 -16.97
CA GLU B 22 -14.78 -10.20 -18.42
C GLU B 22 -13.88 -11.29 -18.98
N VAL B 23 -12.65 -11.38 -18.47
CA VAL B 23 -11.67 -12.32 -19.01
C VAL B 23 -12.12 -13.76 -18.79
N ILE B 24 -12.51 -14.09 -17.56
CA ILE B 24 -12.85 -15.49 -17.31
C ILE B 24 -14.21 -15.85 -17.87
N SER B 25 -15.11 -14.87 -18.07
CA SER B 25 -16.35 -15.15 -18.77
C SER B 25 -16.09 -15.49 -20.23
N ASP B 26 -15.17 -14.78 -20.87
CA ASP B 26 -14.76 -15.17 -22.21
C ASP B 26 -14.14 -16.57 -22.21
N GLU B 27 -13.26 -16.83 -21.24
CA GLU B 27 -12.58 -18.12 -21.20
C GLU B 27 -13.58 -19.26 -21.03
N HIS B 28 -14.63 -19.05 -20.24
CA HIS B 28 -15.65 -20.06 -20.02
C HIS B 28 -16.80 -19.99 -21.01
N GLY B 29 -16.70 -19.13 -22.03
CA GLY B 29 -17.72 -19.06 -23.06
C GLY B 29 -19.02 -18.41 -22.64
N ILE B 30 -19.00 -17.57 -21.62
CA ILE B 30 -20.20 -16.87 -21.16
C ILE B 30 -20.22 -15.49 -21.81
N ASP B 31 -21.33 -15.15 -22.45
CA ASP B 31 -21.49 -13.85 -23.09
C ASP B 31 -22.01 -12.84 -22.08
N PRO B 32 -22.05 -11.55 -22.43
CA PRO B 32 -22.47 -10.54 -21.45
C PRO B 32 -23.89 -10.71 -20.92
N THR B 33 -24.71 -11.55 -21.53
CA THR B 33 -26.06 -11.79 -21.04
C THR B 33 -26.14 -12.98 -20.09
N GLY B 34 -25.03 -13.66 -19.84
CA GLY B 34 -25.01 -14.83 -18.99
C GLY B 34 -25.25 -16.14 -19.71
N SER B 35 -25.37 -16.12 -21.03
CA SER B 35 -25.62 -17.32 -21.81
C SER B 35 -24.30 -17.95 -22.22
N TYR B 36 -24.26 -19.28 -22.23
CA TYR B 36 -23.07 -20.02 -22.61
C TYR B 36 -23.07 -20.27 -24.11
N HIS B 37 -21.93 -19.99 -24.75
CA HIS B 37 -21.79 -20.22 -26.19
C HIS B 37 -20.42 -20.81 -26.53
N GLY B 38 -19.87 -21.63 -25.63
CA GLY B 38 -18.60 -22.27 -25.90
C GLY B 38 -18.78 -23.55 -26.70
N ASP B 39 -17.65 -24.23 -26.91
CA ASP B 39 -17.62 -25.42 -27.75
C ASP B 39 -16.93 -26.60 -27.07
N SER B 40 -16.59 -26.47 -25.79
CA SER B 40 -15.86 -27.51 -25.08
C SER B 40 -16.44 -27.65 -23.68
N ASP B 41 -16.77 -28.89 -23.29
CA ASP B 41 -17.31 -29.13 -21.96
C ASP B 41 -16.31 -28.80 -20.86
N LEU B 42 -15.00 -28.73 -21.19
CA LEU B 42 -14.02 -28.25 -20.22
C LEU B 42 -14.38 -26.88 -19.70
N GLN B 43 -15.12 -26.08 -20.49
CA GLN B 43 -15.52 -24.76 -20.05
C GLN B 43 -16.56 -24.82 -18.95
N LEU B 44 -17.40 -25.86 -18.93
CA LEU B 44 -18.52 -25.93 -18.00
C LEU B 44 -18.28 -26.85 -16.82
N GLU B 45 -17.21 -27.66 -16.85
CA GLU B 45 -17.05 -28.71 -15.85
C GLU B 45 -16.95 -28.15 -14.44
N ARG B 46 -16.25 -27.03 -14.26
CA ARG B 46 -16.10 -26.41 -12.96
C ARG B 46 -16.65 -24.99 -12.93
N ILE B 47 -17.58 -24.69 -13.84
CA ILE B 47 -18.18 -23.36 -13.94
C ILE B 47 -18.82 -22.93 -12.63
N ASN B 48 -19.25 -23.89 -11.81
CA ASN B 48 -19.92 -23.57 -10.57
C ASN B 48 -18.98 -23.02 -9.51
N VAL B 49 -17.66 -23.09 -9.73
CA VAL B 49 -16.72 -22.51 -8.77
C VAL B 49 -16.95 -21.01 -8.67
N TYR B 50 -17.18 -20.35 -9.80
CA TYR B 50 -17.34 -18.90 -9.84
C TYR B 50 -18.72 -18.42 -10.27
N TYR B 51 -19.55 -19.29 -10.85
CA TYR B 51 -20.86 -18.90 -11.36
C TYR B 51 -21.98 -19.72 -10.72
N ASN B 52 -23.07 -19.03 -10.37
CA ASN B 52 -24.34 -19.66 -10.10
C ASN B 52 -25.07 -19.92 -11.42
N GLU B 53 -25.90 -20.95 -11.44
CA GLU B 53 -26.76 -21.21 -12.59
C GLU B 53 -28.17 -20.72 -12.27
N ALA B 54 -28.73 -19.95 -13.18
CA ALA B 54 -30.01 -19.28 -12.99
C ALA B 54 -31.06 -19.86 -13.93
N THR B 55 -32.25 -19.26 -13.90
CA THR B 55 -33.37 -19.77 -14.68
C THR B 55 -33.00 -19.84 -16.15
N GLY B 56 -33.33 -20.97 -16.77
CA GLY B 56 -32.86 -21.24 -18.11
C GLY B 56 -31.44 -21.79 -18.05
N ASN B 57 -30.56 -21.26 -18.88
CA ASN B 57 -29.16 -21.66 -18.90
C ASN B 57 -28.27 -20.44 -18.66
N LYS B 58 -28.72 -19.55 -17.78
CA LYS B 58 -27.96 -18.35 -17.45
C LYS B 58 -26.95 -18.64 -16.34
N TYR B 59 -25.77 -18.06 -16.48
CA TYR B 59 -24.71 -18.18 -15.48
C TYR B 59 -24.43 -16.78 -14.94
N VAL B 60 -24.52 -16.63 -13.62
CA VAL B 60 -24.41 -15.34 -12.95
C VAL B 60 -23.19 -15.40 -12.02
N PRO B 61 -22.22 -14.52 -12.18
CA PRO B 61 -21.05 -14.54 -11.29
C PRO B 61 -21.43 -14.47 -9.83
N ARG B 62 -20.78 -15.31 -9.02
CA ARG B 62 -20.94 -15.26 -7.56
C ARG B 62 -20.06 -14.12 -7.03
N ALA B 63 -20.47 -12.90 -7.37
CA ALA B 63 -19.65 -11.71 -7.22
C ALA B 63 -20.44 -10.64 -6.49
N ILE B 64 -19.77 -9.94 -5.57
CA ILE B 64 -20.38 -8.88 -4.79
C ILE B 64 -19.55 -7.61 -5.00
N LEU B 65 -20.21 -6.53 -5.38
CA LEU B 65 -19.56 -5.28 -5.75
C LEU B 65 -19.83 -4.24 -4.66
N VAL B 66 -18.76 -3.72 -4.08
CA VAL B 66 -18.83 -2.83 -2.92
C VAL B 66 -18.04 -1.57 -3.20
N ASP B 67 -18.62 -0.42 -2.84
CA ASP B 67 -17.90 0.85 -2.85
C ASP B 67 -18.65 1.84 -1.97
N LEU B 68 -17.92 2.85 -1.48
CA LEU B 68 -18.54 3.89 -0.67
C LEU B 68 -18.97 5.11 -1.48
N GLU B 69 -18.76 5.09 -2.80
CA GLU B 69 -19.30 6.08 -3.71
C GLU B 69 -19.77 5.35 -4.96
N PRO B 70 -20.78 5.86 -5.65
CA PRO B 70 -21.39 5.08 -6.74
C PRO B 70 -20.63 5.10 -8.07
N GLY B 71 -19.81 6.11 -8.33
CA GLY B 71 -19.18 6.29 -9.64
C GLY B 71 -18.61 5.07 -10.34
N THR B 72 -17.65 4.40 -9.68
CA THR B 72 -16.98 3.28 -10.34
C THR B 72 -17.94 2.12 -10.57
N MET B 73 -18.91 1.93 -9.69
CA MET B 73 -19.87 0.85 -9.89
C MET B 73 -20.89 1.19 -10.97
N ASP B 74 -21.23 2.47 -11.13
CA ASP B 74 -22.01 2.87 -12.31
C ASP B 74 -21.23 2.58 -13.57
N SER B 75 -19.92 2.84 -13.56
CA SER B 75 -19.12 2.55 -14.74
C SER B 75 -19.03 1.05 -15.01
N VAL B 76 -18.98 0.24 -13.95
CA VAL B 76 -19.04 -1.22 -14.12
C VAL B 76 -20.38 -1.62 -14.73
N ARG B 77 -21.47 -1.10 -14.17
CA ARG B 77 -22.81 -1.45 -14.65
C ARG B 77 -23.00 -1.02 -16.09
N SER B 78 -22.27 0.00 -16.54
CA SER B 78 -22.32 0.41 -17.94
C SER B 78 -21.24 -0.25 -18.79
N GLY B 79 -20.30 -0.97 -18.17
CA GLY B 79 -19.24 -1.64 -18.88
C GLY B 79 -19.72 -2.75 -19.82
N PRO B 80 -18.77 -3.36 -20.55
CA PRO B 80 -19.15 -4.41 -21.50
C PRO B 80 -19.95 -5.56 -20.89
N PHE B 81 -19.45 -6.15 -19.80
CA PHE B 81 -20.14 -7.24 -19.13
C PHE B 81 -20.99 -6.77 -17.95
N GLY B 82 -21.34 -5.48 -17.92
CA GLY B 82 -21.99 -4.93 -16.74
C GLY B 82 -23.31 -5.59 -16.41
N GLN B 83 -24.05 -6.01 -17.43
CA GLN B 83 -25.36 -6.61 -17.18
C GLN B 83 -25.27 -8.05 -16.66
N ILE B 84 -24.07 -8.64 -16.62
CA ILE B 84 -23.97 -10.03 -16.16
C ILE B 84 -24.08 -10.15 -14.65
N PHE B 85 -23.75 -9.10 -13.91
CA PHE B 85 -23.75 -9.19 -12.45
C PHE B 85 -25.16 -9.17 -11.90
N ARG B 86 -25.33 -9.81 -10.75
CA ARG B 86 -26.63 -9.85 -10.09
C ARG B 86 -26.94 -8.47 -9.54
N PRO B 87 -28.04 -7.83 -9.96
CA PRO B 87 -28.31 -6.45 -9.53
C PRO B 87 -28.30 -6.25 -8.02
N ASP B 88 -28.84 -7.21 -7.26
CA ASP B 88 -28.86 -7.11 -5.81
C ASP B 88 -27.48 -7.17 -5.19
N ASN B 89 -26.46 -7.58 -5.92
CA ASN B 89 -25.10 -7.69 -5.39
C ASN B 89 -24.30 -6.39 -5.53
N PHE B 90 -24.94 -5.31 -5.97
CA PHE B 90 -24.33 -3.98 -5.95
C PHE B 90 -24.66 -3.33 -4.62
N VAL B 91 -23.65 -3.08 -3.80
CA VAL B 91 -23.81 -2.50 -2.47
C VAL B 91 -22.92 -1.27 -2.41
N PHE B 92 -23.52 -0.07 -2.46
CA PHE B 92 -22.76 1.16 -2.51
C PHE B 92 -23.37 2.23 -1.62
N GLY B 93 -22.50 3.12 -1.12
CA GLY B 93 -22.90 4.32 -0.46
C GLY B 93 -22.65 5.56 -1.31
N GLN B 94 -22.82 6.72 -0.69
CA GLN B 94 -22.67 7.99 -1.37
C GLN B 94 -21.53 8.86 -0.86
N SER B 95 -21.14 8.71 0.41
CA SER B 95 -20.19 9.63 1.02
C SER B 95 -18.79 9.51 0.40
N GLY B 96 -18.38 8.28 0.06
CA GLY B 96 -17.02 8.02 -0.32
C GLY B 96 -16.11 7.90 0.90
N ALA B 97 -14.86 7.50 0.65
CA ALA B 97 -13.91 7.29 1.73
C ALA B 97 -12.72 8.23 1.69
N GLY B 98 -12.63 9.08 0.67
CA GLY B 98 -11.58 10.10 0.62
C GLY B 98 -10.17 9.59 0.81
N ASN B 99 -9.86 8.42 0.25
CA ASN B 99 -8.53 7.82 0.36
C ASN B 99 -8.08 7.73 1.82
N ASN B 100 -9.02 7.42 2.71
CA ASN B 100 -8.76 7.43 4.14
C ASN B 100 -9.12 6.06 4.72
N TRP B 101 -8.08 5.31 5.14
CA TRP B 101 -8.26 3.99 5.72
C TRP B 101 -9.18 4.05 6.93
N ALA B 102 -9.10 5.13 7.71
CA ALA B 102 -9.95 5.25 8.89
C ALA B 102 -11.41 5.41 8.51
N LYS B 103 -11.69 6.18 7.45
CA LYS B 103 -13.06 6.28 6.97
C LYS B 103 -13.56 4.95 6.45
N GLY B 104 -12.70 4.22 5.72
CA GLY B 104 -13.12 2.92 5.20
C GLY B 104 -13.37 1.89 6.29
N HIS B 105 -12.55 1.90 7.34
CA HIS B 105 -12.54 0.83 8.34
C HIS B 105 -13.43 1.11 9.54
N TYR B 106 -13.54 2.37 9.96
CA TYR B 106 -14.12 2.71 11.26
C TYR B 106 -15.43 3.49 11.20
N THR B 107 -15.62 4.34 10.19
CA THR B 107 -16.82 5.19 10.18
C THR B 107 -17.72 4.92 8.98
N GLU B 108 -17.39 5.56 7.85
CA GLU B 108 -18.19 5.42 6.63
C GLU B 108 -18.39 3.96 6.26
N GLY B 109 -17.29 3.18 6.24
CA GLY B 109 -17.41 1.78 5.88
C GLY B 109 -18.19 0.97 6.90
N ALA B 110 -18.04 1.30 8.19
CA ALA B 110 -18.80 0.61 9.22
C ALA B 110 -20.29 0.81 9.01
N GLU B 111 -20.70 1.93 8.43
CA GLU B 111 -22.12 2.13 8.18
C GLU B 111 -22.67 1.17 7.11
N LEU B 112 -21.84 0.77 6.12
CA LEU B 112 -22.26 -0.07 4.99
C LEU B 112 -21.99 -1.57 5.16
N VAL B 113 -21.10 -1.94 6.09
CA VAL B 113 -20.57 -3.30 6.09
C VAL B 113 -21.65 -4.35 6.36
N ASP B 114 -22.69 -4.01 7.14
CA ASP B 114 -23.71 -5.01 7.45
C ASP B 114 -24.53 -5.40 6.23
N SER B 115 -24.83 -4.45 5.34
CA SER B 115 -25.56 -4.84 4.13
C SER B 115 -24.65 -5.59 3.18
N VAL B 116 -23.35 -5.29 3.20
CA VAL B 116 -22.42 -6.12 2.42
C VAL B 116 -22.45 -7.56 2.94
N LEU B 117 -22.39 -7.73 4.26
CA LEU B 117 -22.42 -9.06 4.85
C LEU B 117 -23.74 -9.76 4.60
N ASP B 118 -24.85 -9.02 4.52
CA ASP B 118 -26.12 -9.63 4.17
C ASP B 118 -26.05 -10.26 2.79
N VAL B 119 -25.43 -9.56 1.83
CA VAL B 119 -25.33 -10.13 0.49
C VAL B 119 -24.38 -11.33 0.50
N VAL B 120 -23.29 -11.23 1.26
CA VAL B 120 -22.37 -12.36 1.41
C VAL B 120 -23.11 -13.58 1.95
N ARG B 121 -23.92 -13.39 2.98
CA ARG B 121 -24.68 -14.49 3.57
C ARG B 121 -25.64 -15.10 2.57
N LYS B 122 -26.32 -14.26 1.78
CA LYS B 122 -27.27 -14.82 0.80
C LYS B 122 -26.52 -15.66 -0.23
N GLU B 123 -25.33 -15.22 -0.65
CA GLU B 123 -24.58 -16.02 -1.62
C GLU B 123 -24.08 -17.31 -1.00
N SER B 124 -23.55 -17.25 0.23
CA SER B 124 -23.04 -18.45 0.88
C SER B 124 -24.15 -19.47 1.13
N GLU B 125 -25.35 -19.01 1.49
CA GLU B 125 -26.43 -19.91 1.86
C GLU B 125 -26.83 -20.83 0.71
N SER B 126 -26.66 -20.38 -0.53
CA SER B 126 -26.98 -21.19 -1.70
C SER B 126 -25.75 -21.87 -2.30
N CYS B 127 -24.73 -22.13 -1.48
CA CYS B 127 -23.53 -22.83 -1.91
C CYS B 127 -23.57 -24.28 -1.46
N ASP B 128 -23.39 -25.20 -2.40
CA ASP B 128 -23.29 -26.62 -2.07
C ASP B 128 -22.19 -26.87 -1.03
N CYS B 129 -21.00 -26.29 -1.25
CA CYS B 129 -19.91 -26.44 -0.29
C CYS B 129 -18.93 -25.28 -0.55
N LEU B 130 -19.18 -24.16 0.13
CA LEU B 130 -18.34 -22.98 0.01
C LEU B 130 -16.89 -23.29 0.35
N GLN B 131 -15.98 -22.92 -0.57
CA GLN B 131 -14.56 -23.00 -0.26
C GLN B 131 -14.13 -21.81 0.58
N GLY B 132 -14.58 -20.63 0.21
CA GLY B 132 -14.14 -19.41 0.83
C GLY B 132 -14.34 -18.24 -0.12
N PHE B 133 -13.51 -17.22 0.07
CA PHE B 133 -13.73 -15.92 -0.54
C PHE B 133 -12.45 -15.43 -1.20
N GLN B 134 -12.61 -14.72 -2.30
CA GLN B 134 -11.52 -13.96 -2.90
C GLN B 134 -11.92 -12.50 -2.98
N LEU B 135 -11.04 -11.61 -2.53
CA LEU B 135 -11.30 -10.19 -2.49
C LEU B 135 -10.31 -9.46 -3.38
N THR B 136 -10.81 -8.59 -4.24
CA THR B 136 -9.98 -7.67 -5.01
C THR B 136 -10.14 -6.27 -4.44
N HIS B 137 -9.01 -5.60 -4.21
CA HIS B 137 -8.97 -4.28 -3.61
C HIS B 137 -7.57 -3.72 -3.78
N SER B 138 -7.44 -2.43 -3.55
CA SER B 138 -6.15 -1.78 -3.39
C SER B 138 -5.88 -1.47 -1.92
N LEU B 139 -4.60 -1.35 -1.59
CA LEU B 139 -4.20 -1.02 -0.23
C LEU B 139 -3.92 0.48 -0.03
N GLY B 140 -3.92 1.27 -1.10
CA GLY B 140 -3.54 2.67 -1.02
C GLY B 140 -4.68 3.64 -0.80
N GLY B 141 -5.91 3.23 -1.09
CA GLY B 141 -7.05 4.11 -1.01
C GLY B 141 -7.77 4.01 0.33
N GLY B 142 -9.08 4.25 0.30
CA GLY B 142 -9.85 4.25 1.53
C GLY B 142 -10.86 3.12 1.59
N THR B 143 -11.66 2.96 0.54
CA THR B 143 -12.70 1.93 0.57
C THR B 143 -12.07 0.56 0.45
N GLY B 144 -11.39 0.30 -0.68
CA GLY B 144 -10.70 -0.97 -0.82
C GLY B 144 -9.87 -1.32 0.40
N SER B 145 -8.95 -0.45 0.78
CA SER B 145 -8.03 -0.77 1.86
C SER B 145 -8.79 -0.96 3.17
N GLY B 146 -9.35 0.12 3.71
CA GLY B 146 -9.93 0.04 5.04
C GLY B 146 -11.18 -0.82 5.11
N MET B 147 -12.15 -0.57 4.23
CA MET B 147 -13.38 -1.35 4.32
C MET B 147 -13.18 -2.79 3.86
N GLY B 148 -12.27 -3.06 2.91
CA GLY B 148 -11.96 -4.43 2.57
C GLY B 148 -11.39 -5.19 3.75
N THR B 149 -10.44 -4.58 4.48
CA THR B 149 -9.90 -5.28 5.63
C THR B 149 -10.95 -5.44 6.73
N LEU B 150 -11.85 -4.46 6.88
CA LEU B 150 -12.97 -4.61 7.81
C LEU B 150 -13.87 -5.77 7.39
N LEU B 151 -14.17 -5.85 6.10
CA LEU B 151 -14.98 -6.94 5.57
C LEU B 151 -14.31 -8.28 5.80
N ILE B 152 -12.98 -8.34 5.62
CA ILE B 152 -12.23 -9.57 5.86
C ILE B 152 -12.38 -9.98 7.32
N SER B 153 -12.25 -9.03 8.24
CA SER B 153 -12.39 -9.36 9.67
C SER B 153 -13.78 -9.90 9.97
N LYS B 154 -14.81 -9.24 9.44
CA LYS B 154 -16.18 -9.68 9.71
C LYS B 154 -16.46 -11.05 9.11
N ILE B 155 -16.01 -11.27 7.87
CA ILE B 155 -16.19 -12.55 7.21
C ILE B 155 -15.46 -13.65 7.94
N ARG B 156 -14.25 -13.35 8.44
CA ARG B 156 -13.55 -14.35 9.24
C ARG B 156 -14.32 -14.67 10.51
N GLU B 157 -14.96 -13.67 11.11
CA GLU B 157 -15.76 -13.93 12.30
C GLU B 157 -16.96 -14.84 11.98
N GLU B 158 -17.59 -14.64 10.82
CA GLU B 158 -18.78 -15.41 10.50
C GLU B 158 -18.47 -16.74 9.81
N TYR B 159 -17.27 -16.89 9.24
CA TYR B 159 -16.88 -18.09 8.50
C TYR B 159 -15.45 -18.45 8.85
N PRO B 160 -15.18 -18.81 10.12
CA PRO B 160 -13.79 -18.95 10.55
C PRO B 160 -13.06 -20.11 9.90
N ASP B 161 -13.77 -21.11 9.39
CA ASP B 161 -13.17 -22.30 8.80
C ASP B 161 -13.16 -22.26 7.27
N ARG B 162 -13.29 -21.08 6.68
CA ARG B 162 -13.22 -20.92 5.24
C ARG B 162 -11.93 -20.18 4.86
N ILE B 163 -11.49 -20.38 3.63
CA ILE B 163 -10.23 -19.81 3.16
C ILE B 163 -10.44 -18.37 2.72
N MET B 164 -9.51 -17.50 3.10
CA MET B 164 -9.54 -16.10 2.67
C MET B 164 -8.38 -15.81 1.74
N ASN B 165 -8.73 -15.34 0.53
CA ASN B 165 -7.78 -15.06 -0.54
C ASN B 165 -8.03 -13.64 -1.01
N THR B 166 -6.94 -12.88 -1.20
CA THR B 166 -7.04 -11.51 -1.68
C THR B 166 -6.08 -11.29 -2.85
N PHE B 167 -6.50 -10.41 -3.75
CA PHE B 167 -5.62 -9.81 -4.75
C PHE B 167 -5.43 -8.35 -4.34
N SER B 168 -4.25 -8.03 -3.81
CA SER B 168 -4.03 -6.75 -3.15
C SER B 168 -3.03 -5.92 -3.95
N VAL B 169 -3.48 -4.76 -4.43
CA VAL B 169 -2.64 -3.85 -5.20
C VAL B 169 -1.91 -2.93 -4.24
N MET B 170 -0.59 -3.01 -4.24
CA MET B 170 0.29 -2.22 -3.40
C MET B 170 0.54 -0.85 -4.06
N PRO B 171 0.51 0.22 -3.27
CA PRO B 171 0.73 1.55 -3.84
C PRO B 171 2.19 1.77 -4.15
N SER B 172 2.45 2.68 -5.09
CA SER B 172 3.81 3.05 -5.45
C SER B 172 3.82 4.53 -5.76
N PRO B 173 4.83 5.25 -5.27
CA PRO B 173 4.97 6.67 -5.64
C PRO B 173 5.02 6.90 -7.15
N LYS B 174 5.43 5.89 -7.92
CA LYS B 174 5.46 6.06 -9.37
C LYS B 174 4.05 6.17 -9.93
N VAL B 175 3.08 5.49 -9.31
CA VAL B 175 1.69 5.51 -9.77
C VAL B 175 0.84 5.77 -8.53
N SER B 176 0.85 6.99 -8.02
CA SER B 176 0.20 7.33 -6.76
C SER B 176 -0.86 8.40 -6.94
N ASP B 177 -1.92 8.29 -6.15
CA ASP B 177 -3.00 9.28 -6.15
C ASP B 177 -2.90 10.28 -5.01
N THR B 178 -2.31 9.89 -3.87
CA THR B 178 -2.21 10.73 -2.68
C THR B 178 -1.00 10.31 -1.86
N VAL B 179 -0.57 11.21 -0.98
CA VAL B 179 0.64 10.99 -0.19
C VAL B 179 0.41 10.03 0.97
N VAL B 180 -0.85 9.81 1.37
CA VAL B 180 -1.18 8.97 2.53
C VAL B 180 -1.27 7.49 2.18
N GLU B 181 -0.96 7.13 0.93
CA GLU B 181 -0.99 5.73 0.53
C GLU B 181 -0.09 4.82 1.37
N PRO B 182 1.11 5.24 1.80
CA PRO B 182 1.87 4.38 2.72
C PRO B 182 1.16 4.14 4.05
N TYR B 183 0.46 5.16 4.58
CA TYR B 183 -0.33 4.95 5.79
C TYR B 183 -1.42 3.91 5.55
N ASN B 184 -2.19 4.08 4.47
CA ASN B 184 -3.27 3.15 4.21
C ASN B 184 -2.75 1.73 3.99
N ALA B 185 -1.64 1.60 3.27
CA ALA B 185 -1.09 0.28 2.96
C ALA B 185 -0.52 -0.39 4.20
N THR B 186 0.17 0.38 5.05
CA THR B 186 0.73 -0.20 6.27
C THR B 186 -0.38 -0.65 7.22
N LEU B 187 -1.44 0.16 7.33
CA LEU B 187 -2.59 -0.25 8.13
C LEU B 187 -3.25 -1.50 7.57
N SER B 188 -3.30 -1.62 6.24
CA SER B 188 -3.93 -2.78 5.62
C SER B 188 -3.10 -4.06 5.78
N VAL B 189 -1.78 -3.97 5.62
CA VAL B 189 -0.93 -5.15 5.66
C VAL B 189 -1.07 -5.89 6.99
N HIS B 190 -1.22 -5.16 8.10
CA HIS B 190 -1.44 -5.79 9.40
C HIS B 190 -2.69 -6.68 9.38
N GLN B 191 -3.78 -6.13 8.86
CA GLN B 191 -5.01 -6.89 8.75
C GLN B 191 -4.83 -8.11 7.86
N LEU B 192 -4.13 -7.96 6.74
CA LEU B 192 -3.97 -9.09 5.84
C LEU B 192 -3.11 -10.18 6.48
N VAL B 193 -2.04 -9.79 7.18
CA VAL B 193 -1.19 -10.73 7.89
C VAL B 193 -2.00 -11.53 8.89
N GLU B 194 -2.98 -10.90 9.53
CA GLU B 194 -3.73 -11.67 10.52
C GLU B 194 -4.92 -12.44 9.93
N ASN B 195 -5.54 -11.95 8.87
CA ASN B 195 -6.85 -12.46 8.47
C ASN B 195 -6.94 -12.99 7.05
N THR B 196 -5.85 -13.12 6.31
CA THR B 196 -5.93 -13.81 5.03
C THR B 196 -5.08 -15.07 5.03
N ASP B 197 -5.49 -16.02 4.20
CA ASP B 197 -4.72 -17.24 3.98
C ASP B 197 -3.81 -17.11 2.77
N GLU B 198 -4.23 -16.35 1.76
CA GLU B 198 -3.39 -16.14 0.59
C GLU B 198 -3.61 -14.73 0.09
N THR B 199 -2.52 -14.03 -0.22
CA THR B 199 -2.57 -12.68 -0.75
C THR B 199 -1.62 -12.57 -1.92
N TYR B 200 -2.16 -12.30 -3.11
CA TYR B 200 -1.34 -11.99 -4.27
C TYR B 200 -0.96 -10.52 -4.21
N CYS B 201 0.33 -10.25 -4.06
CA CYS B 201 0.85 -8.88 -3.98
C CYS B 201 1.07 -8.36 -5.41
N ILE B 202 0.14 -7.54 -5.87
CA ILE B 202 0.22 -6.91 -7.19
C ILE B 202 0.75 -5.49 -6.98
N ASP B 203 2.02 -5.26 -7.29
CA ASP B 203 2.68 -4.00 -7.01
C ASP B 203 2.56 -3.08 -8.23
N ASN B 204 1.92 -1.93 -8.03
CA ASN B 204 1.71 -1.00 -9.14
C ASN B 204 3.03 -0.50 -9.71
N GLU B 205 4.07 -0.42 -8.87
CA GLU B 205 5.41 -0.10 -9.37
C GLU B 205 5.84 -1.09 -10.46
N ALA B 206 5.68 -2.38 -10.18
CA ALA B 206 6.07 -3.41 -11.15
C ALA B 206 5.21 -3.32 -12.41
N LEU B 207 3.91 -3.11 -12.26
CA LEU B 207 3.04 -2.99 -13.42
C LEU B 207 3.45 -1.82 -14.31
N TYR B 208 3.75 -0.67 -13.69
CA TYR B 208 4.23 0.48 -14.45
C TYR B 208 5.53 0.15 -15.17
N ASP B 209 6.50 -0.42 -14.44
CA ASP B 209 7.77 -0.76 -15.05
C ASP B 209 7.59 -1.70 -16.24
N ILE B 210 6.68 -2.68 -16.12
CA ILE B 210 6.46 -3.61 -17.21
C ILE B 210 5.86 -2.89 -18.41
N CYS B 211 4.80 -2.10 -18.18
CA CYS B 211 4.14 -1.40 -19.27
C CYS B 211 5.11 -0.47 -19.99
N PHE B 212 6.00 0.19 -19.24
CA PHE B 212 6.91 1.17 -19.84
C PHE B 212 8.09 0.49 -20.51
N ARG B 213 8.89 -0.26 -19.74
CA ARG B 213 10.10 -0.87 -20.26
C ARG B 213 9.81 -1.99 -21.25
N THR B 214 8.96 -2.96 -20.87
CA THR B 214 8.81 -4.16 -21.68
C THR B 214 7.78 -3.99 -22.79
N LEU B 215 6.60 -3.48 -22.46
CA LEU B 215 5.53 -3.36 -23.44
C LEU B 215 5.66 -2.10 -24.30
N LYS B 216 6.67 -1.27 -24.05
CA LYS B 216 6.92 -0.05 -24.82
C LYS B 216 5.70 0.85 -24.86
N LEU B 217 5.06 1.03 -23.71
CA LEU B 217 3.94 1.95 -23.54
C LEU B 217 4.48 3.23 -22.89
N THR B 218 4.56 4.29 -23.68
CA THR B 218 5.14 5.55 -23.21
C THR B 218 4.39 6.09 -22.00
N THR B 219 3.06 6.13 -22.06
CA THR B 219 2.21 6.73 -21.03
C THR B 219 1.21 5.68 -20.54
N PRO B 220 1.63 4.81 -19.62
CA PRO B 220 0.71 3.76 -19.13
C PRO B 220 -0.47 4.34 -18.37
N THR B 221 -1.66 3.85 -18.70
CA THR B 221 -2.87 4.16 -17.96
C THR B 221 -3.22 3.02 -17.00
N TYR B 222 -4.19 3.30 -16.13
CA TYR B 222 -4.71 2.25 -15.26
C TYR B 222 -5.30 1.10 -16.07
N GLY B 223 -5.88 1.40 -17.24
CA GLY B 223 -6.29 0.33 -18.14
C GLY B 223 -5.15 -0.59 -18.52
N ASP B 224 -4.00 -0.01 -18.86
CA ASP B 224 -2.85 -0.83 -19.27
C ASP B 224 -2.33 -1.65 -18.09
N LEU B 225 -2.30 -1.05 -16.90
CA LEU B 225 -1.94 -1.82 -15.70
C LEU B 225 -2.92 -2.96 -15.45
N ASN B 226 -4.22 -2.70 -15.62
CA ASN B 226 -5.25 -3.68 -15.33
C ASN B 226 -5.28 -4.79 -16.37
N HIS B 227 -4.74 -4.55 -17.58
CA HIS B 227 -4.57 -5.63 -18.54
C HIS B 227 -3.65 -6.71 -17.97
N LEU B 228 -2.51 -6.28 -17.43
CA LEU B 228 -1.60 -7.22 -16.76
C LEU B 228 -2.26 -7.86 -15.56
N VAL B 229 -2.99 -7.07 -14.76
CA VAL B 229 -3.61 -7.62 -13.55
C VAL B 229 -4.64 -8.70 -13.92
N SER B 230 -5.48 -8.44 -14.92
CA SER B 230 -6.51 -9.41 -15.29
C SER B 230 -5.89 -10.67 -15.89
N ALA B 231 -4.86 -10.52 -16.73
CA ALA B 231 -4.20 -11.71 -17.27
C ALA B 231 -3.59 -12.55 -16.15
N THR B 232 -2.96 -11.89 -15.17
CA THR B 232 -2.35 -12.59 -14.05
C THR B 232 -3.40 -13.29 -13.19
N MET B 233 -4.53 -12.63 -12.95
CA MET B 233 -5.58 -13.24 -12.13
C MET B 233 -6.17 -14.46 -12.82
N SER B 234 -6.48 -14.35 -14.12
CA SER B 234 -6.91 -15.51 -14.88
C SER B 234 -5.88 -16.64 -14.78
N GLY B 235 -4.60 -16.30 -14.86
CA GLY B 235 -3.56 -17.32 -14.71
C GLY B 235 -3.62 -18.02 -13.38
N VAL B 236 -3.66 -17.24 -12.29
CA VAL B 236 -3.55 -17.84 -10.96
C VAL B 236 -4.82 -18.54 -10.51
N THR B 237 -5.96 -18.31 -11.17
CA THR B 237 -7.18 -19.03 -10.84
C THR B 237 -7.48 -20.18 -11.81
N THR B 238 -6.59 -20.43 -12.78
CA THR B 238 -6.81 -21.51 -13.75
C THR B 238 -7.02 -22.85 -13.05
N CYS B 239 -6.17 -23.15 -12.05
CA CYS B 239 -6.28 -24.43 -11.35
C CYS B 239 -7.58 -24.55 -10.57
N LEU B 240 -8.18 -23.41 -10.20
CA LEU B 240 -9.48 -23.43 -9.54
C LEU B 240 -10.61 -23.57 -10.54
N ARG B 241 -10.41 -23.13 -11.78
CA ARG B 241 -11.50 -23.03 -12.75
C ARG B 241 -11.55 -24.19 -13.72
N PHE B 242 -10.48 -24.96 -13.86
CA PHE B 242 -10.48 -26.05 -14.83
C PHE B 242 -10.04 -27.35 -14.18
N PRO B 243 -10.45 -28.49 -14.74
CA PRO B 243 -10.10 -29.79 -14.14
C PRO B 243 -8.59 -29.95 -14.01
N GLY B 244 -8.16 -30.56 -12.91
CA GLY B 244 -6.74 -30.66 -12.64
C GLY B 244 -6.48 -31.28 -11.29
N GLN B 245 -5.22 -31.66 -11.10
CA GLN B 245 -4.77 -32.44 -9.96
C GLN B 245 -4.15 -31.57 -8.86
N LEU B 246 -3.52 -30.47 -9.25
CA LEU B 246 -2.63 -29.71 -8.39
C LEU B 246 -3.26 -28.35 -8.08
N ASN B 247 -3.29 -28.00 -6.79
CA ASN B 247 -3.80 -26.71 -6.33
C ASN B 247 -5.20 -26.45 -6.88
N ALA B 248 -6.04 -27.49 -6.85
CA ALA B 248 -7.35 -27.40 -7.49
C ALA B 248 -8.39 -26.71 -6.61
N ASP B 249 -8.06 -26.41 -5.36
CA ASP B 249 -8.93 -25.61 -4.51
C ASP B 249 -8.08 -24.74 -3.59
N LEU B 250 -8.74 -23.78 -2.93
CA LEU B 250 -8.02 -22.75 -2.19
C LEU B 250 -7.27 -23.35 -1.01
N ARG B 251 -7.85 -24.34 -0.34
CA ARG B 251 -7.18 -24.90 0.84
C ARG B 251 -5.97 -25.72 0.45
N LYS B 252 -6.08 -26.53 -0.61
CA LYS B 252 -4.91 -27.28 -1.07
C LYS B 252 -3.81 -26.34 -1.57
N LEU B 253 -4.20 -25.24 -2.24
CA LEU B 253 -3.22 -24.23 -2.63
C LEU B 253 -2.52 -23.66 -1.41
N ALA B 254 -3.28 -23.33 -0.36
CA ALA B 254 -2.69 -22.75 0.83
C ALA B 254 -1.76 -23.74 1.52
N VAL B 255 -2.16 -25.01 1.58
CA VAL B 255 -1.31 -26.03 2.21
C VAL B 255 -0.02 -26.20 1.42
N ASN B 256 -0.10 -26.08 0.08
CA ASN B 256 1.10 -26.23 -0.74
C ASN B 256 2.00 -25.00 -0.68
N MET B 257 1.44 -23.82 -0.44
CA MET B 257 2.18 -22.57 -0.60
C MET B 257 2.60 -21.91 0.70
N VAL B 258 1.97 -22.23 1.83
CA VAL B 258 2.16 -21.45 3.06
C VAL B 258 2.79 -22.31 4.14
N PRO B 259 4.12 -22.31 4.28
CA PRO B 259 4.74 -23.11 5.34
C PRO B 259 4.59 -22.51 6.73
N PHE B 260 4.32 -21.20 6.83
CA PHE B 260 4.16 -20.51 8.09
C PHE B 260 3.03 -19.50 7.94
N PRO B 261 2.13 -19.43 8.94
CA PRO B 261 0.84 -18.75 8.70
C PRO B 261 0.94 -17.31 8.25
N ARG B 262 1.93 -16.56 8.76
CA ARG B 262 2.04 -15.15 8.42
C ARG B 262 2.68 -14.93 7.06
N LEU B 263 3.50 -15.87 6.59
CA LEU B 263 4.24 -15.69 5.33
C LEU B 263 3.43 -16.26 4.18
N HIS B 264 2.37 -15.52 3.82
CA HIS B 264 1.40 -15.96 2.82
C HIS B 264 1.18 -14.88 1.76
N PHE B 265 2.23 -14.14 1.43
CA PHE B 265 2.15 -13.04 0.45
C PHE B 265 2.90 -13.45 -0.80
N PHE B 266 2.17 -13.63 -1.89
CA PHE B 266 2.69 -14.24 -3.10
C PHE B 266 3.09 -13.22 -4.14
N MET B 267 4.19 -13.51 -4.84
CA MET B 267 4.71 -12.75 -5.95
C MET B 267 4.26 -13.42 -7.24
N PRO B 268 3.31 -12.85 -7.97
CA PRO B 268 2.86 -13.44 -9.23
C PRO B 268 3.67 -12.98 -10.44
N GLY B 269 3.65 -13.82 -11.47
CA GLY B 269 4.32 -13.52 -12.72
C GLY B 269 3.55 -14.10 -13.89
N PHE B 270 3.80 -13.53 -15.07
CA PHE B 270 3.11 -13.94 -16.28
C PHE B 270 4.09 -13.95 -17.44
N ALA B 271 3.87 -14.89 -18.38
CA ALA B 271 4.58 -14.90 -19.65
C ALA B 271 3.65 -15.48 -20.69
N PRO B 272 3.67 -14.97 -21.93
CA PRO B 272 4.47 -13.86 -22.42
C PRO B 272 3.83 -12.54 -22.04
N LEU B 273 4.59 -11.46 -21.94
CA LEU B 273 4.02 -10.17 -21.58
C LEU B 273 3.53 -9.47 -22.83
N THR B 274 2.22 -9.27 -22.90
CA THR B 274 1.52 -8.76 -24.08
C THR B 274 0.92 -7.40 -23.76
N SER B 275 0.41 -6.75 -24.81
CA SER B 275 -0.31 -5.49 -24.64
C SER B 275 -1.79 -5.67 -24.95
N ARG B 282 4.99 -14.70 -33.06
CA ARG B 282 3.74 -15.20 -32.50
C ARG B 282 3.80 -16.70 -32.24
N ALA B 283 4.80 -17.13 -31.47
CA ALA B 283 4.97 -18.53 -31.10
C ALA B 283 6.08 -18.70 -30.08
N LEU B 284 5.71 -18.97 -28.82
CA LEU B 284 6.67 -19.21 -27.77
C LEU B 284 6.91 -20.70 -27.59
N THR B 285 8.18 -21.08 -27.43
CA THR B 285 8.54 -22.43 -27.07
C THR B 285 8.51 -22.59 -25.55
N VAL B 286 8.41 -23.84 -25.10
CA VAL B 286 8.35 -24.12 -23.66
C VAL B 286 9.59 -23.61 -22.93
N PRO B 287 10.82 -23.78 -23.45
CA PRO B 287 11.97 -23.16 -22.77
C PRO B 287 11.81 -21.66 -22.61
N GLU B 288 11.31 -20.99 -23.65
CA GLU B 288 11.10 -19.54 -23.58
C GLU B 288 10.05 -19.19 -22.53
N LEU B 289 8.93 -19.91 -22.53
CA LEU B 289 7.89 -19.68 -21.53
C LEU B 289 8.46 -19.81 -20.12
N THR B 290 9.22 -20.87 -19.85
CA THR B 290 9.74 -21.09 -18.51
C THR B 290 10.74 -20.01 -18.13
N GLN B 291 11.69 -19.73 -19.02
CA GLN B 291 12.73 -18.74 -18.77
C GLN B 291 12.10 -17.37 -18.48
N GLN B 292 11.11 -16.98 -19.28
CA GLN B 292 10.46 -15.69 -19.07
C GLN B 292 9.63 -15.68 -17.80
N MET B 293 8.93 -16.78 -17.50
CA MET B 293 8.08 -16.80 -16.31
C MET B 293 8.88 -16.77 -15.02
N PHE B 294 10.14 -17.18 -15.05
CA PHE B 294 10.96 -17.01 -13.85
C PHE B 294 11.76 -15.70 -13.88
N ASP B 295 11.63 -14.91 -14.94
CA ASP B 295 12.36 -13.66 -15.06
C ASP B 295 11.75 -12.59 -14.16
N SER B 296 12.60 -11.88 -13.41
CA SER B 296 12.12 -10.78 -12.57
C SER B 296 11.32 -9.77 -13.37
N LYS B 297 11.69 -9.52 -14.62
CA LYS B 297 10.98 -8.55 -15.44
C LYS B 297 9.56 -8.98 -15.74
N ASN B 298 9.18 -10.21 -15.38
CA ASN B 298 7.82 -10.70 -15.52
C ASN B 298 7.08 -10.79 -14.19
N MET B 299 7.70 -10.36 -13.09
CA MET B 299 7.06 -10.42 -11.78
C MET B 299 6.16 -9.20 -11.57
N MET B 300 5.00 -9.45 -10.97
CA MET B 300 4.05 -8.38 -10.67
C MET B 300 4.29 -7.75 -9.30
N ALA B 301 5.31 -8.20 -8.57
CA ALA B 301 5.79 -7.52 -7.37
C ALA B 301 7.20 -7.06 -7.64
N ALA B 302 7.47 -5.78 -7.34
CA ALA B 302 8.74 -5.15 -7.70
C ALA B 302 9.81 -5.59 -6.71
N CYS B 303 10.11 -6.88 -6.75
CA CYS B 303 11.14 -7.49 -5.92
C CYS B 303 12.05 -8.31 -6.81
N ASP B 304 13.34 -8.28 -6.49
CA ASP B 304 14.31 -9.12 -7.20
C ASP B 304 14.33 -10.47 -6.50
N PRO B 305 13.87 -11.54 -7.14
CA PRO B 305 13.88 -12.85 -6.47
C PRO B 305 15.28 -13.31 -6.13
N ARG B 306 16.28 -12.89 -6.91
CA ARG B 306 17.66 -13.25 -6.61
C ARG B 306 18.19 -12.54 -5.38
N HIS B 307 17.38 -11.69 -4.75
CA HIS B 307 17.70 -11.08 -3.47
C HIS B 307 17.11 -11.85 -2.31
N GLY B 308 16.46 -12.99 -2.59
CA GLY B 308 15.88 -13.80 -1.55
C GLY B 308 15.83 -15.25 -1.95
N ARG B 309 15.05 -16.06 -1.25
CA ARG B 309 14.95 -17.48 -1.56
C ARG B 309 13.50 -17.89 -1.68
N TYR B 310 13.25 -18.85 -2.57
CA TYR B 310 11.90 -19.36 -2.77
C TYR B 310 11.58 -20.40 -1.71
N LEU B 311 10.49 -20.17 -0.95
CA LEU B 311 9.97 -21.18 -0.05
C LEU B 311 9.14 -22.20 -0.81
N THR B 312 8.22 -21.72 -1.64
CA THR B 312 7.36 -22.57 -2.47
C THR B 312 7.09 -21.84 -3.77
N VAL B 313 6.86 -22.63 -4.83
CA VAL B 313 6.53 -22.09 -6.15
C VAL B 313 5.45 -22.96 -6.77
N ALA B 314 4.47 -22.31 -7.40
CA ALA B 314 3.51 -22.98 -8.26
C ALA B 314 3.63 -22.41 -9.66
N ALA B 315 3.71 -23.31 -10.65
CA ALA B 315 3.78 -22.92 -12.06
C ALA B 315 2.60 -23.52 -12.80
N ILE B 316 1.94 -22.70 -13.61
CA ILE B 316 0.78 -23.12 -14.38
C ILE B 316 1.05 -22.81 -15.84
N PHE B 317 1.09 -23.85 -16.68
CA PHE B 317 1.27 -23.71 -18.11
C PHE B 317 -0.08 -23.94 -18.79
N ARG B 318 -0.42 -23.06 -19.73
CA ARG B 318 -1.70 -23.13 -20.43
C ARG B 318 -1.46 -23.22 -21.93
N GLY B 319 -2.18 -24.13 -22.57
CA GLY B 319 -2.07 -24.37 -23.99
C GLY B 319 -1.73 -25.82 -24.29
N ARG B 320 -1.69 -26.13 -25.59
CA ARG B 320 -1.31 -27.46 -26.06
C ARG B 320 0.19 -27.48 -26.28
N MET B 321 0.89 -28.28 -25.47
CA MET B 321 2.35 -28.33 -25.49
C MET B 321 2.79 -29.68 -24.94
N SER B 322 4.07 -29.98 -25.12
CA SER B 322 4.64 -31.23 -24.63
C SER B 322 4.79 -31.14 -23.12
N MET B 323 4.00 -31.95 -22.39
CA MET B 323 4.16 -32.01 -20.94
C MET B 323 5.52 -32.58 -20.57
N LYS B 324 6.05 -33.49 -21.39
CA LYS B 324 7.44 -33.93 -21.22
C LYS B 324 8.39 -32.75 -21.21
N GLU B 325 8.25 -31.86 -22.19
CA GLU B 325 9.14 -30.71 -22.28
C GLU B 325 8.90 -29.73 -21.13
N VAL B 326 7.65 -29.57 -20.71
CA VAL B 326 7.36 -28.73 -19.55
C VAL B 326 8.09 -29.25 -18.31
N ASP B 327 7.99 -30.57 -18.08
CA ASP B 327 8.66 -31.16 -16.93
C ASP B 327 10.17 -30.98 -17.04
N GLU B 328 10.73 -31.24 -18.22
CA GLU B 328 12.17 -31.07 -18.43
C GLU B 328 12.61 -29.65 -18.14
N GLN B 329 11.86 -28.66 -18.63
CA GLN B 329 12.28 -27.27 -18.47
C GLN B 329 12.16 -26.80 -17.02
N MET B 330 11.11 -27.25 -16.32
CA MET B 330 10.98 -26.89 -14.91
C MET B 330 12.08 -27.53 -14.08
N LEU B 331 12.37 -28.81 -14.33
CA LEU B 331 13.50 -29.47 -13.67
C LEU B 331 14.81 -28.75 -13.99
N ASN B 332 14.95 -28.29 -15.24
CA ASN B 332 16.13 -27.53 -15.64
C ASN B 332 16.30 -26.27 -14.81
N VAL B 333 15.22 -25.48 -14.71
CA VAL B 333 15.29 -24.23 -13.96
C VAL B 333 15.62 -24.51 -12.49
N GLN B 334 15.01 -25.52 -11.91
CA GLN B 334 15.31 -25.82 -10.50
C GLN B 334 16.75 -26.30 -10.33
N ASN B 335 17.21 -27.22 -11.19
CA ASN B 335 18.52 -27.82 -11.02
C ASN B 335 19.65 -26.83 -11.29
N LYS B 336 19.46 -25.90 -12.21
CA LYS B 336 20.52 -24.95 -12.56
C LYS B 336 20.50 -23.69 -11.71
N ASN B 337 19.51 -23.52 -10.83
CA ASN B 337 19.47 -22.37 -9.93
C ASN B 337 19.06 -22.78 -8.51
N SER B 338 19.47 -23.99 -8.08
CA SER B 338 18.95 -24.57 -6.85
C SER B 338 19.24 -23.70 -5.63
N SER B 339 20.31 -22.89 -5.68
CA SER B 339 20.64 -22.04 -4.54
C SER B 339 19.47 -21.14 -4.15
N TYR B 340 18.58 -20.83 -5.08
CA TYR B 340 17.49 -19.91 -4.79
C TYR B 340 16.22 -20.61 -4.31
N PHE B 341 16.29 -21.92 -4.06
CA PHE B 341 15.18 -22.67 -3.47
C PHE B 341 15.65 -23.24 -2.14
N VAL B 342 14.87 -23.01 -1.08
CA VAL B 342 15.28 -23.46 0.24
C VAL B 342 15.39 -24.97 0.25
N GLU B 343 16.49 -25.47 0.81
CA GLU B 343 16.75 -26.91 0.79
C GLU B 343 15.97 -27.66 1.85
N TRP B 344 15.39 -26.96 2.82
CA TRP B 344 14.65 -27.58 3.90
C TRP B 344 13.17 -27.76 3.58
N ILE B 345 12.75 -27.43 2.35
CA ILE B 345 11.43 -27.82 1.85
C ILE B 345 11.64 -28.58 0.54
N PRO B 346 11.79 -29.91 0.58
CA PRO B 346 12.07 -30.64 -0.66
C PRO B 346 10.92 -30.57 -1.65
N ASN B 347 11.27 -30.48 -2.93
CA ASN B 347 10.31 -30.52 -4.03
C ASN B 347 9.22 -29.46 -3.86
N ASN B 348 9.64 -28.22 -3.63
CA ASN B 348 8.75 -27.12 -3.32
C ASN B 348 8.22 -26.42 -4.57
N VAL B 349 8.52 -26.92 -5.76
CA VAL B 349 8.01 -26.37 -7.01
C VAL B 349 7.03 -27.36 -7.61
N LYS B 350 5.78 -26.94 -7.74
CA LYS B 350 4.73 -27.77 -8.31
C LYS B 350 4.25 -27.16 -9.62
N THR B 351 3.97 -28.01 -10.60
CA THR B 351 3.66 -27.56 -11.96
C THR B 351 2.35 -28.15 -12.43
N ALA B 352 1.46 -27.28 -12.92
CA ALA B 352 0.19 -27.67 -13.52
C ALA B 352 0.18 -27.31 -15.00
N VAL B 353 -0.58 -28.07 -15.79
CA VAL B 353 -0.78 -27.81 -17.20
C VAL B 353 -2.27 -27.87 -17.50
N CYS B 354 -2.80 -26.80 -18.10
CA CYS B 354 -4.18 -26.74 -18.55
C CYS B 354 -4.19 -26.59 -20.07
N ASP B 355 -5.05 -27.37 -20.75
CA ASP B 355 -5.04 -27.38 -22.21
C ASP B 355 -5.56 -26.08 -22.81
N ILE B 356 -6.45 -25.36 -22.11
CA ILE B 356 -7.15 -24.23 -22.66
C ILE B 356 -6.28 -22.96 -22.45
N PRO B 357 -5.74 -22.37 -23.48
CA PRO B 357 -4.93 -21.16 -23.31
C PRO B 357 -5.82 -19.94 -23.12
N PRO B 358 -5.27 -18.84 -22.59
CA PRO B 358 -6.03 -17.59 -22.53
C PRO B 358 -6.29 -17.04 -23.92
N ARG B 359 -7.13 -16.00 -23.95
CA ARG B 359 -7.51 -15.38 -25.22
C ARG B 359 -6.30 -14.71 -25.87
N GLY B 360 -6.15 -14.94 -27.18
CA GLY B 360 -5.11 -14.31 -27.97
C GLY B 360 -3.76 -14.99 -27.94
N LEU B 361 -3.57 -16.01 -27.09
CA LEU B 361 -2.30 -16.70 -26.98
C LEU B 361 -2.50 -18.19 -27.25
N LYS B 362 -1.46 -18.80 -27.84
CA LYS B 362 -1.46 -20.25 -28.01
C LYS B 362 -0.89 -20.96 -26.79
N MET B 363 0.05 -20.33 -26.09
CA MET B 363 0.53 -20.86 -24.82
C MET B 363 0.91 -19.70 -23.91
N SER B 364 0.80 -19.95 -22.60
CA SER B 364 1.17 -18.99 -21.58
C SER B 364 1.59 -19.73 -20.34
N ALA B 365 2.24 -19.02 -19.43
CA ALA B 365 2.69 -19.56 -18.16
C ALA B 365 2.45 -18.54 -17.07
N THR B 366 1.89 -19.00 -15.95
CA THR B 366 1.66 -18.14 -14.78
C THR B 366 2.47 -18.68 -13.60
N PHE B 367 3.10 -17.75 -12.87
CA PHE B 367 4.03 -18.06 -11.80
C PHE B 367 3.48 -17.52 -10.49
N ILE B 368 3.54 -18.33 -9.44
CA ILE B 368 3.15 -17.91 -8.09
C ILE B 368 4.28 -18.31 -7.16
N GLY B 369 5.03 -17.34 -6.65
CA GLY B 369 6.18 -17.61 -5.79
C GLY B 369 5.95 -17.07 -4.39
N ASN B 370 6.23 -17.90 -3.40
CA ASN B 370 6.34 -17.42 -2.01
C ASN B 370 7.83 -17.23 -1.75
N SER B 371 8.32 -16.03 -2.04
CA SER B 371 9.74 -15.73 -1.93
C SER B 371 9.99 -14.82 -0.75
N THR B 372 11.12 -15.05 -0.07
CA THR B 372 11.54 -14.15 1.00
C THR B 372 11.94 -12.77 0.48
N ALA B 373 12.12 -12.64 -0.83
CA ALA B 373 12.41 -11.35 -1.44
C ALA B 373 11.21 -10.41 -1.41
N ILE B 374 10.02 -10.91 -1.11
CA ILE B 374 8.84 -10.04 -0.99
C ILE B 374 9.02 -9.04 0.14
N GLN B 375 9.97 -9.29 1.04
CA GLN B 375 10.25 -8.34 2.11
C GLN B 375 10.70 -6.99 1.58
N GLU B 376 11.19 -6.92 0.34
CA GLU B 376 11.59 -5.65 -0.23
C GLU B 376 10.39 -4.73 -0.45
N LEU B 377 9.27 -5.29 -0.89
CA LEU B 377 8.03 -4.53 -1.01
C LEU B 377 7.62 -3.94 0.33
N PHE B 378 7.63 -4.76 1.38
CA PHE B 378 7.21 -4.28 2.69
C PHE B 378 8.21 -3.29 3.28
N LYS B 379 9.51 -3.48 3.01
CA LYS B 379 10.52 -2.51 3.45
C LYS B 379 10.30 -1.16 2.76
N ARG B 380 10.00 -1.19 1.47
CA ARG B 380 9.71 0.03 0.73
C ARG B 380 8.51 0.76 1.32
N ILE B 381 7.43 0.03 1.58
CA ILE B 381 6.25 0.65 2.19
C ILE B 381 6.60 1.18 3.57
N SER B 382 7.42 0.45 4.35
CA SER B 382 7.74 0.88 5.71
C SER B 382 8.59 2.14 5.70
N GLU B 383 9.51 2.26 4.74
CA GLU B 383 10.31 3.48 4.63
C GLU B 383 9.44 4.67 4.28
N GLN B 384 8.52 4.50 3.32
CA GLN B 384 7.65 5.62 2.96
C GLN B 384 6.72 5.98 4.12
N PHE B 385 6.29 4.98 4.90
CA PHE B 385 5.50 5.22 6.10
C PHE B 385 6.29 6.06 7.10
N THR B 386 7.51 5.62 7.44
CA THR B 386 8.28 6.26 8.49
C THR B 386 8.66 7.68 8.11
N ALA B 387 8.92 7.94 6.83
CA ALA B 387 9.34 9.27 6.42
C ALA B 387 8.30 10.33 6.79
N MET B 388 7.01 9.98 6.72
CA MET B 388 5.96 10.89 7.14
C MET B 388 5.64 10.76 8.62
N PHE B 389 5.66 9.53 9.15
CA PHE B 389 5.19 9.31 10.51
C PHE B 389 6.13 9.91 11.55
N ARG B 390 7.43 9.98 11.25
CA ARG B 390 8.36 10.58 12.20
C ARG B 390 8.08 12.06 12.44
N ARG B 391 7.39 12.73 11.51
CA ARG B 391 6.93 14.09 11.68
C ARG B 391 5.42 14.16 11.84
N LYS B 392 4.76 13.01 12.03
CA LYS B 392 3.31 12.94 12.24
C LYS B 392 2.55 13.65 11.11
N ALA B 393 3.11 13.61 9.90
CA ALA B 393 2.52 14.31 8.77
C ALA B 393 1.22 13.65 8.34
N PHE B 394 0.23 14.48 8.00
CA PHE B 394 -1.05 14.06 7.44
C PHE B 394 -1.84 13.17 8.39
N LEU B 395 -1.43 13.08 9.66
CA LEU B 395 -2.13 12.24 10.64
C LEU B 395 -3.51 12.80 10.98
N HIS B 396 -3.71 14.10 10.84
CA HIS B 396 -4.96 14.71 11.28
C HIS B 396 -6.15 14.16 10.50
N TRP B 397 -5.94 13.74 9.25
CA TRP B 397 -7.02 13.10 8.48
C TRP B 397 -7.52 11.85 9.19
N TYR B 398 -6.66 11.20 9.97
CA TYR B 398 -6.98 9.94 10.63
C TYR B 398 -7.42 10.15 12.06
N THR B 399 -6.72 11.01 12.81
CA THR B 399 -7.15 11.32 14.16
C THR B 399 -8.52 12.01 14.17
N GLY B 400 -8.85 12.70 13.07
CA GLY B 400 -10.19 13.27 12.96
C GLY B 400 -11.28 12.24 12.80
N GLU B 401 -10.93 10.99 12.50
CA GLU B 401 -11.89 9.90 12.38
C GLU B 401 -11.91 8.99 13.60
N GLY B 402 -11.15 9.32 14.64
CA GLY B 402 -11.16 8.61 15.90
C GLY B 402 -9.93 7.77 16.16
N MET B 403 -9.02 7.66 15.20
CA MET B 403 -7.81 6.88 15.42
C MET B 403 -6.81 7.66 16.27
N ASP B 404 -5.99 6.92 17.01
CA ASP B 404 -4.90 7.48 17.79
C ASP B 404 -3.56 6.99 17.25
N GLU B 405 -2.51 7.78 17.48
CA GLU B 405 -1.18 7.49 16.95
C GLU B 405 -0.67 6.10 17.33
N MET B 406 -1.04 5.60 18.52
CA MET B 406 -0.59 4.28 18.94
C MET B 406 -0.93 3.20 17.91
N GLU B 407 -2.09 3.31 17.26
CA GLU B 407 -2.47 2.33 16.26
C GLU B 407 -1.49 2.33 15.08
N PHE B 408 -1.04 3.52 14.67
CA PHE B 408 -0.04 3.61 13.62
C PHE B 408 1.29 3.01 14.08
N THR B 409 1.70 3.33 15.30
CA THR B 409 2.94 2.77 15.83
C THR B 409 2.89 1.24 15.82
N GLU B 410 1.75 0.66 16.21
CA GLU B 410 1.62 -0.79 16.26
C GLU B 410 1.62 -1.39 14.86
N ALA B 411 0.97 -0.73 13.89
CA ALA B 411 1.00 -1.25 12.53
C ALA B 411 2.41 -1.24 11.97
N GLU B 412 3.15 -0.15 12.19
CA GLU B 412 4.55 -0.07 11.80
C GLU B 412 5.35 -1.21 12.43
N SER B 413 5.17 -1.41 13.73
CA SER B 413 5.87 -2.50 14.43
C SER B 413 5.59 -3.85 13.79
N ASN B 414 4.32 -4.18 13.56
CA ASN B 414 4.01 -5.49 13.00
C ASN B 414 4.59 -5.67 11.61
N MET B 415 4.55 -4.63 10.76
CA MET B 415 5.11 -4.84 9.42
C MET B 415 6.63 -5.01 9.50
N ASN B 416 7.29 -4.31 10.41
CA ASN B 416 8.72 -4.55 10.61
C ASN B 416 8.96 -5.99 11.07
N ASP B 417 8.08 -6.52 11.92
CA ASP B 417 8.18 -7.92 12.33
C ASP B 417 8.04 -8.87 11.14
N LEU B 418 7.07 -8.61 10.26
CA LEU B 418 6.91 -9.43 9.06
C LEU B 418 8.19 -9.47 8.25
N VAL B 419 8.79 -8.30 8.03
CA VAL B 419 10.05 -8.24 7.28
C VAL B 419 11.12 -9.07 7.99
N SER B 420 11.20 -8.94 9.32
CA SER B 420 12.21 -9.70 10.07
C SER B 420 11.99 -11.20 9.95
N GLU B 421 10.74 -11.65 9.87
CA GLU B 421 10.46 -13.07 9.73
C GLU B 421 10.91 -13.58 8.37
N TYR B 422 10.62 -12.81 7.31
CA TYR B 422 11.13 -13.16 6.00
C TYR B 422 12.65 -13.24 6.00
N GLN B 423 13.31 -12.32 6.73
CA GLN B 423 14.77 -12.36 6.77
C GLN B 423 15.26 -13.61 7.50
N GLN B 424 14.58 -13.98 8.58
CA GLN B 424 14.96 -15.18 9.33
C GLN B 424 14.92 -16.41 8.43
N TYR B 425 13.85 -16.54 7.63
CA TYR B 425 13.78 -17.72 6.77
C TYR B 425 14.64 -17.61 5.52
N GLN B 426 14.98 -16.39 5.10
CA GLN B 426 15.97 -16.23 4.04
C GLN B 426 17.34 -16.68 4.50
N ASP B 427 17.64 -16.52 5.80
CA ASP B 427 18.93 -16.94 6.33
C ASP B 427 18.96 -18.38 6.83
N ALA B 428 17.81 -19.00 7.06
CA ALA B 428 17.78 -20.36 7.63
C ALA B 428 18.58 -21.39 6.83
N MET C 1 -26.09 15.26 -4.73
CA MET C 1 -25.01 14.58 -4.03
C MET C 1 -23.69 15.31 -4.33
N ARG C 2 -22.96 15.65 -3.25
CA ARG C 2 -21.71 16.41 -3.31
C ARG C 2 -21.95 17.89 -3.65
N GLU C 3 -23.01 18.47 -3.12
CA GLU C 3 -23.28 19.88 -3.38
C GLU C 3 -22.31 20.75 -2.60
N CYS C 4 -21.97 21.90 -3.19
CA CYS C 4 -21.19 22.93 -2.51
C CYS C 4 -22.02 24.21 -2.43
N ILE C 5 -22.00 24.86 -1.28
CA ILE C 5 -22.72 26.12 -1.08
C ILE C 5 -21.70 27.24 -1.01
N SER C 6 -21.89 28.27 -1.85
CA SER C 6 -21.02 29.42 -1.87
C SER C 6 -21.63 30.57 -1.08
N ILE C 7 -20.79 31.22 -0.27
CA ILE C 7 -21.20 32.35 0.54
C ILE C 7 -20.25 33.50 0.22
N HIS C 8 -20.79 34.61 -0.25
CA HIS C 8 -19.99 35.77 -0.64
C HIS C 8 -20.29 36.90 0.32
N VAL C 9 -19.25 37.38 1.02
CA VAL C 9 -19.42 38.28 2.16
C VAL C 9 -18.67 39.57 1.87
N GLY C 10 -19.36 40.70 2.05
CA GLY C 10 -18.77 42.00 1.83
C GLY C 10 -18.66 42.36 0.36
N GLN C 11 -18.16 43.58 0.13
CA GLN C 11 -18.03 44.07 -1.24
C GLN C 11 -17.16 43.16 -2.08
N ALA C 12 -15.96 42.85 -1.60
CA ALA C 12 -15.03 42.03 -2.37
C ALA C 12 -15.62 40.65 -2.66
N GLY C 13 -16.18 40.02 -1.63
CA GLY C 13 -16.76 38.70 -1.83
C GLY C 13 -17.90 38.72 -2.82
N VAL C 14 -18.77 39.74 -2.73
CA VAL C 14 -19.94 39.80 -3.60
C VAL C 14 -19.54 40.07 -5.04
N GLN C 15 -18.58 40.96 -5.27
CA GLN C 15 -18.20 41.28 -6.63
C GLN C 15 -17.41 40.14 -7.27
N ILE C 16 -16.57 39.45 -6.49
CA ILE C 16 -15.89 38.27 -7.00
C ILE C 16 -16.89 37.15 -7.27
N GLY C 17 -17.93 37.04 -6.44
CA GLY C 17 -19.02 36.13 -6.73
C GLY C 17 -19.72 36.47 -8.03
N ASN C 18 -19.95 37.77 -8.27
CA ASN C 18 -20.51 38.22 -9.53
C ASN C 18 -19.71 37.65 -10.70
N ALA C 19 -18.39 37.87 -10.66
CA ALA C 19 -17.54 37.43 -11.77
C ALA C 19 -17.54 35.92 -11.89
N CYS C 20 -17.45 35.22 -10.75
CA CYS C 20 -17.38 33.76 -10.75
C CYS C 20 -18.65 33.14 -11.31
N TRP C 21 -19.81 33.62 -10.89
CA TRP C 21 -21.06 33.00 -11.35
C TRP C 21 -21.34 33.35 -12.81
N GLU C 22 -20.97 34.55 -13.26
CA GLU C 22 -21.07 34.81 -14.69
C GLU C 22 -20.20 33.84 -15.48
N LEU C 23 -18.96 33.61 -15.00
CA LEU C 23 -18.07 32.68 -15.69
C LEU C 23 -18.60 31.26 -15.67
N TYR C 24 -19.17 30.84 -14.53
CA TYR C 24 -19.78 29.52 -14.44
C TYR C 24 -20.91 29.35 -15.45
N CYS C 25 -21.79 30.34 -15.52
CA CYS C 25 -22.88 30.29 -16.49
C CYS C 25 -22.35 30.17 -17.91
N LEU C 26 -21.30 30.91 -18.23
CA LEU C 26 -20.71 30.79 -19.57
C LEU C 26 -20.09 29.41 -19.78
N GLU C 27 -19.45 28.85 -18.75
CA GLU C 27 -18.80 27.55 -18.91
C GLU C 27 -19.81 26.42 -19.06
N HIS C 28 -20.99 26.58 -18.48
CA HIS C 28 -21.99 25.51 -18.53
C HIS C 28 -23.11 25.78 -19.53
N GLY C 29 -23.06 26.90 -20.24
CA GLY C 29 -24.14 27.22 -21.18
C GLY C 29 -25.43 27.59 -20.50
N ILE C 30 -25.37 28.27 -19.36
CA ILE C 30 -26.54 28.75 -18.66
C ILE C 30 -26.76 30.21 -19.02
N GLN C 31 -27.95 30.52 -19.52
CA GLN C 31 -28.30 31.88 -19.90
C GLN C 31 -28.54 32.75 -18.67
N PRO C 32 -28.51 34.07 -18.83
CA PRO C 32 -28.75 34.95 -17.68
C PRO C 32 -30.09 34.72 -16.99
N ASP C 33 -31.10 34.20 -17.70
CA ASP C 33 -32.39 33.93 -17.09
C ASP C 33 -32.41 32.58 -16.37
N GLY C 34 -31.28 31.89 -16.29
CA GLY C 34 -31.21 30.61 -15.63
C GLY C 34 -31.47 29.41 -16.51
N GLN C 35 -31.90 29.63 -17.75
CA GLN C 35 -32.19 28.51 -18.63
C GLN C 35 -30.91 27.91 -19.20
N MET C 36 -30.92 26.58 -19.37
CA MET C 36 -29.78 25.84 -19.88
C MET C 36 -30.30 24.85 -20.92
N PRO C 37 -30.32 25.24 -22.19
CA PRO C 37 -30.93 24.39 -23.22
C PRO C 37 -30.37 22.98 -23.30
N SER C 38 -29.07 22.80 -23.02
CA SER C 38 -28.47 21.47 -23.13
C SER C 38 -28.85 20.53 -22.00
N ASP C 39 -29.51 21.01 -20.95
CA ASP C 39 -29.90 20.18 -19.82
C ASP C 39 -31.28 19.58 -20.10
N LYS C 40 -31.32 18.28 -20.37
CA LYS C 40 -32.55 17.60 -20.75
C LYS C 40 -33.35 17.05 -19.58
N THR C 41 -32.80 17.06 -18.37
CA THR C 41 -33.53 16.66 -17.17
C THR C 41 -34.04 17.92 -16.48
N ILE C 42 -35.35 18.14 -16.58
CA ILE C 42 -35.95 19.37 -16.06
C ILE C 42 -36.22 19.23 -14.56
N GLY C 43 -35.87 20.27 -13.80
CA GLY C 43 -36.22 20.32 -12.40
C GLY C 43 -35.32 19.53 -11.47
N GLY C 44 -34.34 18.81 -11.99
CA GLY C 44 -33.46 18.05 -11.13
C GLY C 44 -32.38 17.38 -11.94
N GLY C 45 -31.71 16.43 -11.30
CA GLY C 45 -30.61 15.69 -11.91
C GLY C 45 -29.42 15.63 -10.97
N ASP C 46 -28.48 14.75 -11.34
CA ASP C 46 -27.23 14.61 -10.62
C ASP C 46 -26.05 14.78 -11.56
N ASP C 47 -26.14 15.75 -12.46
CA ASP C 47 -25.01 16.10 -13.29
C ASP C 47 -23.95 16.84 -12.48
N SER C 48 -22.75 16.92 -13.05
CA SER C 48 -21.64 17.53 -12.32
C SER C 48 -21.94 18.98 -11.99
N PHE C 49 -22.51 19.73 -12.94
CA PHE C 49 -22.80 21.13 -12.68
C PHE C 49 -23.87 21.32 -11.61
N ASN C 50 -24.59 20.25 -11.26
CA ASN C 50 -25.56 20.36 -10.18
C ASN C 50 -24.92 20.44 -8.80
N THR C 51 -23.60 20.20 -8.69
CA THR C 51 -22.93 20.47 -7.42
C THR C 51 -23.01 21.95 -7.07
N PHE C 52 -23.10 22.82 -8.07
CA PHE C 52 -23.14 24.26 -7.87
C PHE C 52 -24.48 24.91 -8.22
N PHE C 53 -25.30 24.28 -9.05
CA PHE C 53 -26.61 24.81 -9.42
C PHE C 53 -27.70 23.83 -9.04
N SER C 54 -28.74 24.34 -8.39
CA SER C 54 -29.98 23.58 -8.25
C SER C 54 -30.88 23.93 -9.44
N GLU C 55 -31.98 23.20 -9.55
CA GLU C 55 -32.86 23.37 -10.70
C GLU C 55 -34.31 23.49 -10.25
N THR C 56 -35.02 24.44 -10.85
CA THR C 56 -36.45 24.57 -10.63
C THR C 56 -37.20 23.80 -11.71
N GLY C 57 -38.48 23.54 -11.42
CA GLY C 57 -39.31 22.85 -12.39
C GLY C 57 -39.49 23.63 -13.68
N ALA C 58 -39.38 24.96 -13.61
CA ALA C 58 -39.48 25.81 -14.78
C ALA C 58 -38.21 25.80 -15.62
N GLY C 59 -37.20 25.06 -15.22
CA GLY C 59 -35.98 24.93 -15.98
C GLY C 59 -34.88 25.91 -15.63
N LYS C 60 -35.07 26.71 -14.58
CA LYS C 60 -34.05 27.66 -14.17
C LYS C 60 -32.97 26.97 -13.33
N HIS C 61 -31.72 27.28 -13.63
CA HIS C 61 -30.58 26.77 -12.87
C HIS C 61 -30.09 27.88 -11.95
N VAL C 62 -30.22 27.64 -10.65
CA VAL C 62 -30.05 28.65 -9.61
C VAL C 62 -28.76 28.36 -8.86
N PRO C 63 -27.86 29.33 -8.73
CA PRO C 63 -26.64 29.12 -7.94
C PRO C 63 -26.96 28.70 -6.51
N ARG C 64 -26.21 27.72 -6.01
CA ARG C 64 -26.25 27.37 -4.59
C ARG C 64 -25.36 28.37 -3.84
N ALA C 65 -25.87 29.59 -3.71
CA ALA C 65 -25.05 30.70 -3.26
C ALA C 65 -25.88 31.68 -2.43
N VAL C 66 -25.23 32.26 -1.43
CA VAL C 66 -25.79 33.37 -0.66
C VAL C 66 -24.84 34.55 -0.80
N PHE C 67 -25.40 35.74 -1.03
CA PHE C 67 -24.66 36.99 -1.03
C PHE C 67 -25.04 37.78 0.21
N VAL C 68 -24.03 38.18 0.99
CA VAL C 68 -24.24 38.87 2.26
C VAL C 68 -23.39 40.13 2.28
N ASP C 69 -24.02 41.26 2.59
CA ASP C 69 -23.30 42.51 2.83
C ASP C 69 -24.08 43.31 3.86
N LEU C 70 -23.37 44.08 4.68
CA LEU C 70 -24.01 44.86 5.73
C LEU C 70 -24.55 46.20 5.23
N GLU C 71 -24.17 46.63 4.05
CA GLU C 71 -24.79 47.76 3.37
C GLU C 71 -25.29 47.30 2.01
N PRO C 72 -26.25 48.01 1.41
CA PRO C 72 -26.98 47.40 0.28
C PRO C 72 -26.49 47.79 -1.11
N THR C 73 -25.54 48.72 -1.24
CA THR C 73 -25.28 49.31 -2.55
C THR C 73 -24.62 48.33 -3.53
N VAL C 74 -23.84 47.37 -3.03
CA VAL C 74 -23.16 46.45 -3.93
C VAL C 74 -24.11 45.33 -4.37
N ILE C 75 -24.88 44.78 -3.43
CA ILE C 75 -25.82 43.72 -3.78
C ILE C 75 -26.99 44.27 -4.58
N ASP C 76 -27.32 45.56 -4.41
CA ASP C 76 -28.36 46.18 -5.24
C ASP C 76 -27.99 46.13 -6.71
N GLU C 77 -26.69 46.21 -7.04
CA GLU C 77 -26.30 46.09 -8.44
C GLU C 77 -26.48 44.67 -8.95
N VAL C 78 -26.37 43.67 -8.08
CA VAL C 78 -26.76 42.31 -8.45
C VAL C 78 -28.27 42.25 -8.68
N ARG C 79 -29.04 42.86 -7.77
CA ARG C 79 -30.49 42.81 -7.86
C ARG C 79 -31.00 43.47 -9.14
N THR C 80 -30.26 44.46 -9.66
CA THR C 80 -30.69 45.19 -10.85
C THR C 80 -29.87 44.87 -12.09
N GLY C 81 -28.84 44.04 -11.97
CA GLY C 81 -27.90 43.81 -13.05
C GLY C 81 -28.32 42.75 -14.04
N THR C 82 -27.33 42.29 -14.82
CA THR C 82 -27.58 41.37 -15.92
C THR C 82 -28.14 40.04 -15.43
N TYR C 83 -27.57 39.48 -14.37
CA TYR C 83 -27.92 38.15 -13.90
C TYR C 83 -28.89 38.18 -12.71
N ARG C 84 -29.67 39.27 -12.59
CA ARG C 84 -30.64 39.38 -11.51
C ARG C 84 -31.62 38.20 -11.49
N GLN C 85 -32.03 37.73 -12.67
CA GLN C 85 -32.97 36.62 -12.73
C GLN C 85 -32.35 35.32 -12.24
N LEU C 86 -31.02 35.23 -12.20
CA LEU C 86 -30.36 34.01 -11.80
C LEU C 86 -30.69 33.63 -10.35
N PHE C 87 -30.77 34.62 -9.47
CA PHE C 87 -30.91 34.39 -8.05
C PHE C 87 -32.34 34.62 -7.58
N HIS C 88 -32.71 33.90 -6.54
CA HIS C 88 -33.95 34.18 -5.83
C HIS C 88 -33.69 35.33 -4.87
N PRO C 89 -34.64 36.25 -4.69
CA PRO C 89 -34.38 37.42 -3.84
C PRO C 89 -33.82 37.10 -2.47
N GLU C 90 -34.25 35.98 -1.89
CA GLU C 90 -33.83 35.55 -0.56
C GLU C 90 -32.37 35.14 -0.50
N GLN C 91 -31.71 34.97 -1.65
CA GLN C 91 -30.29 34.66 -1.67
C GLN C 91 -29.42 35.90 -1.53
N LEU C 92 -29.99 37.08 -1.72
CA LEU C 92 -29.26 38.34 -1.67
C LEU C 92 -29.70 39.07 -0.41
N ILE C 93 -28.82 39.09 0.60
CA ILE C 93 -29.14 39.59 1.92
C ILE C 93 -28.32 40.84 2.18
N THR C 94 -28.98 41.94 2.53
CA THR C 94 -28.33 43.20 2.83
C THR C 94 -28.85 43.81 4.11
N GLY C 95 -27.95 44.51 4.81
CA GLY C 95 -28.33 45.44 5.86
C GLY C 95 -28.43 46.86 5.34
N LYS C 96 -28.45 47.80 6.28
CA LYS C 96 -28.56 49.22 5.97
C LYS C 96 -27.28 50.00 6.28
N GLU C 97 -26.43 49.47 7.15
CA GLU C 97 -25.26 50.17 7.65
C GLU C 97 -24.09 49.21 7.68
N ASP C 98 -22.97 49.60 7.06
CA ASP C 98 -21.86 48.68 6.93
C ASP C 98 -21.00 48.70 8.20
N ALA C 99 -19.91 47.95 8.17
CA ALA C 99 -19.05 47.81 9.33
C ALA C 99 -17.94 48.86 9.38
N ALA C 100 -17.96 49.81 8.45
CA ALA C 100 -17.04 50.96 8.44
C ALA C 100 -15.59 50.54 8.61
N ASN C 101 -15.21 49.47 7.90
CA ASN C 101 -13.82 48.96 7.90
C ASN C 101 -13.40 48.56 9.31
N ASN C 102 -14.35 48.14 10.14
CA ASN C 102 -14.10 47.83 11.54
C ASN C 102 -14.52 46.39 11.79
N TYR C 103 -13.53 45.51 11.98
CA TYR C 103 -13.73 44.12 12.36
C TYR C 103 -14.73 44.01 13.51
N ALA C 104 -14.62 44.89 14.50
CA ALA C 104 -15.49 44.79 15.66
C ALA C 104 -16.94 45.04 15.28
N ARG C 105 -17.18 45.97 14.36
CA ARG C 105 -18.54 46.22 13.90
C ARG C 105 -19.05 45.08 13.04
N GLY C 106 -18.18 44.47 12.24
CA GLY C 106 -18.61 43.35 11.41
C GLY C 106 -18.93 42.11 12.22
N HIS C 107 -18.10 41.82 13.23
CA HIS C 107 -18.28 40.62 14.04
C HIS C 107 -19.34 40.80 15.11
N TYR C 108 -19.36 41.95 15.79
CA TYR C 108 -20.23 42.18 16.94
C TYR C 108 -21.34 43.17 16.64
N THR C 109 -21.03 44.47 16.54
CA THR C 109 -22.06 45.51 16.63
C THR C 109 -23.13 45.36 15.56
N ILE C 110 -22.73 45.32 14.30
CA ILE C 110 -23.70 45.24 13.21
C ILE C 110 -23.98 43.79 12.81
N GLY C 111 -22.91 42.99 12.74
CA GLY C 111 -23.05 41.61 12.32
C GLY C 111 -24.07 40.80 13.11
N LYS C 112 -24.10 40.98 14.43
CA LYS C 112 -25.03 40.22 15.26
C LYS C 112 -26.49 40.46 14.89
N GLU C 113 -26.78 41.53 14.15
CA GLU C 113 -28.17 41.84 13.81
C GLU C 113 -28.66 41.08 12.58
N ILE C 114 -27.76 40.54 11.77
CA ILE C 114 -28.13 39.86 10.54
C ILE C 114 -27.66 38.41 10.49
N ILE C 115 -26.87 37.95 11.46
CA ILE C 115 -26.26 36.62 11.41
C ILE C 115 -27.32 35.53 11.41
N ASP C 116 -28.38 35.70 12.21
CA ASP C 116 -29.41 34.67 12.30
C ASP C 116 -30.16 34.53 10.97
N LEU C 117 -30.47 35.66 10.34
CA LEU C 117 -31.12 35.63 9.03
C LEU C 117 -30.22 34.96 8.00
N VAL C 118 -28.92 35.27 8.01
CA VAL C 118 -28.00 34.68 7.04
C VAL C 118 -27.93 33.17 7.24
N LEU C 119 -27.82 32.73 8.50
CA LEU C 119 -27.80 31.30 8.78
C LEU C 119 -29.10 30.64 8.36
N ASP C 120 -30.23 31.33 8.51
CA ASP C 120 -31.51 30.79 8.10
C ASP C 120 -31.55 30.55 6.58
N ARG C 121 -31.07 31.53 5.81
CA ARG C 121 -31.05 31.36 4.35
C ARG C 121 -30.06 30.28 3.93
N ILE C 122 -28.95 30.15 4.65
CA ILE C 122 -28.00 29.08 4.35
C ILE C 122 -28.62 27.73 4.66
N ARG C 123 -29.36 27.62 5.76
CA ARG C 123 -30.12 26.41 6.06
C ARG C 123 -31.11 26.09 4.96
N LYS C 124 -31.76 27.12 4.40
CA LYS C 124 -32.69 26.87 3.31
C LYS C 124 -31.98 26.29 2.09
N LEU C 125 -30.76 26.76 1.81
CA LEU C 125 -30.00 26.15 0.73
C LEU C 125 -29.55 24.73 1.07
N ALA C 126 -29.08 24.52 2.31
CA ALA C 126 -28.59 23.20 2.71
C ALA C 126 -29.67 22.15 2.67
N ASP C 127 -30.91 22.51 3.02
CA ASP C 127 -32.00 21.55 3.01
C ASP C 127 -32.32 21.06 1.60
N GLN C 128 -31.94 21.81 0.58
CA GLN C 128 -32.15 21.37 -0.80
C GLN C 128 -31.10 20.37 -1.27
N CYS C 129 -30.11 20.06 -0.42
CA CYS C 129 -28.99 19.22 -0.81
C CYS C 129 -29.21 17.80 -0.31
N THR C 130 -29.00 16.83 -1.19
CA THR C 130 -29.05 15.42 -0.79
C THR C 130 -27.75 14.95 -0.16
N GLY C 131 -26.64 15.64 -0.43
CA GLY C 131 -25.35 15.27 0.11
C GLY C 131 -24.38 16.43 0.12
N LEU C 132 -24.67 17.44 0.95
CA LEU C 132 -23.83 18.63 1.02
C LEU C 132 -22.39 18.26 1.37
N GLN C 133 -21.46 18.75 0.56
CA GLN C 133 -20.04 18.51 0.79
C GLN C 133 -19.37 19.61 1.58
N GLY C 134 -19.87 20.83 1.50
CA GLY C 134 -19.34 21.91 2.32
C GLY C 134 -19.58 23.28 1.68
N PHE C 135 -18.79 24.24 2.14
CA PHE C 135 -19.00 25.65 1.86
C PHE C 135 -17.74 26.26 1.26
N LEU C 136 -17.95 27.24 0.39
CA LEU C 136 -16.89 28.08 -0.16
C LEU C 136 -17.20 29.52 0.22
N VAL C 137 -16.32 30.16 0.99
CA VAL C 137 -16.59 31.46 1.59
C VAL C 137 -15.63 32.47 0.98
N PHE C 138 -16.18 33.47 0.33
CA PHE C 138 -15.42 34.50 -0.38
C PHE C 138 -15.48 35.78 0.43
N HIS C 139 -14.33 36.37 0.71
CA HIS C 139 -14.31 37.57 1.54
C HIS C 139 -12.95 38.24 1.47
N SER C 140 -12.92 39.52 1.84
CA SER C 140 -11.67 40.26 1.99
C SER C 140 -11.15 40.16 3.41
N PHE C 141 -9.82 40.27 3.54
CA PHE C 141 -9.21 40.39 4.87
C PHE C 141 -9.43 41.77 5.47
N GLY C 142 -9.50 42.80 4.62
CA GLY C 142 -9.39 44.17 5.09
C GLY C 142 -10.69 44.85 5.48
N GLY C 143 -11.79 44.44 4.87
CA GLY C 143 -13.04 45.12 5.14
C GLY C 143 -13.66 44.74 6.47
N GLY C 144 -14.50 45.63 6.99
CA GLY C 144 -15.15 45.34 8.25
C GLY C 144 -16.07 44.14 8.16
N THR C 145 -16.88 44.09 7.11
CA THR C 145 -17.76 42.93 6.93
C THR C 145 -16.92 41.72 6.56
N GLY C 146 -16.12 41.85 5.49
CA GLY C 146 -15.28 40.75 5.01
C GLY C 146 -14.47 40.07 6.10
N SER C 147 -14.02 40.83 7.09
CA SER C 147 -13.27 40.21 8.19
C SER C 147 -14.18 39.77 9.34
N GLY C 148 -14.88 40.71 9.98
CA GLY C 148 -15.59 40.40 11.20
C GLY C 148 -16.81 39.52 10.97
N PHE C 149 -17.64 39.87 9.98
CA PHE C 149 -18.83 39.06 9.76
C PHE C 149 -18.45 37.68 9.24
N THR C 150 -17.38 37.61 8.43
CA THR C 150 -16.88 36.30 8.00
C THR C 150 -16.46 35.46 9.20
N SER C 151 -15.72 36.06 10.14
CA SER C 151 -15.32 35.30 11.34
C SER C 151 -16.54 34.82 12.11
N LEU C 152 -17.53 35.69 12.30
CA LEU C 152 -18.75 35.31 13.00
C LEU C 152 -19.46 34.16 12.28
N LEU C 153 -19.62 34.30 10.96
CA LEU C 153 -20.28 33.28 10.16
C LEU C 153 -19.55 31.95 10.22
N MET C 154 -18.21 31.98 10.17
CA MET C 154 -17.45 30.72 10.20
C MET C 154 -17.61 30.01 11.53
N GLU C 155 -17.56 30.77 12.64
CA GLU C 155 -17.82 30.18 13.95
C GLU C 155 -19.21 29.55 13.99
N ARG C 156 -20.22 30.30 13.54
CA ARG C 156 -21.59 29.80 13.57
C ARG C 156 -21.77 28.60 12.65
N LEU C 157 -21.07 28.57 11.52
CA LEU C 157 -21.14 27.44 10.61
C LEU C 157 -20.48 26.20 11.21
N SER C 158 -19.38 26.38 11.94
CA SER C 158 -18.82 25.24 12.66
C SER C 158 -19.83 24.68 13.65
N VAL C 159 -20.59 25.57 14.31
CA VAL C 159 -21.60 25.09 15.26
C VAL C 159 -22.72 24.36 14.53
N ASP C 160 -23.24 24.95 13.45
CA ASP C 160 -24.42 24.40 12.77
C ASP C 160 -24.11 23.20 11.89
N TYR C 161 -22.86 23.00 11.46
CA TYR C 161 -22.57 21.89 10.57
C TYR C 161 -21.31 21.11 10.98
N GLY C 162 -20.96 21.10 12.27
CA GLY C 162 -19.79 20.38 12.75
C GLY C 162 -18.55 20.55 11.89
N LYS C 163 -17.89 19.43 11.59
CA LYS C 163 -16.64 19.37 10.85
C LYS C 163 -16.84 19.46 9.34
N LYS C 164 -18.05 19.77 8.88
CA LYS C 164 -18.32 19.86 7.45
C LYS C 164 -17.32 20.84 6.82
N SER C 165 -16.87 20.50 5.62
CA SER C 165 -15.74 21.23 5.04
C SER C 165 -16.10 22.68 4.73
N LYS C 166 -15.17 23.57 5.06
CA LYS C 166 -15.30 25.00 4.77
C LYS C 166 -13.99 25.47 4.14
N LEU C 167 -14.07 25.97 2.92
CA LEU C 167 -12.94 26.50 2.18
C LEU C 167 -13.09 28.02 2.06
N GLU C 168 -11.97 28.74 2.07
CA GLU C 168 -11.98 30.18 1.91
C GLU C 168 -11.30 30.62 0.63
N PHE C 169 -11.84 31.68 0.05
CA PHE C 169 -11.14 32.54 -0.89
C PHE C 169 -11.03 33.92 -0.25
N SER C 170 -9.82 34.28 0.14
CA SER C 170 -9.55 35.41 1.01
C SER C 170 -8.74 36.43 0.23
N ILE C 171 -9.22 37.67 0.21
CA ILE C 171 -8.55 38.75 -0.51
C ILE C 171 -7.60 39.44 0.46
N TYR C 172 -6.31 39.26 0.22
CA TYR C 172 -5.21 39.79 1.01
C TYR C 172 -4.97 41.25 0.60
N PRO C 173 -4.77 42.15 1.55
CA PRO C 173 -4.79 43.57 1.23
C PRO C 173 -3.55 44.05 0.51
N ALA C 174 -3.76 45.00 -0.41
CA ALA C 174 -2.69 45.62 -1.19
C ALA C 174 -2.88 47.14 -1.19
N PRO C 175 -1.82 47.91 -0.95
CA PRO C 175 -1.97 49.38 -0.87
C PRO C 175 -2.48 50.02 -2.16
N GLN C 176 -2.32 49.38 -3.31
CA GLN C 176 -2.74 49.98 -4.57
C GLN C 176 -4.25 50.17 -4.64
N VAL C 177 -5.02 49.33 -3.95
CA VAL C 177 -6.48 49.39 -4.04
C VAL C 177 -7.12 49.32 -2.66
N SER C 178 -6.32 49.41 -1.60
CA SER C 178 -6.88 49.29 -0.26
C SER C 178 -7.61 50.57 0.12
N THR C 179 -8.58 50.43 1.02
CA THR C 179 -9.46 51.52 1.40
C THR C 179 -9.43 51.85 2.89
N ALA C 180 -8.61 51.17 3.68
CA ALA C 180 -8.59 51.39 5.12
C ALA C 180 -7.17 51.22 5.65
N VAL C 181 -6.78 52.13 6.55
CA VAL C 181 -5.48 52.02 7.19
C VAL C 181 -5.42 50.82 8.14
N VAL C 182 -6.56 50.40 8.69
CA VAL C 182 -6.61 49.38 9.74
C VAL C 182 -6.74 47.98 9.15
N GLU C 183 -6.60 47.87 7.83
CA GLU C 183 -6.71 46.56 7.17
C GLU C 183 -5.75 45.53 7.74
N PRO C 184 -4.54 45.88 8.18
CA PRO C 184 -3.72 44.89 8.89
C PRO C 184 -4.37 44.38 10.18
N TYR C 185 -4.97 45.27 10.97
CA TYR C 185 -5.69 44.85 12.15
C TYR C 185 -6.78 43.85 11.80
N ASN C 186 -7.61 44.23 10.82
CA ASN C 186 -8.72 43.37 10.43
C ASN C 186 -8.23 42.03 9.91
N SER C 187 -7.16 42.04 9.12
CA SER C 187 -6.60 40.80 8.59
C SER C 187 -6.18 39.86 9.70
N ILE C 188 -5.42 40.37 10.67
CA ILE C 188 -4.90 39.50 11.71
C ILE C 188 -6.03 39.00 12.60
N LEU C 189 -7.01 39.86 12.91
CA LEU C 189 -8.13 39.43 13.74
C LEU C 189 -8.92 38.32 13.06
N THR C 190 -9.26 38.50 11.77
CA THR C 190 -10.09 37.50 11.11
C THR C 190 -9.32 36.22 10.86
N THR C 191 -8.01 36.30 10.60
CA THR C 191 -7.23 35.09 10.41
C THR C 191 -7.15 34.29 11.71
N HIS C 192 -6.90 34.98 12.83
CA HIS C 192 -6.87 34.29 14.12
C HIS C 192 -8.21 33.62 14.42
N THR C 193 -9.31 34.35 14.27
CA THR C 193 -10.59 33.78 14.67
C THR C 193 -11.06 32.68 13.71
N THR C 194 -10.64 32.74 12.44
CA THR C 194 -11.11 31.78 11.45
C THR C 194 -10.22 30.54 11.38
N LEU C 195 -8.99 30.62 11.88
CA LEU C 195 -7.99 29.57 11.67
C LEU C 195 -8.51 28.19 12.06
N GLU C 196 -9.21 28.10 13.20
CA GLU C 196 -9.72 26.81 13.67
C GLU C 196 -10.90 26.30 12.87
N HIS C 197 -11.60 27.17 12.13
CA HIS C 197 -12.86 26.82 11.51
C HIS C 197 -12.76 26.63 10.00
N SER C 198 -11.60 26.89 9.41
CA SER C 198 -11.40 26.74 7.97
C SER C 198 -10.53 25.54 7.71
N ASP C 199 -10.94 24.70 6.76
CA ASP C 199 -10.19 23.51 6.39
C ASP C 199 -9.14 23.78 5.31
N CYS C 200 -9.32 24.84 4.54
CA CYS C 200 -8.44 25.19 3.44
C CYS C 200 -8.74 26.61 2.98
N ALA C 201 -7.71 27.45 2.87
CA ALA C 201 -7.91 28.85 2.48
C ALA C 201 -6.97 29.21 1.35
N PHE C 202 -7.53 29.73 0.26
CA PHE C 202 -6.77 30.19 -0.88
C PHE C 202 -6.66 31.71 -0.80
N MET C 203 -5.47 32.20 -0.47
CA MET C 203 -5.26 33.64 -0.37
C MET C 203 -4.98 34.23 -1.74
N VAL C 204 -5.59 35.37 -2.02
CA VAL C 204 -5.38 36.10 -3.26
C VAL C 204 -4.85 37.48 -2.89
N ASP C 205 -3.56 37.71 -3.16
CA ASP C 205 -2.92 38.99 -2.90
C ASP C 205 -3.35 39.96 -4.00
N ASN C 206 -4.09 41.00 -3.61
CA ASN C 206 -4.53 42.00 -4.58
C ASN C 206 -3.36 42.64 -5.31
N GLU C 207 -2.20 42.79 -4.66
CA GLU C 207 -1.04 43.35 -5.34
C GLU C 207 -0.55 42.41 -6.43
N ALA C 208 -0.54 41.11 -6.16
CA ALA C 208 -0.11 40.14 -7.18
C ALA C 208 -1.03 40.18 -8.39
N ILE C 209 -2.35 40.20 -8.17
CA ILE C 209 -3.30 40.29 -9.27
C ILE C 209 -3.13 41.61 -10.00
N TYR C 210 -2.96 42.70 -9.26
CA TYR C 210 -2.74 44.02 -9.84
C TYR C 210 -1.55 44.01 -10.78
N ASP C 211 -0.43 43.46 -10.29
CA ASP C 211 0.79 43.42 -11.09
C ASP C 211 0.65 42.50 -12.28
N ILE C 212 -0.04 41.38 -12.12
CA ILE C 212 -0.28 40.49 -13.25
C ILE C 212 -1.09 41.21 -14.32
N CYS C 213 -2.12 41.94 -13.91
CA CYS C 213 -2.92 42.66 -14.91
C CYS C 213 -2.08 43.69 -15.64
N ARG C 214 -1.31 44.49 -14.88
CA ARG C 214 -0.47 45.51 -15.49
C ARG C 214 0.55 44.91 -16.45
N ARG C 215 1.23 43.85 -16.01
CA ARG C 215 2.37 43.32 -16.73
C ARG C 215 1.96 42.44 -17.91
N ASN C 216 1.04 41.50 -17.69
CA ASN C 216 0.67 40.53 -18.70
C ASN C 216 -0.50 40.98 -19.56
N LEU C 217 -1.38 41.84 -19.05
CA LEU C 217 -2.51 42.31 -19.84
C LEU C 217 -2.36 43.76 -20.29
N ASP C 218 -1.29 44.45 -19.87
CA ASP C 218 -1.03 45.84 -20.27
C ASP C 218 -2.19 46.76 -19.92
N ILE C 219 -2.79 46.53 -18.76
CA ILE C 219 -3.79 47.44 -18.20
C ILE C 219 -3.05 48.46 -17.35
N GLU C 220 -3.20 49.74 -17.71
CA GLU C 220 -2.43 50.79 -17.05
C GLU C 220 -2.77 50.90 -15.57
N ARG C 221 -4.06 50.90 -15.25
CA ARG C 221 -4.55 51.07 -13.89
C ARG C 221 -5.69 50.08 -13.71
N PRO C 222 -5.39 48.85 -13.31
CA PRO C 222 -6.44 47.82 -13.21
C PRO C 222 -7.52 48.22 -12.22
N THR C 223 -8.75 47.88 -12.56
CA THR C 223 -9.89 48.07 -11.69
C THR C 223 -10.27 46.76 -11.01
N TYR C 224 -11.20 46.87 -10.07
CA TYR C 224 -11.76 45.68 -9.44
C TYR C 224 -12.31 44.72 -10.48
N THR C 225 -12.84 45.24 -11.58
CA THR C 225 -13.37 44.36 -12.62
C THR C 225 -12.27 43.52 -13.25
N ASN C 226 -11.15 44.15 -13.61
CA ASN C 226 -10.02 43.40 -14.15
C ASN C 226 -9.56 42.34 -13.15
N LEU C 227 -9.31 42.77 -11.92
CA LEU C 227 -8.82 41.86 -10.89
C LEU C 227 -9.77 40.69 -10.70
N ASN C 228 -11.08 40.97 -10.65
CA ASN C 228 -12.05 39.94 -10.35
C ASN C 228 -12.24 38.96 -11.51
N ARG C 229 -12.14 39.43 -12.75
CA ARG C 229 -12.21 38.49 -13.86
C ARG C 229 -11.03 37.51 -13.81
N LEU C 230 -9.83 38.02 -13.51
CA LEU C 230 -8.69 37.12 -13.37
C LEU C 230 -8.90 36.15 -12.19
N ILE C 231 -9.32 36.70 -11.05
CA ILE C 231 -9.54 35.88 -9.86
C ILE C 231 -10.59 34.80 -10.12
N SER C 232 -11.64 35.15 -10.89
CA SER C 232 -12.67 34.18 -11.20
C SER C 232 -12.12 33.09 -12.11
N GLN C 233 -11.19 33.41 -13.00
CA GLN C 233 -10.53 32.36 -13.76
C GLN C 233 -9.80 31.38 -12.84
N ILE C 234 -9.11 31.90 -11.82
CA ILE C 234 -8.40 30.99 -10.90
C ILE C 234 -9.39 30.14 -10.10
N VAL C 235 -10.43 30.78 -9.59
CA VAL C 235 -11.47 30.08 -8.83
C VAL C 235 -12.12 28.98 -9.68
N SER C 236 -12.40 29.29 -10.94
CA SER C 236 -12.98 28.30 -11.85
C SER C 236 -12.03 27.13 -12.06
N SER C 237 -10.73 27.41 -12.23
CA SER C 237 -9.77 26.33 -12.32
C SER C 237 -9.83 25.43 -11.08
N ILE C 238 -10.05 26.04 -9.91
CA ILE C 238 -10.04 25.25 -8.68
C ILE C 238 -11.33 24.43 -8.54
N THR C 239 -12.48 24.99 -8.93
CA THR C 239 -13.77 24.32 -8.77
C THR C 239 -14.20 23.49 -9.98
N ALA C 240 -13.40 23.51 -11.06
CA ALA C 240 -13.75 22.75 -12.26
C ALA C 240 -13.88 21.27 -11.96
N SER C 241 -13.05 20.75 -11.04
CA SER C 241 -13.14 19.33 -10.71
C SER C 241 -14.46 19.00 -10.05
N LEU C 242 -15.05 19.96 -9.33
CA LEU C 242 -16.37 19.75 -8.73
C LEU C 242 -17.48 19.98 -9.73
N ARG C 243 -17.26 20.80 -10.75
CA ARG C 243 -18.36 21.16 -11.64
C ARG C 243 -18.38 20.35 -12.94
N PHE C 244 -17.30 19.67 -13.29
CA PHE C 244 -17.25 18.86 -14.50
C PHE C 244 -16.79 17.46 -14.15
N ASP C 245 -17.15 16.52 -15.03
CA ASP C 245 -16.70 15.13 -14.94
C ASP C 245 -15.67 14.86 -16.03
N GLY C 246 -15.00 13.72 -15.90
CA GLY C 246 -13.95 13.33 -16.82
C GLY C 246 -13.15 12.16 -16.28
N ALA C 247 -12.37 11.51 -17.13
CA ALA C 247 -11.64 10.32 -16.72
C ALA C 247 -10.28 10.66 -16.12
N LEU C 248 -9.78 11.86 -16.41
CA LEU C 248 -8.54 12.36 -15.82
C LEU C 248 -8.82 13.46 -14.82
N ASN C 249 -10.09 13.66 -14.46
CA ASN C 249 -10.49 14.71 -13.53
C ASN C 249 -10.31 14.23 -12.10
N VAL C 250 -9.44 14.92 -11.35
CA VAL C 250 -9.12 14.56 -9.98
C VAL C 250 -9.88 15.52 -9.08
N ASP C 251 -10.51 14.99 -8.03
CA ASP C 251 -11.33 15.85 -7.18
C ASP C 251 -10.50 16.78 -6.29
N LEU C 252 -11.09 17.94 -6.01
CA LEU C 252 -10.44 18.94 -5.18
C LEU C 252 -10.13 18.39 -3.80
N THR C 253 -11.03 17.57 -3.25
CA THR C 253 -10.76 16.96 -1.96
C THR C 253 -9.53 16.07 -2.02
N GLU C 254 -9.32 15.40 -3.16
CA GLU C 254 -8.15 14.56 -3.32
C GLU C 254 -6.88 15.40 -3.40
N PHE C 255 -6.96 16.58 -4.03
CA PHE C 255 -5.85 17.52 -3.96
C PHE C 255 -5.62 18.00 -2.53
N GLN C 256 -6.71 18.27 -1.82
CA GLN C 256 -6.68 18.82 -0.47
C GLN C 256 -5.99 17.87 0.49
N THR C 257 -6.24 16.56 0.34
CA THR C 257 -5.55 15.54 1.13
C THR C 257 -4.04 15.76 1.10
N ASN C 258 -3.49 16.07 -0.09
CA ASN C 258 -2.06 16.30 -0.21
C ASN C 258 -1.68 17.71 0.25
N LEU C 259 -2.62 18.65 0.18
CA LEU C 259 -2.28 20.05 0.43
C LEU C 259 -2.33 20.45 1.89
N VAL C 260 -2.92 19.63 2.76
CA VAL C 260 -3.02 20.05 4.16
C VAL C 260 -2.35 19.01 5.05
N PRO C 261 -1.04 19.12 5.30
CA PRO C 261 -0.39 18.12 6.16
C PRO C 261 -0.73 18.27 7.63
N TYR C 262 -0.86 19.50 8.11
CA TYR C 262 -1.26 19.82 9.46
C TYR C 262 -2.46 20.77 9.40
N PRO C 263 -3.44 20.62 10.30
CA PRO C 263 -4.66 21.43 10.19
C PRO C 263 -4.39 22.91 10.02
N ARG C 264 -3.37 23.45 10.69
CA ARG C 264 -3.06 24.87 10.59
C ARG C 264 -2.38 25.22 9.28
N ILE C 265 -1.64 24.29 8.68
CA ILE C 265 -0.93 24.55 7.43
C ILE C 265 -1.87 24.27 6.25
N HIS C 266 -2.89 25.11 6.07
CA HIS C 266 -3.91 24.89 5.05
C HIS C 266 -4.04 26.07 4.10
N PHE C 267 -2.92 26.74 3.78
CA PHE C 267 -2.92 27.91 2.90
C PHE C 267 -2.12 27.61 1.65
N PRO C 268 -2.74 27.06 0.61
CA PRO C 268 -2.00 26.80 -0.63
C PRO C 268 -1.69 28.07 -1.39
N LEU C 269 -0.53 28.06 -2.04
CA LEU C 269 -0.14 29.09 -3.01
C LEU C 269 -0.66 28.66 -4.38
N ALA C 270 -1.46 29.53 -4.99
CA ALA C 270 -2.00 29.29 -6.32
C ALA C 270 -1.24 30.07 -7.37
N THR C 271 -0.97 29.43 -8.49
CA THR C 271 -0.33 30.04 -9.64
C THR C 271 -1.13 29.67 -10.89
N TYR C 272 -1.35 30.64 -11.78
CA TYR C 272 -2.23 30.41 -12.92
C TYR C 272 -1.55 30.82 -14.21
N ALA C 273 -1.74 30.02 -15.26
CA ALA C 273 -1.19 30.33 -16.56
C ALA C 273 -2.11 29.74 -17.63
N PRO C 274 -2.21 30.38 -18.80
CA PRO C 274 -1.54 31.63 -19.14
C PRO C 274 -2.44 32.86 -18.98
N VAL C 275 -1.86 33.98 -18.60
CA VAL C 275 -2.57 35.25 -18.57
C VAL C 275 -1.99 36.09 -19.71
N ILE C 276 -2.73 36.18 -20.81
CA ILE C 276 -2.22 36.76 -22.03
C ILE C 276 -3.32 37.57 -22.72
N SER C 277 -2.94 38.71 -23.28
CA SER C 277 -3.86 39.55 -24.04
C SER C 277 -4.18 38.86 -25.37
N ALA C 278 -5.37 39.17 -25.91
CA ALA C 278 -5.72 38.57 -27.20
C ALA C 278 -4.77 39.01 -28.31
N GLU C 279 -4.22 40.22 -28.22
CA GLU C 279 -3.27 40.66 -29.25
C GLU C 279 -2.01 39.83 -29.22
N LYS C 280 -1.53 39.46 -28.02
CA LYS C 280 -0.33 38.63 -27.93
C LYS C 280 -0.64 37.17 -28.24
N ALA C 281 -1.83 36.72 -27.85
CA ALA C 281 -2.24 35.33 -28.05
C ALA C 281 -2.42 35.00 -29.52
N TYR C 282 -2.87 35.97 -30.30
CA TYR C 282 -3.11 35.75 -31.73
C TYR C 282 -1.87 35.15 -32.39
N HIS C 283 -2.08 33.99 -33.04
CA HIS C 283 -1.04 33.22 -33.73
C HIS C 283 0.07 32.71 -32.81
N GLU C 284 -0.10 32.83 -31.49
CA GLU C 284 0.82 32.23 -30.53
C GLU C 284 0.10 31.19 -29.68
N GLN C 285 0.27 29.93 -30.05
CA GLN C 285 -0.33 28.83 -29.29
C GLN C 285 0.61 28.43 -28.16
N LEU C 286 0.16 28.58 -26.92
CA LEU C 286 0.97 28.20 -25.77
C LEU C 286 0.81 26.72 -25.49
N SER C 287 1.93 26.02 -25.39
CA SER C 287 1.92 24.58 -25.19
C SER C 287 1.75 24.23 -23.72
N VAL C 288 1.55 22.93 -23.47
CA VAL C 288 1.51 22.42 -22.11
C VAL C 288 2.81 22.72 -21.40
N ALA C 289 3.94 22.55 -22.10
CA ALA C 289 5.24 22.84 -21.51
C ALA C 289 5.38 24.31 -21.16
N GLU C 290 4.94 25.20 -22.05
CA GLU C 290 5.05 26.63 -21.79
C GLU C 290 4.22 27.03 -20.57
N ILE C 291 2.97 26.58 -20.49
CA ILE C 291 2.16 26.99 -19.36
C ILE C 291 2.65 26.34 -18.06
N THR C 292 3.15 25.11 -18.13
CA THR C 292 3.67 24.46 -16.94
C THR C 292 4.92 25.14 -16.44
N ASN C 293 5.79 25.59 -17.36
CA ASN C 293 6.92 26.42 -16.98
C ASN C 293 6.44 27.70 -16.32
N ALA C 294 5.40 28.32 -16.88
CA ALA C 294 4.88 29.55 -16.33
C ALA C 294 4.35 29.38 -14.91
N CYS C 295 3.98 28.15 -14.53
CA CYS C 295 3.53 27.93 -13.16
C CYS C 295 4.62 28.13 -12.12
N PHE C 296 5.90 28.07 -12.51
CA PHE C 296 7.01 28.20 -11.57
C PHE C 296 7.73 29.54 -11.68
N GLU C 297 7.12 30.51 -12.35
CA GLU C 297 7.62 31.87 -12.36
C GLU C 297 6.87 32.65 -11.29
N PRO C 298 7.55 33.16 -10.27
CA PRO C 298 6.84 33.86 -9.18
C PRO C 298 5.91 34.97 -9.64
N ALA C 299 6.23 35.62 -10.77
CA ALA C 299 5.40 36.71 -11.27
C ALA C 299 3.97 36.29 -11.56
N ASN C 300 3.70 34.99 -11.63
CA ASN C 300 2.36 34.48 -11.92
C ASN C 300 1.63 34.00 -10.67
N GLN C 301 2.18 34.23 -9.48
CA GLN C 301 1.56 33.72 -8.26
C GLN C 301 0.42 34.60 -7.78
N MET C 302 -0.54 33.97 -7.09
CA MET C 302 -1.64 34.68 -6.47
C MET C 302 -1.22 35.43 -5.21
N VAL C 303 -0.07 35.09 -4.64
CA VAL C 303 0.44 35.74 -3.43
C VAL C 303 1.91 36.01 -3.64
N LYS C 304 2.33 37.25 -3.42
CA LYS C 304 3.74 37.58 -3.53
C LYS C 304 4.54 36.92 -2.42
N CYS C 305 5.51 36.10 -2.83
CA CYS C 305 6.46 35.40 -1.99
C CYS C 305 7.41 34.70 -2.95
N ASP C 306 8.47 34.11 -2.39
CA ASP C 306 9.51 33.47 -3.20
C ASP C 306 9.61 32.01 -2.80
N PRO C 307 8.91 31.11 -3.51
CA PRO C 307 9.00 29.68 -3.18
C PRO C 307 10.42 29.16 -3.31
N ARG C 308 11.22 29.80 -4.17
CA ARG C 308 12.61 29.41 -4.35
C ARG C 308 13.41 29.56 -3.06
N HIS C 309 12.93 30.35 -2.11
CA HIS C 309 13.58 30.50 -0.80
C HIS C 309 12.74 29.84 0.29
N GLY C 310 12.05 28.77 -0.06
CA GLY C 310 11.26 28.00 0.88
C GLY C 310 11.29 26.54 0.50
N LYS C 311 10.43 25.73 1.10
CA LYS C 311 10.37 24.31 0.77
C LYS C 311 8.94 23.89 0.47
N TYR C 312 8.81 22.94 -0.45
CA TYR C 312 7.52 22.42 -0.85
C TYR C 312 7.11 21.25 0.06
N MET C 313 5.82 21.18 0.33
CA MET C 313 5.18 20.08 1.03
C MET C 313 4.13 19.40 0.17
N ALA C 314 3.81 19.97 -0.98
CA ALA C 314 2.82 19.46 -1.92
C ALA C 314 2.90 20.29 -3.19
N CYS C 315 2.59 19.64 -4.31
CA CYS C 315 2.58 20.33 -5.60
C CYS C 315 1.50 19.69 -6.47
N CYS C 316 0.48 20.47 -6.78
CA CYS C 316 -0.65 20.02 -7.59
C CYS C 316 -0.74 20.85 -8.85
N LEU C 317 -0.99 20.18 -9.98
CA LEU C 317 -1.23 20.82 -11.26
C LEU C 317 -2.65 20.48 -11.71
N LEU C 318 -3.46 21.50 -11.94
CA LEU C 318 -4.84 21.36 -12.37
C LEU C 318 -4.95 21.93 -13.78
N TYR C 319 -4.93 21.05 -14.78
CA TYR C 319 -5.02 21.46 -16.17
C TYR C 319 -6.47 21.46 -16.62
N ARG C 320 -6.81 22.41 -17.49
CA ARG C 320 -8.09 22.38 -18.19
C ARG C 320 -7.86 22.69 -19.65
N GLY C 321 -8.57 21.95 -20.51
CA GLY C 321 -8.48 22.13 -21.94
C GLY C 321 -7.78 21.00 -22.67
N ASP C 322 -7.12 21.34 -23.78
CA ASP C 322 -6.47 20.36 -24.64
C ASP C 322 -5.13 19.96 -24.01
N VAL C 323 -5.18 18.96 -23.13
CA VAL C 323 -4.02 18.54 -22.34
C VAL C 323 -4.05 17.02 -22.22
N VAL C 324 -2.91 16.38 -22.50
CA VAL C 324 -2.79 14.93 -22.30
C VAL C 324 -1.64 14.58 -21.35
N PRO C 325 -1.74 13.44 -20.67
CA PRO C 325 -0.72 13.08 -19.66
C PRO C 325 0.68 12.99 -20.23
N LYS C 326 0.83 12.57 -21.48
CA LYS C 326 2.16 12.46 -22.07
C LYS C 326 2.86 13.80 -22.09
N ASP C 327 2.16 14.83 -22.54
CA ASP C 327 2.73 16.18 -22.57
C ASP C 327 2.94 16.71 -21.16
N VAL C 328 2.00 16.44 -20.24
CA VAL C 328 2.18 16.87 -18.85
C VAL C 328 3.46 16.26 -18.26
N ASN C 329 3.65 14.95 -18.46
CA ASN C 329 4.80 14.28 -17.88
C ASN C 329 6.10 14.78 -18.50
N ALA C 330 6.10 15.02 -19.80
CA ALA C 330 7.28 15.61 -20.45
C ALA C 330 7.64 16.96 -19.82
N ALA C 331 6.65 17.84 -19.69
CA ALA C 331 6.90 19.17 -19.14
C ALA C 331 7.40 19.10 -17.70
N ILE C 332 6.79 18.22 -16.89
CA ILE C 332 7.21 18.08 -15.49
C ILE C 332 8.65 17.57 -15.42
N ALA C 333 8.98 16.58 -16.25
CA ALA C 333 10.36 16.07 -16.32
C ALA C 333 11.33 17.20 -16.63
N THR C 334 11.00 18.02 -17.64
CA THR C 334 11.85 19.17 -17.97
C THR C 334 12.02 20.09 -16.77
N ILE C 335 10.92 20.42 -16.09
CA ILE C 335 10.98 21.41 -15.00
C ILE C 335 11.83 20.91 -13.84
N LYS C 336 11.73 19.62 -13.49
CA LYS C 336 12.51 19.11 -12.37
C LYS C 336 14.01 19.31 -12.60
N THR C 337 14.48 18.98 -13.80
CA THR C 337 15.90 19.14 -14.11
C THR C 337 16.33 20.59 -14.24
N LYS C 338 15.41 21.55 -14.12
CA LYS C 338 15.74 22.94 -14.42
C LYS C 338 15.31 23.97 -13.37
N ARG C 339 14.57 23.59 -12.34
CA ARG C 339 13.99 24.56 -11.42
C ARG C 339 14.41 24.30 -9.97
N SER C 340 14.25 25.33 -9.14
CA SER C 340 14.53 25.28 -7.71
C SER C 340 13.28 24.78 -6.99
N ILE C 341 13.11 23.47 -6.99
CA ILE C 341 11.97 22.81 -6.36
C ILE C 341 12.52 21.90 -5.28
N GLN C 342 12.57 22.39 -4.04
CA GLN C 342 13.09 21.63 -2.92
C GLN C 342 11.93 21.25 -2.01
N PHE C 343 11.76 19.96 -1.76
CA PHE C 343 10.76 19.48 -0.84
C PHE C 343 11.33 19.31 0.57
N VAL C 344 10.44 19.40 1.55
CA VAL C 344 10.76 18.93 2.90
C VAL C 344 11.05 17.43 2.86
N ASP C 345 11.87 16.97 3.79
CA ASP C 345 12.34 15.59 3.70
C ASP C 345 11.30 14.57 4.14
N TRP C 346 10.21 15.01 4.76
CA TRP C 346 9.16 14.10 5.20
C TRP C 346 8.01 14.00 4.20
N CYS C 347 8.18 14.49 2.98
CA CYS C 347 7.10 14.44 2.00
C CYS C 347 7.61 13.92 0.66
N PRO C 348 6.79 13.16 -0.06
CA PRO C 348 7.19 12.73 -1.41
C PRO C 348 7.20 13.90 -2.37
N THR C 349 8.14 13.85 -3.31
CA THR C 349 8.38 14.93 -4.26
C THR C 349 7.54 14.85 -5.52
N GLY C 350 6.63 13.90 -5.64
CA GLY C 350 5.84 13.81 -6.85
C GLY C 350 4.90 14.99 -7.02
N PHE C 351 4.40 15.16 -8.24
CA PHE C 351 3.39 16.17 -8.52
C PHE C 351 2.08 15.45 -8.80
N LYS C 352 1.01 15.93 -8.15
CA LYS C 352 -0.32 15.38 -8.39
C LYS C 352 -1.01 16.15 -9.50
N VAL C 353 -1.49 15.43 -10.51
CA VAL C 353 -1.99 16.03 -11.74
C VAL C 353 -3.46 15.68 -11.92
N GLY C 354 -4.27 16.68 -12.26
CA GLY C 354 -5.63 16.45 -12.69
C GLY C 354 -5.87 17.22 -13.99
N ILE C 355 -6.68 16.62 -14.85
CA ILE C 355 -7.00 17.23 -16.15
C ILE C 355 -8.51 17.24 -16.34
N ASN C 356 -9.06 18.44 -16.54
CA ASN C 356 -10.44 18.62 -16.99
C ASN C 356 -10.41 18.98 -18.47
N TYR C 357 -11.13 18.22 -19.28
CA TYR C 357 -11.06 18.41 -20.74
C TYR C 357 -11.80 19.65 -21.22
N GLN C 358 -12.77 20.16 -20.48
CA GLN C 358 -13.56 21.28 -20.99
C GLN C 358 -12.73 22.56 -21.00
N PRO C 359 -12.56 23.20 -22.17
CA PRO C 359 -11.59 24.31 -22.28
C PRO C 359 -12.03 25.57 -21.54
N PRO C 360 -11.07 26.43 -21.18
CA PRO C 360 -11.41 27.67 -20.48
C PRO C 360 -12.26 28.59 -21.32
N THR C 361 -13.20 29.27 -20.68
CA THR C 361 -14.04 30.29 -21.28
C THR C 361 -13.61 31.66 -20.77
N VAL C 362 -13.86 32.70 -21.57
CA VAL C 362 -13.63 34.09 -21.17
C VAL C 362 -14.93 34.86 -21.30
N VAL C 363 -15.11 35.83 -20.41
CA VAL C 363 -16.29 36.71 -20.46
C VAL C 363 -16.16 37.67 -21.64
N PRO C 364 -17.19 37.83 -22.46
CA PRO C 364 -17.11 38.81 -23.56
C PRO C 364 -16.73 40.20 -23.08
N GLY C 365 -15.92 40.88 -23.88
CA GLY C 365 -15.42 42.18 -23.52
C GLY C 365 -14.44 42.19 -22.37
N GLY C 366 -13.73 41.08 -22.16
CA GLY C 366 -12.72 41.01 -21.13
C GLY C 366 -11.33 41.25 -21.71
N ASP C 367 -10.34 41.15 -20.82
CA ASP C 367 -8.95 41.36 -21.20
C ASP C 367 -8.20 40.07 -21.50
N LEU C 368 -8.70 38.93 -21.01
CA LEU C 368 -8.03 37.65 -21.21
C LEU C 368 -8.33 37.09 -22.58
N ALA C 369 -7.29 36.58 -23.23
CA ALA C 369 -7.47 35.87 -24.48
C ALA C 369 -8.06 34.49 -24.23
N LYS C 370 -8.88 34.04 -25.17
CA LYS C 370 -9.37 32.67 -25.13
C LYS C 370 -8.25 31.72 -25.57
N VAL C 371 -7.90 30.79 -24.69
CA VAL C 371 -6.82 29.86 -24.94
C VAL C 371 -7.37 28.43 -25.00
N GLN C 372 -6.61 27.53 -25.62
CA GLN C 372 -7.02 26.14 -25.72
C GLN C 372 -6.71 25.34 -24.47
N ARG C 373 -5.78 25.81 -23.64
CA ARG C 373 -5.40 25.05 -22.47
C ARG C 373 -4.83 26.00 -21.43
N ALA C 374 -5.08 25.66 -20.16
CA ALA C 374 -4.60 26.45 -19.05
C ALA C 374 -4.33 25.52 -17.88
N VAL C 375 -3.62 26.05 -16.89
CA VAL C 375 -3.23 25.27 -15.72
C VAL C 375 -3.22 26.18 -14.50
N CYS C 376 -3.71 25.64 -13.39
CA CYS C 376 -3.58 26.25 -12.07
C CYS C 376 -2.81 25.29 -11.19
N MET C 377 -1.69 25.74 -10.65
CA MET C 377 -0.88 24.97 -9.72
C MET C 377 -1.22 25.37 -8.29
N LEU C 378 -1.54 24.38 -7.46
CA LEU C 378 -1.72 24.56 -6.03
C LEU C 378 -0.54 23.88 -5.34
N SER C 379 0.31 24.68 -4.70
CA SER C 379 1.48 24.16 -4.00
C SER C 379 1.43 24.59 -2.53
N ASN C 380 1.84 23.70 -1.64
CA ASN C 380 1.97 24.03 -0.22
C ASN C 380 3.43 24.39 0.00
N THR C 381 3.73 25.68 0.06
CA THR C 381 5.10 26.13 0.21
C THR C 381 5.23 26.95 1.48
N THR C 382 6.38 26.79 2.17
CA THR C 382 6.62 27.57 3.37
C THR C 382 6.74 29.06 3.06
N ALA C 383 6.97 29.40 1.80
CA ALA C 383 7.12 30.80 1.40
C ALA C 383 5.86 31.62 1.63
N ILE C 384 4.69 30.98 1.70
CA ILE C 384 3.45 31.72 1.91
C ILE C 384 3.47 32.46 3.23
N ALA C 385 4.31 32.02 4.17
CA ALA C 385 4.44 32.71 5.45
C ALA C 385 5.00 34.12 5.29
N GLU C 386 5.63 34.43 4.16
CA GLU C 386 6.06 35.80 3.89
C GLU C 386 4.90 36.78 3.95
N ALA C 387 3.72 36.38 3.44
CA ALA C 387 2.57 37.27 3.47
C ALA C 387 2.14 37.53 4.91
N TRP C 388 2.14 36.49 5.73
CA TRP C 388 1.85 36.65 7.15
C TRP C 388 2.87 37.58 7.79
N ALA C 389 4.14 37.43 7.41
CA ALA C 389 5.20 38.28 7.98
C ALA C 389 4.96 39.74 7.67
N ARG C 390 4.67 40.07 6.41
CA ARG C 390 4.41 41.46 6.04
C ARG C 390 3.22 42.01 6.82
N LEU C 391 2.12 41.23 6.85
CA LEU C 391 0.91 41.67 7.53
C LEU C 391 1.17 41.90 9.02
N ASP C 392 1.88 40.96 9.65
CA ASP C 392 2.20 41.05 11.06
C ASP C 392 3.11 42.24 11.35
N HIS C 393 4.04 42.54 10.45
CA HIS C 393 4.91 43.71 10.67
C HIS C 393 4.11 45.00 10.65
N LYS C 394 3.19 45.14 9.68
CA LYS C 394 2.36 46.34 9.67
C LYS C 394 1.51 46.43 10.93
N PHE C 395 0.94 45.29 11.34
CA PHE C 395 0.21 45.21 12.60
C PHE C 395 1.05 45.70 13.76
N ASP C 396 2.29 45.19 13.88
CA ASP C 396 3.14 45.57 15.00
C ASP C 396 3.44 47.06 14.98
N LEU C 397 3.73 47.61 13.80
CA LEU C 397 4.03 49.04 13.70
C LEU C 397 2.88 49.87 14.24
N MET C 398 1.64 49.52 13.87
CA MET C 398 0.52 50.32 14.35
C MET C 398 0.19 50.03 15.83
N TYR C 399 0.27 48.77 16.26
CA TYR C 399 -0.19 48.40 17.59
C TYR C 399 0.78 48.83 18.68
N ALA C 400 2.07 48.99 18.34
CA ALA C 400 3.03 49.48 19.33
C ALA C 400 2.62 50.83 19.88
N LYS C 401 1.89 51.62 19.10
CA LYS C 401 1.38 52.91 19.53
C LYS C 401 -0.11 52.88 19.84
N ARG C 402 -0.75 51.70 19.76
CA ARG C 402 -2.20 51.55 19.93
C ARG C 402 -2.98 52.41 18.94
N ALA C 403 -2.38 52.72 17.80
CA ALA C 403 -3.05 53.52 16.78
C ALA C 403 -4.33 52.84 16.32
N PHE C 404 -5.43 53.60 16.31
CA PHE C 404 -6.75 53.21 15.83
C PHE C 404 -7.42 52.15 16.70
N VAL C 405 -6.78 51.70 17.78
CA VAL C 405 -7.34 50.63 18.60
C VAL C 405 -8.61 51.11 19.30
N HIS C 406 -8.72 52.41 19.57
CA HIS C 406 -9.90 52.95 20.26
C HIS C 406 -11.17 52.72 19.45
N TRP C 407 -11.06 52.67 18.12
CA TRP C 407 -12.24 52.36 17.31
C TRP C 407 -12.77 50.97 17.61
N TYR C 408 -11.88 50.03 17.94
CA TYR C 408 -12.29 48.67 18.23
C TYR C 408 -12.78 48.54 19.66
N VAL C 409 -12.03 49.12 20.61
CA VAL C 409 -12.46 49.11 22.00
C VAL C 409 -13.83 49.76 22.15
N GLY C 410 -14.07 50.86 21.43
CA GLY C 410 -15.36 51.52 21.48
C GLY C 410 -16.52 50.66 21.03
N GLU C 411 -16.25 49.59 20.28
CA GLU C 411 -17.27 48.66 19.85
C GLU C 411 -17.32 47.41 20.72
N GLY C 412 -16.59 47.40 21.83
CA GLY C 412 -16.64 46.31 22.78
C GLY C 412 -15.49 45.34 22.76
N MET C 413 -14.50 45.52 21.88
CA MET C 413 -13.32 44.66 21.89
C MET C 413 -12.32 45.11 22.95
N GLU C 414 -11.51 44.17 23.42
CA GLU C 414 -10.46 44.41 24.39
C GLU C 414 -9.10 44.28 23.71
N GLU C 415 -8.10 44.97 24.30
CA GLU C 415 -6.73 44.86 23.77
C GLU C 415 -6.23 43.42 23.82
N GLY C 416 -6.77 42.63 24.74
CA GLY C 416 -6.34 41.25 24.85
C GLY C 416 -6.64 40.45 23.61
N GLU C 417 -7.72 40.79 22.91
CA GLU C 417 -8.02 40.08 21.66
C GLU C 417 -6.97 40.41 20.60
N PHE C 418 -6.51 41.66 20.57
CA PHE C 418 -5.42 42.03 19.67
C PHE C 418 -4.17 41.22 19.98
N SER C 419 -3.79 41.19 21.25
CA SER C 419 -2.54 40.53 21.60
C SER C 419 -2.63 39.03 21.40
N GLU C 420 -3.79 38.45 21.69
CA GLU C 420 -4.02 37.02 21.49
C GLU C 420 -3.98 36.66 20.01
N ALA C 421 -4.63 37.45 19.15
CA ALA C 421 -4.58 37.19 17.72
C ALA C 421 -3.15 37.33 17.18
N ARG C 422 -2.42 38.35 17.65
CA ARG C 422 -1.05 38.51 17.18
C ARG C 422 -0.17 37.36 17.62
N GLU C 423 -0.39 36.84 18.84
CA GLU C 423 0.38 35.68 19.28
C GLU C 423 0.04 34.45 18.46
N ASP C 424 -1.23 34.31 18.06
CA ASP C 424 -1.62 33.22 17.18
C ASP C 424 -0.90 33.32 15.83
N MET C 425 -0.80 34.54 15.29
CA MET C 425 -0.06 34.73 14.04
C MET C 425 1.42 34.41 14.20
N ALA C 426 2.00 34.78 15.34
CA ALA C 426 3.42 34.48 15.58
C ALA C 426 3.63 32.96 15.66
N ALA C 427 2.70 32.27 16.32
CA ALA C 427 2.77 30.81 16.37
C ALA C 427 2.63 30.21 14.98
N LEU C 428 1.81 30.80 14.13
CA LEU C 428 1.68 30.30 12.76
C LEU C 428 2.99 30.45 11.99
N GLU C 429 3.64 31.61 12.11
CA GLU C 429 4.94 31.78 11.45
C GLU C 429 5.94 30.76 11.97
N LYS C 430 5.88 30.47 13.27
CA LYS C 430 6.76 29.48 13.86
C LYS C 430 6.47 28.08 13.31
N ASP C 431 5.19 27.76 13.14
CA ASP C 431 4.79 26.48 12.56
C ASP C 431 5.36 26.32 11.16
N TYR C 432 5.31 27.39 10.35
CA TYR C 432 5.85 27.29 8.99
C TYR C 432 7.36 27.10 9.02
N GLU C 433 8.06 27.70 9.98
CA GLU C 433 9.50 27.42 10.10
C GLU C 433 9.74 25.95 10.46
N GLU C 434 9.00 25.45 11.46
CA GLU C 434 9.22 24.10 11.96
C GLU C 434 8.95 23.05 10.90
N VAL C 435 7.88 23.20 10.12
CA VAL C 435 7.58 22.22 9.09
C VAL C 435 8.69 22.19 8.04
N GLY C 436 9.47 23.27 7.92
CA GLY C 436 10.50 23.34 6.91
C GLY C 436 11.83 22.80 7.40
N VAL C 437 12.03 22.76 8.72
CA VAL C 437 13.27 22.18 9.26
C VAL C 437 13.34 20.69 8.91
N ASP C 438 14.56 20.20 8.64
CA ASP C 438 14.76 18.78 8.35
C ASP C 438 14.60 17.91 9.60
N SER C 439 14.27 16.63 9.36
CA SER C 439 14.11 15.65 10.42
C SER C 439 15.46 15.24 10.99
N VAL C 440 15.41 14.64 12.18
CA VAL C 440 16.61 14.17 12.85
C VAL C 440 16.43 12.72 13.33
N ARG D 2 -25.87 56.72 5.72
CA ARG D 2 -26.57 57.26 4.57
C ARG D 2 -26.82 58.75 4.74
N GLU D 3 -27.85 59.11 5.51
CA GLU D 3 -28.24 60.50 5.65
C GLU D 3 -27.35 61.23 6.64
N ILE D 4 -26.98 62.45 6.27
CA ILE D 4 -26.30 63.39 7.16
C ILE D 4 -27.24 64.53 7.48
N VAL D 5 -27.26 64.94 8.75
CA VAL D 5 -28.02 66.11 9.17
C VAL D 5 -27.07 67.28 9.34
N HIS D 6 -27.37 68.38 8.68
CA HIS D 6 -26.52 69.55 8.66
C HIS D 6 -27.11 70.64 9.55
N ILE D 7 -26.26 71.25 10.36
CA ILE D 7 -26.64 72.33 11.26
C ILE D 7 -25.66 73.48 11.07
N GLN D 8 -26.17 74.70 10.96
CA GLN D 8 -25.33 75.89 10.87
C GLN D 8 -25.75 76.85 11.95
N ALA D 9 -24.79 77.32 12.75
CA ALA D 9 -25.08 78.07 13.95
C ALA D 9 -24.29 79.38 13.95
N GLY D 10 -24.98 80.48 14.24
CA GLY D 10 -24.33 81.78 14.33
C GLY D 10 -24.18 82.43 12.97
N GLN D 11 -23.58 83.63 13.00
CA GLN D 11 -23.43 84.42 11.78
C GLN D 11 -22.53 83.72 10.76
N CYS D 12 -21.27 83.48 11.16
CA CYS D 12 -20.34 82.76 10.29
C CYS D 12 -20.88 81.41 9.88
N GLY D 13 -21.40 80.65 10.85
CA GLY D 13 -21.93 79.34 10.54
C GLY D 13 -23.00 79.40 9.47
N ASN D 14 -23.93 80.35 9.58
CA ASN D 14 -25.02 80.42 8.62
C ASN D 14 -24.55 80.92 7.26
N GLN D 15 -23.59 81.85 7.23
CA GLN D 15 -23.11 82.34 5.94
C GLN D 15 -22.34 81.27 5.19
N ILE D 16 -21.41 80.59 5.87
CA ILE D 16 -20.65 79.55 5.18
C ILE D 16 -21.55 78.35 4.86
N GLY D 17 -22.56 78.08 5.69
CA GLY D 17 -23.50 77.01 5.37
C GLY D 17 -24.33 77.33 4.13
N ALA D 18 -24.80 78.57 4.02
CA ALA D 18 -25.56 78.97 2.84
C ALA D 18 -24.69 78.83 1.60
N LYS D 19 -23.42 79.26 1.67
CA LYS D 19 -22.56 79.11 0.52
C LYS D 19 -22.31 77.63 0.17
N PHE D 20 -22.14 76.80 1.21
CA PHE D 20 -21.97 75.36 1.00
C PHE D 20 -23.17 74.77 0.28
N TRP D 21 -24.37 75.13 0.70
CA TRP D 21 -25.57 74.60 0.07
C TRP D 21 -25.70 75.09 -1.36
N GLU D 22 -25.38 76.36 -1.63
CA GLU D 22 -25.39 76.86 -3.01
C GLU D 22 -24.44 76.03 -3.88
N VAL D 23 -23.21 75.81 -3.39
CA VAL D 23 -22.21 75.15 -4.20
C VAL D 23 -22.62 73.71 -4.49
N ILE D 24 -23.02 72.96 -3.47
CA ILE D 24 -23.33 71.55 -3.72
C ILE D 24 -24.68 71.38 -4.41
N SER D 25 -25.60 72.34 -4.27
CA SER D 25 -26.83 72.29 -5.05
C SER D 25 -26.53 72.49 -6.54
N ASP D 26 -25.61 73.40 -6.86
CA ASP D 26 -25.15 73.51 -8.24
C ASP D 26 -24.52 72.21 -8.72
N GLU D 27 -23.65 71.62 -7.88
CA GLU D 27 -22.96 70.40 -8.28
C GLU D 27 -23.95 69.25 -8.54
N HIS D 28 -25.02 69.17 -7.75
CA HIS D 28 -26.01 68.12 -7.91
C HIS D 28 -27.18 68.50 -8.82
N GLY D 29 -27.11 69.65 -9.49
CA GLY D 29 -28.15 70.03 -10.43
C GLY D 29 -29.46 70.46 -9.82
N ILE D 30 -29.46 70.93 -8.58
CA ILE D 30 -30.66 71.42 -7.91
C ILE D 30 -30.73 72.93 -8.07
N ASP D 31 -31.87 73.43 -8.53
CA ASP D 31 -32.09 74.86 -8.67
C ASP D 31 -32.65 75.43 -7.37
N PRO D 32 -32.73 76.76 -7.24
CA PRO D 32 -33.20 77.34 -5.97
C PRO D 32 -34.62 76.94 -5.58
N THR D 33 -35.40 76.35 -6.48
CA THR D 33 -36.75 75.91 -6.15
C THR D 33 -36.80 74.46 -5.71
N GLY D 34 -35.67 73.76 -5.70
CA GLY D 34 -35.61 72.37 -5.31
C GLY D 34 -35.79 71.37 -6.42
N SER D 35 -35.91 71.82 -7.67
CA SER D 35 -36.10 70.93 -8.80
C SER D 35 -34.76 70.53 -9.40
N TYR D 36 -34.68 69.29 -9.85
CA TYR D 36 -33.46 68.77 -10.46
C TYR D 36 -33.46 69.08 -11.96
N HIS D 37 -32.34 69.63 -12.43
CA HIS D 37 -32.17 69.96 -13.85
C HIS D 37 -30.77 69.60 -14.32
N GLY D 38 -30.18 68.55 -13.75
CA GLY D 38 -28.85 68.13 -14.13
C GLY D 38 -28.83 67.27 -15.37
N ASP D 39 -27.64 66.76 -15.68
CA ASP D 39 -27.40 66.03 -16.92
C ASP D 39 -26.70 64.69 -16.69
N SER D 40 -26.50 64.29 -15.44
CA SER D 40 -25.77 63.07 -15.12
C SER D 40 -26.45 62.36 -13.96
N ASP D 41 -26.71 61.06 -14.14
CA ASP D 41 -27.33 60.29 -13.07
C ASP D 41 -26.42 60.22 -11.85
N LEU D 42 -25.11 60.41 -12.06
CA LEU D 42 -24.16 60.49 -10.96
C LEU D 42 -24.54 61.58 -9.96
N GLN D 43 -25.25 62.62 -10.41
CA GLN D 43 -25.65 63.69 -9.51
C GLN D 43 -26.71 63.24 -8.52
N LEU D 44 -27.54 62.26 -8.89
CA LEU D 44 -28.67 61.87 -8.06
C LEU D 44 -28.43 60.59 -7.26
N GLU D 45 -27.35 59.86 -7.53
CA GLU D 45 -27.19 58.53 -6.95
C GLU D 45 -27.14 58.59 -5.42
N ARG D 46 -26.45 59.58 -4.87
CA ARG D 46 -26.31 59.73 -3.42
C ARG D 46 -26.90 61.04 -2.93
N ILE D 47 -27.85 61.60 -3.70
CA ILE D 47 -28.47 62.87 -3.36
C ILE D 47 -29.11 62.81 -1.98
N ASN D 48 -29.50 61.62 -1.53
CA ASN D 48 -30.16 61.46 -0.26
C ASN D 48 -29.25 61.68 0.94
N VAL D 49 -27.92 61.76 0.72
CA VAL D 49 -27.02 62.02 1.83
C VAL D 49 -27.30 63.38 2.45
N TYR D 50 -27.55 64.39 1.62
CA TYR D 50 -27.75 65.76 2.08
C TYR D 50 -29.15 66.31 1.82
N TYR D 51 -29.94 65.68 0.96
CA TYR D 51 -31.25 66.19 0.60
C TYR D 51 -32.35 65.19 0.93
N ASN D 52 -33.45 65.70 1.48
CA ASN D 52 -34.71 64.98 1.55
C ASN D 52 -35.44 65.13 0.22
N GLU D 53 -36.21 64.11 -0.15
CA GLU D 53 -37.05 64.20 -1.34
C GLU D 53 -38.50 64.41 -0.93
N ALA D 54 -39.12 65.45 -1.49
CA ALA D 54 -40.50 65.81 -1.21
C ALA D 54 -41.35 65.73 -2.48
N THR D 55 -42.64 65.96 -2.29
CA THR D 55 -43.65 65.82 -3.34
C THR D 55 -43.37 66.73 -4.52
N GLY D 56 -43.57 66.21 -5.72
CA GLY D 56 -43.19 66.91 -6.93
C GLY D 56 -41.74 66.71 -7.29
N ASN D 57 -41.10 65.70 -6.70
CA ASN D 57 -39.68 65.42 -6.93
C ASN D 57 -38.82 66.62 -6.55
N LYS D 58 -39.21 67.29 -5.47
CA LYS D 58 -38.47 68.43 -4.94
C LYS D 58 -37.38 67.93 -3.99
N TYR D 59 -36.23 68.61 -3.99
CA TYR D 59 -35.15 68.27 -3.09
C TYR D 59 -34.93 69.38 -2.09
N VAL D 60 -35.00 69.03 -0.80
CA VAL D 60 -34.95 69.98 0.30
C VAL D 60 -33.73 69.66 1.15
N PRO D 61 -32.81 70.60 1.35
CA PRO D 61 -31.64 70.33 2.21
C PRO D 61 -32.04 69.84 3.60
N ARG D 62 -31.36 68.80 4.07
CA ARG D 62 -31.53 68.33 5.43
C ARG D 62 -30.71 69.24 6.35
N ALA D 63 -31.18 70.48 6.46
CA ALA D 63 -30.40 71.57 7.03
C ALA D 63 -31.21 72.28 8.10
N ILE D 64 -30.52 72.62 9.20
CA ILE D 64 -31.12 73.32 10.33
C ILE D 64 -30.33 74.59 10.57
N LEU D 65 -31.04 75.73 10.59
CA LEU D 65 -30.42 77.05 10.66
C LEU D 65 -30.68 77.64 12.04
N VAL D 66 -29.61 77.96 12.77
CA VAL D 66 -29.69 78.38 14.16
C VAL D 66 -28.95 79.69 14.34
N ASP D 67 -29.56 80.62 15.07
CA ASP D 67 -28.89 81.84 15.51
C ASP D 67 -29.67 82.45 16.66
N LEU D 68 -28.97 83.25 17.47
CA LEU D 68 -29.61 83.97 18.56
C LEU D 68 -30.04 85.37 18.16
N GLU D 69 -29.86 85.74 16.89
CA GLU D 69 -30.36 86.98 16.31
C GLU D 69 -30.95 86.67 14.94
N PRO D 70 -31.96 87.44 14.51
CA PRO D 70 -32.65 87.09 13.27
C PRO D 70 -31.95 87.53 11.99
N GLY D 71 -31.14 88.58 12.06
CA GLY D 71 -30.52 89.21 10.90
C GLY D 71 -29.93 88.30 9.84
N THR D 72 -28.92 87.51 10.24
CA THR D 72 -28.19 86.71 9.27
C THR D 72 -29.10 85.68 8.62
N MET D 73 -30.07 85.16 9.38
CA MET D 73 -30.99 84.17 8.82
C MET D 73 -32.06 84.81 7.94
N ASP D 74 -32.45 86.05 8.22
CA ASP D 74 -33.31 86.78 7.30
C ASP D 74 -32.59 86.99 5.98
N SER D 75 -31.30 87.35 6.04
CA SER D 75 -30.55 87.55 4.80
C SER D 75 -30.33 86.23 4.07
N VAL D 76 -30.20 85.13 4.82
CA VAL D 76 -30.15 83.81 4.20
C VAL D 76 -31.44 83.52 3.47
N ARG D 77 -32.57 83.78 4.13
CA ARG D 77 -33.88 83.54 3.52
C ARG D 77 -34.08 84.40 2.27
N SER D 78 -33.42 85.55 2.20
CA SER D 78 -33.49 86.39 1.00
C SER D 78 -32.37 86.08 0.00
N GLY D 79 -31.40 85.25 0.36
CA GLY D 79 -30.31 84.90 -0.52
C GLY D 79 -30.77 84.14 -1.77
N PRO D 80 -29.83 83.82 -2.65
CA PRO D 80 -30.19 83.12 -3.90
C PRO D 80 -30.95 81.81 -3.66
N PHE D 81 -30.41 80.92 -2.84
CA PHE D 81 -31.06 79.65 -2.55
C PHE D 81 -31.88 79.69 -1.26
N GLY D 82 -32.25 80.89 -0.80
CA GLY D 82 -32.90 81.01 0.50
C GLY D 82 -34.21 80.25 0.56
N GLN D 83 -34.95 80.23 -0.54
CA GLN D 83 -36.23 79.54 -0.57
C GLN D 83 -36.11 78.02 -0.64
N ILE D 84 -34.90 77.48 -0.81
CA ILE D 84 -34.78 76.03 -0.90
C ILE D 84 -34.89 75.37 0.47
N PHE D 85 -34.60 76.10 1.54
CA PHE D 85 -34.60 75.54 2.89
C PHE D 85 -36.02 75.35 3.41
N ARG D 86 -36.17 74.37 4.29
CA ARG D 86 -37.44 74.11 4.95
C ARG D 86 -37.74 75.22 5.95
N PRO D 87 -38.86 75.95 5.80
CA PRO D 87 -39.12 77.10 6.71
C PRO D 87 -39.12 76.74 8.19
N ASP D 88 -39.70 75.59 8.56
CA ASP D 88 -39.72 75.19 9.97
C ASP D 88 -38.33 74.89 10.53
N ASN D 89 -37.32 74.77 9.67
CA ASN D 89 -35.96 74.48 10.11
C ASN D 89 -35.18 75.74 10.45
N PHE D 90 -35.83 76.90 10.43
CA PHE D 90 -35.25 78.15 10.91
C PHE D 90 -35.59 78.30 12.39
N VAL D 91 -34.57 78.27 13.25
CA VAL D 91 -34.76 78.39 14.68
C VAL D 91 -33.90 79.56 15.16
N PHE D 92 -34.54 80.67 15.50
CA PHE D 92 -33.82 81.87 15.88
C PHE D 92 -34.45 82.51 17.11
N GLY D 93 -33.61 83.16 17.91
CA GLY D 93 -34.04 83.98 19.00
C GLY D 93 -33.83 85.46 18.70
N GLN D 94 -34.03 86.27 19.75
CA GLN D 94 -33.93 87.72 19.63
C GLN D 94 -32.83 88.33 20.46
N SER D 95 -32.39 87.67 21.53
CA SER D 95 -31.47 88.29 22.48
C SER D 95 -30.10 88.57 21.86
N GLY D 96 -29.61 87.68 21.00
CA GLY D 96 -28.24 87.74 20.56
C GLY D 96 -27.30 87.18 21.62
N ALA D 97 -26.04 87.04 21.26
CA ALA D 97 -25.05 86.48 22.15
C ALA D 97 -23.93 87.45 22.51
N GLY D 98 -23.89 88.62 21.90
CA GLY D 98 -22.89 89.62 22.23
C GLY D 98 -21.47 89.09 22.21
N ASN D 99 -21.17 88.21 21.27
CA ASN D 99 -19.84 87.61 21.15
C ASN D 99 -19.37 87.01 22.47
N ASN D 100 -20.29 86.36 23.19
CA ASN D 100 -20.03 85.85 24.52
C ASN D 100 -20.31 84.35 24.55
N TRP D 101 -19.23 83.57 24.63
CA TRP D 101 -19.35 82.11 24.69
C TRP D 101 -20.23 81.67 25.85
N ALA D 102 -20.16 82.38 26.98
CA ALA D 102 -20.98 82.00 28.13
C ALA D 102 -22.46 82.22 27.86
N LYS D 103 -22.81 83.30 27.18
CA LYS D 103 -24.19 83.52 26.78
C LYS D 103 -24.65 82.46 25.79
N GLY D 104 -23.79 82.12 24.83
CA GLY D 104 -24.17 81.11 23.85
C GLY D 104 -24.34 79.72 24.46
N HIS D 105 -23.49 79.37 25.43
CA HIS D 105 -23.40 78.01 25.95
C HIS D 105 -24.29 77.76 27.16
N TYR D 106 -24.47 78.74 28.03
CA TYR D 106 -25.08 78.52 29.34
C TYR D 106 -26.43 79.21 29.54
N THR D 107 -26.65 80.37 28.92
CA THR D 107 -27.87 81.12 29.21
C THR D 107 -28.80 81.27 28.02
N GLU D 108 -28.55 82.27 27.16
CA GLU D 108 -29.41 82.51 26.00
C GLU D 108 -29.52 81.27 25.12
N GLY D 109 -28.37 80.69 24.77
CA GLY D 109 -28.37 79.51 23.93
C GLY D 109 -29.03 78.34 24.62
N ALA D 110 -28.83 78.20 25.94
CA ALA D 110 -29.51 77.16 26.68
C ALA D 110 -31.01 77.33 26.63
N GLU D 111 -31.50 78.57 26.58
CA GLU D 111 -32.94 78.78 26.43
C GLU D 111 -33.40 78.38 25.04
N LEU D 112 -32.55 78.54 24.03
CA LEU D 112 -32.98 78.27 22.67
C LEU D 112 -32.77 76.82 22.22
N VAL D 113 -31.92 76.07 22.92
CA VAL D 113 -31.42 74.80 22.40
C VAL D 113 -32.51 73.74 22.24
N ASP D 114 -33.55 73.75 23.10
CA ASP D 114 -34.56 72.70 23.02
C ASP D 114 -35.38 72.79 21.74
N SER D 115 -35.66 74.01 21.27
CA SER D 115 -36.41 74.15 20.03
C SER D 115 -35.57 73.75 18.83
N VAL D 116 -34.25 73.89 18.92
CA VAL D 116 -33.36 73.34 17.90
C VAL D 116 -33.41 71.82 17.92
N LEU D 117 -33.35 71.24 19.13
CA LEU D 117 -33.37 69.78 19.26
C LEU D 117 -34.67 69.18 18.75
N ASP D 118 -35.78 69.91 18.84
CA ASP D 118 -37.02 69.41 18.25
C ASP D 118 -36.87 69.19 16.75
N VAL D 119 -36.27 70.15 16.05
CA VAL D 119 -36.09 70.04 14.61
C VAL D 119 -35.05 68.97 14.27
N VAL D 120 -33.97 68.91 15.06
CA VAL D 120 -32.97 67.86 14.86
C VAL D 120 -33.62 66.48 14.96
N ARG D 121 -34.45 66.29 16.00
CA ARG D 121 -35.14 65.03 16.20
C ARG D 121 -36.08 64.72 15.05
N LYS D 122 -36.81 65.75 14.57
CA LYS D 122 -37.75 65.54 13.46
C LYS D 122 -37.02 65.13 12.19
N GLU D 123 -35.87 65.74 11.92
CA GLU D 123 -35.09 65.37 10.73
C GLU D 123 -34.52 63.97 10.86
N SER D 124 -33.96 63.64 12.02
CA SER D 124 -33.36 62.33 12.21
C SER D 124 -34.39 61.21 12.14
N GLU D 125 -35.60 61.43 12.68
CA GLU D 125 -36.59 60.37 12.74
C GLU D 125 -37.00 59.87 11.35
N SER D 126 -36.91 60.73 10.34
CA SER D 126 -37.26 60.35 8.97
C SER D 126 -36.03 59.97 8.14
N CYS D 127 -34.98 59.49 8.80
CA CYS D 127 -33.77 59.03 8.13
C CYS D 127 -33.79 57.51 8.03
N ASP D 128 -33.58 57.00 6.82
CA ASP D 128 -33.46 55.56 6.62
C ASP D 128 -32.37 54.98 7.51
N CYS D 129 -31.19 55.61 7.53
CA CYS D 129 -30.10 55.19 8.40
C CYS D 129 -29.13 56.36 8.56
N LEU D 130 -29.42 57.22 9.54
CA LEU D 130 -28.59 58.38 9.84
C LEU D 130 -27.14 57.98 10.13
N GLN D 131 -26.19 58.60 9.41
CA GLN D 131 -24.80 58.43 9.81
C GLN D 131 -24.41 59.39 10.93
N GLY D 132 -24.90 60.63 10.87
CA GLY D 132 -24.51 61.60 11.87
C GLY D 132 -24.76 63.02 11.37
N PHE D 133 -23.97 63.94 11.93
CA PHE D 133 -24.25 65.36 11.82
C PHE D 133 -22.99 66.12 11.41
N GLN D 134 -23.18 67.18 10.64
CA GLN D 134 -22.11 68.14 10.39
C GLN D 134 -22.57 69.54 10.79
N LEU D 135 -21.73 70.24 11.55
CA LEU D 135 -22.04 71.56 12.06
C LEU D 135 -21.06 72.58 11.50
N THR D 136 -21.59 73.68 10.99
CA THR D 136 -20.80 74.83 10.59
C THR D 136 -21.00 75.96 11.59
N HIS D 137 -19.90 76.54 12.04
CA HIS D 137 -19.90 77.59 13.05
C HIS D 137 -18.51 78.20 13.10
N SER D 138 -18.42 79.35 13.76
CA SER D 138 -17.14 79.94 14.13
C SER D 138 -16.88 79.73 15.61
N LEU D 139 -15.60 79.77 15.98
CA LEU D 139 -15.20 79.64 17.38
C LEU D 139 -14.98 80.97 18.06
N GLY D 140 -15.00 82.08 17.32
CA GLY D 140 -14.67 83.38 17.86
C GLY D 140 -15.83 84.18 18.40
N GLY D 141 -17.05 83.84 18.01
CA GLY D 141 -18.23 84.58 18.40
C GLY D 141 -18.91 84.00 19.62
N GLY D 142 -20.21 84.19 19.70
CA GLY D 142 -20.95 83.72 20.84
C GLY D 142 -21.91 82.61 20.49
N THR D 143 -22.72 82.82 19.45
CA THR D 143 -23.74 81.85 19.11
C THR D 143 -23.09 80.61 18.51
N GLY D 144 -22.42 80.76 17.37
CA GLY D 144 -21.72 79.64 16.78
C GLY D 144 -20.89 78.89 17.81
N SER D 145 -19.99 79.59 18.49
CA SER D 145 -19.06 78.93 19.39
C SER D 145 -19.80 78.25 20.55
N GLY D 146 -20.40 79.05 21.43
CA GLY D 146 -20.97 78.48 22.64
C GLY D 146 -22.17 77.59 22.36
N MET D 147 -23.15 78.11 21.62
CA MET D 147 -24.36 77.34 21.41
C MET D 147 -24.12 76.16 20.48
N GLY D 148 -23.19 76.26 19.53
CA GLY D 148 -22.82 75.10 18.73
C GLY D 148 -22.22 74.00 19.57
N THR D 149 -21.30 74.34 20.47
CA THR D 149 -20.74 73.28 21.32
C THR D 149 -21.78 72.70 22.27
N LEU D 150 -22.69 73.54 22.78
CA LEU D 150 -23.78 73.03 23.59
C LEU D 150 -24.68 72.09 22.78
N LEU D 151 -25.00 72.48 21.54
CA LEU D 151 -25.78 71.64 20.65
C LEU D 151 -25.07 70.33 20.39
N ILE D 152 -23.75 70.37 20.21
CA ILE D 152 -22.98 69.14 20.00
C ILE D 152 -23.15 68.21 21.19
N SER D 153 -23.01 68.75 22.40
CA SER D 153 -23.16 67.93 23.60
C SER D 153 -24.57 67.34 23.71
N LYS D 154 -25.61 68.14 23.46
CA LYS D 154 -26.97 67.64 23.58
C LYS D 154 -27.29 66.58 22.52
N ILE D 155 -26.88 66.84 21.28
CA ILE D 155 -27.11 65.90 20.20
C ILE D 155 -26.36 64.61 20.47
N ARG D 156 -25.13 64.71 20.97
CA ARG D 156 -24.38 63.53 21.36
C ARG D 156 -25.07 62.76 22.48
N GLU D 157 -25.74 63.48 23.38
CA GLU D 157 -26.51 62.80 24.42
C GLU D 157 -27.63 61.97 23.80
N GLU D 158 -28.27 62.50 22.74
CA GLU D 158 -29.38 61.77 22.14
C GLU D 158 -28.97 60.78 21.04
N TYR D 159 -27.77 60.91 20.48
CA TYR D 159 -27.29 60.06 19.39
C TYR D 159 -25.83 59.70 19.63
N PRO D 160 -25.55 58.96 20.71
CA PRO D 160 -24.14 58.74 21.09
C PRO D 160 -23.36 57.88 20.12
N ASP D 161 -24.03 57.06 19.31
CA ASP D 161 -23.35 56.16 18.38
C ASP D 161 -23.33 56.69 16.95
N ARG D 162 -23.55 57.99 16.76
CA ARG D 162 -23.48 58.62 15.47
C ARG D 162 -22.25 59.52 15.42
N ILE D 163 -21.78 59.78 14.20
CA ILE D 163 -20.57 60.57 14.00
C ILE D 163 -20.92 62.05 14.10
N MET D 164 -20.08 62.79 14.83
CA MET D 164 -20.25 64.23 14.97
C MET D 164 -19.08 64.90 14.26
N ASN D 165 -19.40 65.73 13.27
CA ASN D 165 -18.43 66.36 12.39
C ASN D 165 -18.67 67.86 12.40
N THR D 166 -17.60 68.64 12.50
CA THR D 166 -17.72 70.10 12.51
C THR D 166 -16.79 70.74 11.50
N PHE D 167 -17.25 71.86 10.94
CA PHE D 167 -16.42 72.81 10.20
C PHE D 167 -16.31 74.04 11.09
N SER D 168 -15.15 74.23 11.70
CA SER D 168 -14.99 75.22 12.77
C SER D 168 -14.02 76.30 12.30
N VAL D 169 -14.52 77.54 12.25
CA VAL D 169 -13.74 78.69 11.79
C VAL D 169 -12.96 79.27 12.97
N MET D 170 -11.64 79.26 12.85
CA MET D 170 -10.74 79.78 13.89
C MET D 170 -10.56 81.29 13.76
N PRO D 171 -10.57 82.01 14.88
CA PRO D 171 -10.44 83.47 14.81
C PRO D 171 -9.01 83.91 14.55
N SER D 172 -8.88 85.11 13.96
CA SER D 172 -7.58 85.72 13.71
C SER D 172 -7.67 87.23 13.85
N PRO D 173 -6.69 87.86 14.51
CA PRO D 173 -6.63 89.34 14.54
C PRO D 173 -6.63 89.96 13.15
N LYS D 174 -6.18 89.20 12.16
CA LYS D 174 -6.14 89.67 10.78
C LYS D 174 -7.53 89.88 10.19
N VAL D 175 -8.58 89.31 10.78
CA VAL D 175 -9.92 89.36 10.23
C VAL D 175 -10.89 90.06 11.17
N SER D 176 -10.88 89.68 12.44
CA SER D 176 -11.78 90.26 13.42
C SER D 176 -10.97 90.89 14.53
N ASP D 177 -11.47 92.01 15.04
CA ASP D 177 -10.81 92.76 16.11
C ASP D 177 -11.38 92.46 17.49
N THR D 178 -12.59 91.91 17.58
CA THR D 178 -13.20 91.54 18.86
C THR D 178 -12.16 90.88 19.76
N VAL D 179 -11.96 91.44 20.95
CA VAL D 179 -10.83 91.05 21.78
C VAL D 179 -11.04 89.74 22.54
N VAL D 180 -12.27 89.30 22.74
CA VAL D 180 -12.54 88.12 23.56
C VAL D 180 -12.52 86.83 22.75
N GLU D 181 -12.17 86.94 21.46
CA GLU D 181 -12.13 85.75 20.61
C GLU D 181 -11.18 84.66 21.10
N PRO D 182 -10.00 84.96 21.66
CA PRO D 182 -9.20 83.84 22.20
C PRO D 182 -9.91 83.10 23.34
N TYR D 183 -10.65 83.83 24.18
CA TYR D 183 -11.46 83.16 25.20
C TYR D 183 -12.51 82.27 24.56
N ASN D 184 -13.27 82.81 23.60
CA ASN D 184 -14.33 82.03 22.98
C ASN D 184 -13.76 80.80 22.28
N ALA D 185 -12.64 80.96 21.60
CA ALA D 185 -12.05 79.86 20.82
C ALA D 185 -11.47 78.79 21.73
N THR D 186 -10.83 79.18 22.83
CA THR D 186 -10.29 78.17 23.73
C THR D 186 -11.42 77.41 24.42
N LEU D 187 -12.46 78.12 24.85
CA LEU D 187 -13.61 77.46 25.45
C LEU D 187 -14.28 76.51 24.46
N SER D 188 -14.30 76.86 23.18
CA SER D 188 -14.90 75.99 22.17
C SER D 188 -14.03 74.76 21.91
N VAL D 189 -12.72 74.96 21.77
CA VAL D 189 -11.82 73.84 21.52
C VAL D 189 -11.89 72.84 22.66
N HIS D 190 -12.05 73.34 23.88
CA HIS D 190 -12.19 72.47 25.04
C HIS D 190 -13.36 71.50 24.86
N GLN D 191 -14.50 72.01 24.39
CA GLN D 191 -15.66 71.16 24.10
C GLN D 191 -15.42 70.23 22.93
N LEU D 192 -14.84 70.76 21.84
CA LEU D 192 -14.71 69.97 20.62
C LEU D 192 -13.81 68.75 20.82
N VAL D 193 -12.72 68.93 21.58
CA VAL D 193 -11.80 67.83 21.84
C VAL D 193 -12.53 66.65 22.46
N GLU D 194 -13.53 66.92 23.29
CA GLU D 194 -14.24 65.84 23.97
C GLU D 194 -15.43 65.32 23.19
N ASN D 195 -16.09 66.15 22.39
CA ASN D 195 -17.41 65.78 21.88
C ASN D 195 -17.54 65.77 20.36
N THR D 196 -16.46 65.93 19.60
CA THR D 196 -16.56 65.71 18.17
C THR D 196 -15.66 64.56 17.74
N ASP D 197 -16.03 63.93 16.62
CA ASP D 197 -15.24 62.86 16.05
C ASP D 197 -14.25 63.35 15.00
N GLU D 198 -14.62 64.37 14.24
CA GLU D 198 -13.71 64.95 13.28
C GLU D 198 -14.04 66.43 13.11
N THR D 199 -13.00 67.26 13.08
CA THR D 199 -13.16 68.71 12.99
C THR D 199 -12.24 69.26 11.92
N TYR D 200 -12.82 69.87 10.89
CA TYR D 200 -12.06 70.61 9.89
C TYR D 200 -11.73 71.99 10.45
N CYS D 201 -10.45 72.28 10.61
CA CYS D 201 -10.02 73.58 11.13
C CYS D 201 -9.96 74.56 9.96
N ILE D 202 -10.95 75.43 9.86
CA ILE D 202 -10.98 76.49 8.85
C ILE D 202 -10.40 77.72 9.53
N ASP D 203 -9.13 78.01 9.25
CA ASP D 203 -8.41 79.06 9.97
C ASP D 203 -8.52 80.37 9.20
N ASN D 204 -9.15 81.38 9.83
CA ASN D 204 -9.34 82.67 9.17
C ASN D 204 -8.00 83.34 8.87
N GLU D 205 -6.99 83.08 9.70
CA GLU D 205 -5.64 83.53 9.39
C GLU D 205 -5.19 83.04 8.02
N ALA D 206 -5.34 81.74 7.78
CA ALA D 206 -4.93 81.16 6.49
C ALA D 206 -5.76 81.72 5.34
N LEU D 207 -7.08 81.85 5.54
CA LEU D 207 -7.92 82.41 4.49
C LEU D 207 -7.50 83.83 4.12
N TYR D 208 -7.23 84.65 5.15
CA TYR D 208 -6.73 86.01 4.91
C TYR D 208 -5.43 86.00 4.14
N ASP D 209 -4.45 85.23 4.62
CA ASP D 209 -3.17 85.18 3.95
C ASP D 209 -3.29 84.70 2.50
N ILE D 210 -4.17 83.73 2.25
CA ILE D 210 -4.34 83.24 0.88
C ILE D 210 -4.90 84.35 0.00
N CYS D 211 -5.98 84.99 0.46
CA CYS D 211 -6.59 86.08 -0.32
C CYS D 211 -5.59 87.22 -0.56
N PHE D 212 -4.77 87.53 0.43
CA PHE D 212 -3.85 88.67 0.33
C PHE D 212 -2.63 88.35 -0.51
N ARG D 213 -1.81 87.40 -0.05
CA ARG D 213 -0.57 87.08 -0.75
C ARG D 213 -0.83 86.39 -2.09
N THR D 214 -1.66 85.35 -2.08
CA THR D 214 -1.80 84.52 -3.28
C THR D 214 -2.80 85.11 -4.27
N LEU D 215 -4.00 85.47 -3.79
CA LEU D 215 -5.02 85.98 -4.68
C LEU D 215 -4.88 87.47 -4.97
N LYS D 216 -3.90 88.14 -4.37
CA LYS D 216 -3.65 89.56 -4.59
C LYS D 216 -4.89 90.41 -4.32
N LEU D 217 -5.60 90.10 -3.24
CA LEU D 217 -6.73 90.90 -2.80
C LEU D 217 -6.25 91.77 -1.64
N THR D 218 -6.05 93.07 -1.91
CA THR D 218 -5.55 93.98 -0.89
C THR D 218 -6.46 94.02 0.32
N THR D 219 -7.77 94.10 0.09
CA THR D 219 -8.77 94.22 1.15
C THR D 219 -9.75 93.04 1.02
N PRO D 220 -9.35 91.86 1.48
CA PRO D 220 -10.24 90.69 1.39
C PRO D 220 -11.48 90.87 2.25
N THR D 221 -12.63 90.53 1.67
CA THR D 221 -13.90 90.54 2.39
C THR D 221 -14.25 89.13 2.86
N TYR D 222 -15.30 89.08 3.70
CA TYR D 222 -15.83 87.80 4.13
C TYR D 222 -16.31 86.98 2.93
N GLY D 223 -16.80 87.65 1.89
CA GLY D 223 -17.10 86.95 0.65
C GLY D 223 -15.88 86.24 0.09
N ASP D 224 -14.74 86.92 0.08
CA ASP D 224 -13.51 86.34 -0.46
C ASP D 224 -13.05 85.16 0.38
N LEU D 225 -13.13 85.29 1.71
CA LEU D 225 -12.80 84.16 2.59
C LEU D 225 -13.75 82.99 2.39
N ASN D 226 -15.06 83.27 2.29
CA ASN D 226 -16.03 82.19 2.20
C ASN D 226 -16.02 81.52 0.84
N HIS D 227 -15.48 82.18 -0.18
CA HIS D 227 -15.27 81.49 -1.45
C HIS D 227 -14.32 80.32 -1.26
N LEU D 228 -13.21 80.57 -0.55
CA LEU D 228 -12.28 79.49 -0.21
C LEU D 228 -12.96 78.45 0.67
N VAL D 229 -13.76 78.90 1.64
CA VAL D 229 -14.40 77.95 2.55
C VAL D 229 -15.34 77.02 1.78
N SER D 230 -16.13 77.58 0.86
CA SER D 230 -17.08 76.78 0.10
C SER D 230 -16.36 75.80 -0.82
N ALA D 231 -15.29 76.24 -1.47
CA ALA D 231 -14.53 75.32 -2.31
C ALA D 231 -13.97 74.17 -1.48
N THR D 232 -13.44 74.47 -0.30
CA THR D 232 -12.86 73.44 0.56
C THR D 232 -13.93 72.47 1.05
N MET D 233 -15.10 72.98 1.43
CA MET D 233 -16.15 72.11 1.95
C MET D 233 -16.68 71.19 0.86
N SER D 234 -16.93 71.71 -0.34
CA SER D 234 -17.30 70.86 -1.47
C SER D 234 -16.23 69.77 -1.68
N GLY D 235 -14.96 70.16 -1.62
CA GLY D 235 -13.90 69.17 -1.78
C GLY D 235 -13.99 68.06 -0.75
N VAL D 236 -14.10 68.43 0.53
CA VAL D 236 -14.04 67.42 1.59
C VAL D 236 -15.33 66.61 1.69
N THR D 237 -16.43 67.07 1.09
CA THR D 237 -17.65 66.28 1.09
C THR D 237 -17.91 65.56 -0.22
N THR D 238 -17.01 65.70 -1.21
CA THR D 238 -17.17 65.00 -2.48
C THR D 238 -17.32 63.49 -2.28
N CYS D 239 -16.47 62.90 -1.44
CA CYS D 239 -16.51 61.46 -1.22
C CYS D 239 -17.79 61.02 -0.52
N LEU D 240 -18.45 61.93 0.20
CA LEU D 240 -19.74 61.61 0.80
C LEU D 240 -20.86 61.78 -0.21
N ARG D 241 -20.69 62.65 -1.20
CA ARG D 241 -21.78 63.03 -2.07
C ARG D 241 -21.80 62.28 -3.40
N PHE D 242 -20.71 61.61 -3.79
CA PHE D 242 -20.71 60.95 -5.07
C PHE D 242 -20.32 59.48 -4.91
N PRO D 243 -20.76 58.61 -5.84
CA PRO D 243 -20.40 57.19 -5.73
C PRO D 243 -18.89 57.01 -5.67
N GLY D 244 -18.45 56.09 -4.84
CA GLY D 244 -17.02 55.94 -4.64
C GLY D 244 -16.70 54.92 -3.58
N GLN D 245 -15.41 54.57 -3.53
CA GLN D 245 -14.87 53.48 -2.74
C GLN D 245 -14.29 53.93 -1.41
N LEU D 246 -13.68 55.11 -1.37
CA LEU D 246 -12.82 55.53 -0.28
C LEU D 246 -13.47 56.67 0.49
N ASN D 247 -13.51 56.53 1.82
CA ASN D 247 -14.05 57.56 2.71
C ASN D 247 -15.45 57.98 2.26
N ALA D 248 -16.28 56.99 1.91
CA ALA D 248 -17.58 57.27 1.34
C ALA D 248 -18.64 57.59 2.39
N ASP D 249 -18.30 57.46 3.67
CA ASP D 249 -19.18 57.91 4.73
C ASP D 249 -18.34 58.45 5.89
N LEU D 250 -19.03 59.11 6.82
CA LEU D 250 -18.35 59.85 7.86
C LEU D 250 -17.56 58.91 8.78
N ARG D 251 -18.12 57.73 9.05
CA ARG D 251 -17.46 56.80 9.96
C ARG D 251 -16.22 56.20 9.33
N LYS D 252 -16.30 55.80 8.06
CA LYS D 252 -15.10 55.29 7.38
C LYS D 252 -14.04 56.36 7.28
N LEU D 253 -14.44 57.61 7.02
CA LEU D 253 -13.48 58.71 7.03
C LEU D 253 -12.81 58.84 8.39
N ALA D 254 -13.60 58.79 9.46
CA ALA D 254 -13.04 58.93 10.81
C ALA D 254 -12.11 57.78 11.14
N VAL D 255 -12.48 56.56 10.76
CA VAL D 255 -11.64 55.40 11.01
C VAL D 255 -10.31 55.54 10.27
N ASN D 256 -10.35 56.12 9.07
CA ASN D 256 -9.11 56.31 8.31
C ASN D 256 -8.28 57.47 8.85
N MET D 257 -8.91 58.47 9.46
CA MET D 257 -8.22 59.71 9.76
C MET D 257 -7.83 59.91 11.22
N VAL D 258 -8.46 59.21 12.16
CA VAL D 258 -8.28 59.54 13.58
C VAL D 258 -7.63 58.39 14.31
N PRO D 259 -6.30 58.37 14.45
CA PRO D 259 -5.64 57.26 15.15
C PRO D 259 -5.82 57.30 16.65
N PHE D 260 -6.13 58.47 17.23
CA PHE D 260 -6.33 58.64 18.65
C PHE D 260 -7.48 59.61 18.84
N PRO D 261 -8.41 59.31 19.76
CA PRO D 261 -9.72 60.00 19.75
C PRO D 261 -9.63 61.51 19.85
N ARG D 262 -8.67 62.05 20.60
CA ARG D 262 -8.58 63.49 20.78
C ARG D 262 -7.94 64.18 19.57
N LEU D 263 -7.11 63.48 18.80
CA LEU D 263 -6.38 64.10 17.70
C LEU D 263 -7.20 63.96 16.42
N HIS D 264 -8.26 64.78 16.35
CA HIS D 264 -9.22 64.71 15.24
C HIS D 264 -9.42 66.08 14.61
N PHE D 265 -8.38 66.90 14.55
CA PHE D 265 -8.45 68.25 14.01
C PHE D 265 -7.68 68.27 12.69
N PHE D 266 -8.41 68.47 11.60
CA PHE D 266 -7.86 68.29 10.26
C PHE D 266 -7.46 69.62 9.64
N MET D 267 -6.35 69.59 8.91
CA MET D 267 -5.84 70.70 8.13
C MET D 267 -6.29 70.50 6.69
N PRO D 268 -7.24 71.29 6.18
CA PRO D 268 -7.66 71.16 4.79
C PRO D 268 -6.82 72.02 3.86
N GLY D 269 -6.76 71.57 2.61
CA GLY D 269 -6.03 72.28 1.59
C GLY D 269 -6.74 72.14 0.25
N PHE D 270 -6.47 73.08 -0.65
CA PHE D 270 -7.13 73.08 -1.94
C PHE D 270 -6.14 73.50 -3.02
N ALA D 271 -6.33 72.94 -4.21
CA ALA D 271 -5.60 73.37 -5.40
C ALA D 271 -6.50 73.18 -6.60
N PRO D 272 -6.43 74.07 -7.61
CA PRO D 272 -5.59 75.27 -7.61
C PRO D 272 -6.27 76.45 -6.94
N LEU D 273 -5.49 77.37 -6.42
CA LEU D 273 -6.01 78.61 -5.86
C LEU D 273 -6.03 79.66 -6.97
N THR D 274 -7.21 80.23 -7.20
CA THR D 274 -7.42 81.04 -8.39
C THR D 274 -7.45 82.54 -8.08
N LEU D 284 -2.66 72.53 -12.93
CA LEU D 284 -3.34 72.22 -14.19
C LEU D 284 -2.96 70.81 -14.65
N THR D 285 -1.70 70.46 -14.50
CA THR D 285 -1.25 69.09 -14.69
C THR D 285 -1.34 68.34 -13.35
N VAL D 286 -1.38 67.00 -13.45
CA VAL D 286 -1.48 66.20 -12.21
C VAL D 286 -0.30 66.38 -11.29
N PRO D 287 0.96 66.39 -11.75
CA PRO D 287 2.07 66.71 -10.84
C PRO D 287 1.93 68.07 -10.18
N GLU D 288 1.50 69.08 -10.93
CA GLU D 288 1.31 70.40 -10.36
C GLU D 288 0.22 70.39 -9.29
N LEU D 289 -0.91 69.73 -9.59
CA LEU D 289 -1.98 69.62 -8.61
C LEU D 289 -1.49 68.98 -7.32
N THR D 290 -0.72 67.89 -7.44
CA THR D 290 -0.26 67.20 -6.24
C THR D 290 0.70 68.06 -5.44
N GLN D 291 1.71 68.63 -6.11
CA GLN D 291 2.69 69.46 -5.44
C GLN D 291 2.04 70.64 -4.74
N GLN D 292 1.10 71.31 -5.42
CA GLN D 292 0.43 72.45 -4.80
C GLN D 292 -0.46 72.01 -3.64
N MET D 293 -1.14 70.88 -3.78
CA MET D 293 -2.02 70.44 -2.70
C MET D 293 -1.23 70.07 -1.45
N PHE D 294 0.05 69.74 -1.59
CA PHE D 294 0.87 69.52 -0.40
C PHE D 294 1.64 70.77 0.02
N ASP D 295 1.47 71.89 -0.70
CA ASP D 295 2.16 73.13 -0.39
C ASP D 295 1.50 73.81 0.81
N SER D 296 2.34 74.27 1.75
CA SER D 296 1.82 74.99 2.92
C SER D 296 0.96 76.17 2.50
N LYS D 297 1.33 76.87 1.43
CA LYS D 297 0.60 78.04 0.96
C LYS D 297 -0.80 77.69 0.47
N ASN D 298 -1.13 76.40 0.37
CA ASN D 298 -2.47 75.97 -0.02
C ASN D 298 -3.29 75.45 1.14
N MET D 299 -2.77 75.51 2.36
CA MET D 299 -3.50 75.00 3.53
C MET D 299 -4.47 76.03 4.05
N MET D 300 -5.67 75.57 4.43
CA MET D 300 -6.67 76.44 5.02
C MET D 300 -6.53 76.55 6.53
N ALA D 301 -5.52 75.91 7.11
CA ALA D 301 -5.09 76.13 8.48
C ALA D 301 -3.68 76.69 8.44
N ALA D 302 -3.43 77.75 9.20
CA ALA D 302 -2.17 78.49 9.10
C ALA D 302 -1.05 77.73 9.81
N CYS D 303 -0.75 76.54 9.27
CA CYS D 303 0.31 75.69 9.78
C CYS D 303 1.19 75.21 8.64
N ASP D 304 2.50 75.16 8.88
CA ASP D 304 3.43 74.58 7.93
C ASP D 304 3.54 73.09 8.20
N PRO D 305 3.09 72.22 7.29
CA PRO D 305 3.18 70.78 7.58
C PRO D 305 4.60 70.28 7.72
N ARG D 306 5.54 70.96 7.08
CA ARG D 306 6.95 70.60 7.19
C ARG D 306 7.54 70.97 8.54
N HIS D 307 6.72 71.52 9.43
CA HIS D 307 7.10 71.73 10.82
C HIS D 307 6.61 70.59 11.71
N GLY D 308 6.00 69.56 11.13
CA GLY D 308 5.49 68.42 11.87
C GLY D 308 5.46 67.17 11.02
N ARG D 309 4.71 66.16 11.45
CA ARG D 309 4.59 64.91 10.70
C ARG D 309 3.13 64.56 10.50
N TYR D 310 2.86 63.94 9.36
CA TYR D 310 1.50 63.52 9.00
C TYR D 310 1.17 62.19 9.67
N LEU D 311 0.09 62.14 10.43
CA LEU D 311 -0.43 60.86 10.92
C LEU D 311 -1.24 60.18 9.83
N THR D 312 -2.18 60.91 9.23
CA THR D 312 -3.02 60.39 8.14
C THR D 312 -3.32 61.52 7.18
N VAL D 313 -3.53 61.15 5.90
CA VAL D 313 -3.88 62.10 4.85
C VAL D 313 -4.92 61.46 3.95
N ALA D 314 -5.92 62.25 3.55
CA ALA D 314 -6.85 61.88 2.49
C ALA D 314 -6.73 62.91 1.36
N ALA D 315 -6.59 62.43 0.13
CA ALA D 315 -6.49 63.28 -1.04
C ALA D 315 -7.64 62.96 -1.99
N ILE D 316 -8.28 63.99 -2.51
CA ILE D 316 -9.42 63.86 -3.41
C ILE D 316 -9.10 64.61 -4.70
N PHE D 317 -9.02 63.89 -5.81
CA PHE D 317 -8.83 64.49 -7.12
C PHE D 317 -10.15 64.49 -7.88
N ARG D 318 -10.49 65.64 -8.48
CA ARG D 318 -11.74 65.81 -9.21
C ARG D 318 -11.44 66.25 -10.62
N GLY D 319 -12.11 65.63 -11.59
CA GLY D 319 -11.92 65.92 -13.00
C GLY D 319 -11.55 64.67 -13.77
N ARG D 320 -11.43 64.83 -15.08
CA ARG D 320 -11.01 63.75 -15.95
C ARG D 320 -9.49 63.80 -16.07
N MET D 321 -8.82 62.76 -15.56
CA MET D 321 -7.36 62.72 -15.54
C MET D 321 -6.93 61.25 -15.51
N SER D 322 -5.64 61.04 -15.74
CA SER D 322 -5.07 59.70 -15.73
C SER D 322 -4.92 59.20 -14.30
N MET D 323 -5.68 58.16 -13.95
CA MET D 323 -5.55 57.55 -12.64
C MET D 323 -4.16 56.97 -12.42
N LYS D 324 -3.55 56.42 -13.47
CA LYS D 324 -2.15 55.98 -13.37
C LYS D 324 -1.25 57.14 -12.95
N GLU D 325 -1.42 58.30 -13.58
CA GLU D 325 -0.58 59.45 -13.24
C GLU D 325 -0.86 59.94 -11.82
N VAL D 326 -2.12 59.89 -11.39
CA VAL D 326 -2.46 60.25 -10.02
C VAL D 326 -1.74 59.33 -9.04
N ASP D 327 -1.79 58.02 -9.29
CA ASP D 327 -1.14 57.07 -8.40
C ASP D 327 0.37 57.32 -8.37
N GLU D 328 0.96 57.51 -9.54
CA GLU D 328 2.40 57.77 -9.63
C GLU D 328 2.79 59.01 -8.84
N GLN D 329 2.03 60.10 -8.99
CA GLN D 329 2.39 61.34 -8.32
C GLN D 329 2.21 61.24 -6.80
N MET D 330 1.17 60.54 -6.35
CA MET D 330 1.00 60.39 -4.90
C MET D 330 2.14 59.56 -4.32
N LEU D 331 2.51 58.47 -4.99
CA LEU D 331 3.69 57.72 -4.56
C LEU D 331 4.94 58.58 -4.59
N ASN D 332 5.05 59.45 -5.59
CA ASN D 332 6.22 60.32 -5.72
C ASN D 332 6.34 61.25 -4.52
N VAL D 333 5.25 61.95 -4.18
CA VAL D 333 5.32 62.89 -3.06
C VAL D 333 5.61 62.15 -1.76
N GLN D 334 5.00 60.97 -1.56
CA GLN D 334 5.26 60.23 -0.34
C GLN D 334 6.72 59.77 -0.26
N ASN D 335 7.27 59.24 -1.36
CA ASN D 335 8.64 58.76 -1.32
C ASN D 335 9.63 59.92 -1.15
N LYS D 336 9.31 61.08 -1.71
CA LYS D 336 10.23 62.22 -1.66
C LYS D 336 10.04 63.08 -0.41
N ASN D 337 9.03 62.79 0.42
CA ASN D 337 8.83 63.52 1.66
C ASN D 337 8.52 62.56 2.80
N SER D 338 9.17 61.39 2.79
CA SER D 338 8.83 60.34 3.75
C SER D 338 9.09 60.78 5.18
N SER D 339 10.06 61.66 5.39
CA SER D 339 10.36 62.15 6.73
C SER D 339 9.15 62.77 7.41
N TYR D 340 8.20 63.27 6.62
CA TYR D 340 7.04 63.98 7.12
C TYR D 340 5.82 63.08 7.30
N PHE D 341 5.98 61.77 7.13
CA PHE D 341 4.90 60.83 7.40
C PHE D 341 5.36 59.86 8.47
N VAL D 342 4.55 59.70 9.52
CA VAL D 342 4.94 58.83 10.62
C VAL D 342 5.10 57.41 10.07
N GLU D 343 6.21 56.77 10.41
CA GLU D 343 6.51 55.46 9.87
C GLU D 343 5.76 54.33 10.59
N TRP D 344 5.16 54.61 11.75
CA TRP D 344 4.41 53.61 12.49
C TRP D 344 2.94 53.55 12.11
N ILE D 345 2.52 54.29 11.08
CA ILE D 345 1.22 54.09 10.46
C ILE D 345 1.44 53.81 8.98
N PRO D 346 1.59 52.54 8.59
CA PRO D 346 1.87 52.24 7.18
C PRO D 346 0.71 52.60 6.29
N ASN D 347 1.03 53.08 5.09
CA ASN D 347 0.05 53.36 4.04
C ASN D 347 -1.02 54.31 4.55
N ASN D 348 -0.59 55.42 5.15
CA ASN D 348 -1.49 56.36 5.80
C ASN D 348 -2.02 57.44 4.86
N VAL D 349 -1.72 57.36 3.56
CA VAL D 349 -2.25 58.29 2.57
C VAL D 349 -3.18 57.53 1.64
N LYS D 350 -4.45 57.93 1.63
CA LYS D 350 -5.46 57.33 0.77
C LYS D 350 -5.94 58.36 -0.25
N THR D 351 -6.18 57.91 -1.48
CA THR D 351 -6.48 58.79 -2.60
C THR D 351 -7.78 58.34 -3.27
N ALA D 352 -8.70 59.30 -3.44
CA ALA D 352 -9.94 59.11 -4.17
C ALA D 352 -9.94 59.98 -5.43
N VAL D 353 -10.65 59.53 -6.47
CA VAL D 353 -10.81 60.29 -7.69
C VAL D 353 -12.28 60.32 -8.07
N CYS D 354 -12.81 61.52 -8.29
CA CYS D 354 -14.18 61.71 -8.77
C CYS D 354 -14.13 62.37 -10.15
N ASP D 355 -14.91 61.84 -11.08
CA ASP D 355 -14.87 62.35 -12.46
C ASP D 355 -15.43 63.75 -12.56
N ILE D 356 -16.34 64.14 -11.67
CA ILE D 356 -17.08 65.38 -11.78
C ILE D 356 -16.27 66.50 -11.12
N PRO D 357 -15.74 67.45 -11.86
CA PRO D 357 -14.97 68.54 -11.26
C PRO D 357 -15.89 69.59 -10.66
N PRO D 358 -15.38 70.44 -9.79
CA PRO D 358 -16.18 71.57 -9.29
C PRO D 358 -16.49 72.55 -10.40
N ARG D 359 -17.36 73.50 -10.08
CA ARG D 359 -17.78 74.49 -11.06
C ARG D 359 -16.60 75.38 -11.45
N GLY D 360 -16.43 75.60 -12.75
CA GLY D 360 -15.43 76.50 -13.26
C GLY D 360 -14.04 75.92 -13.43
N LEU D 361 -13.79 74.70 -12.96
CA LEU D 361 -12.48 74.08 -13.05
C LEU D 361 -12.56 72.78 -13.82
N LYS D 362 -11.48 72.47 -14.55
CA LYS D 362 -11.36 71.18 -15.22
C LYS D 362 -10.75 70.12 -14.32
N MET D 363 -9.86 70.52 -13.40
CA MET D 363 -9.32 69.60 -12.41
C MET D 363 -9.09 70.35 -11.12
N SER D 364 -9.20 69.63 -10.01
CA SER D 364 -8.93 70.19 -8.70
C SER D 364 -8.48 69.07 -7.77
N ALA D 365 -7.91 69.46 -6.64
CA ALA D 365 -7.45 68.52 -5.62
C ALA D 365 -7.77 69.10 -4.26
N THR D 366 -8.35 68.26 -3.39
CA THR D 366 -8.63 68.64 -2.01
C THR D 366 -7.84 67.72 -1.08
N PHE D 367 -7.25 68.33 -0.06
CA PHE D 367 -6.33 67.66 0.85
C PHE D 367 -6.92 67.71 2.25
N ILE D 368 -6.87 66.58 2.96
CA ILE D 368 -7.30 66.52 4.35
C ILE D 368 -6.15 65.85 5.11
N GLY D 369 -5.44 66.62 5.92
CA GLY D 369 -4.30 66.11 6.65
C GLY D 369 -4.54 66.14 8.15
N ASN D 370 -4.21 65.02 8.80
CA ASN D 370 -4.12 65.01 10.26
C ASN D 370 -2.63 65.15 10.58
N SER D 371 -2.17 66.39 10.68
CA SER D 371 -0.76 66.68 10.88
C SER D 371 -0.54 67.19 12.30
N THR D 372 0.60 66.79 12.89
CA THR D 372 0.97 67.33 14.20
C THR D 372 1.30 68.81 14.14
N ALA D 373 1.43 69.38 12.93
CA ALA D 373 1.68 70.80 12.76
C ALA D 373 0.48 71.67 13.15
N ILE D 374 -0.69 71.08 13.36
CA ILE D 374 -1.87 71.84 13.81
C ILE D 374 -1.61 72.44 15.18
N GLN D 375 -0.60 71.92 15.89
CA GLN D 375 -0.22 72.51 17.16
C GLN D 375 0.23 73.95 17.00
N GLU D 376 0.61 74.38 15.80
CA GLU D 376 0.93 75.80 15.61
C GLU D 376 -0.33 76.66 15.72
N LEU D 377 -1.45 76.18 15.15
CA LEU D 377 -2.73 76.86 15.32
C LEU D 377 -3.11 76.92 16.80
N PHE D 378 -3.04 75.78 17.48
CA PHE D 378 -3.46 75.78 18.87
C PHE D 378 -2.51 76.59 19.76
N LYS D 379 -1.21 76.59 19.45
CA LYS D 379 -0.27 77.45 20.17
C LYS D 379 -0.59 78.92 19.97
N ARG D 380 -0.94 79.32 18.75
CA ARG D 380 -1.31 80.71 18.50
C ARG D 380 -2.49 81.11 19.38
N ILE D 381 -3.54 80.27 19.37
CA ILE D 381 -4.72 80.56 20.16
C ILE D 381 -4.38 80.60 21.65
N SER D 382 -3.52 79.68 22.11
CA SER D 382 -3.17 79.64 23.52
C SER D 382 -2.35 80.85 23.93
N GLU D 383 -1.48 81.34 23.05
CA GLU D 383 -0.72 82.54 23.37
C GLU D 383 -1.65 83.74 23.52
N GLN D 384 -2.59 83.90 22.57
CA GLN D 384 -3.51 85.03 22.69
C GLN D 384 -4.43 84.88 23.91
N PHE D 385 -4.82 83.64 24.24
CA PHE D 385 -5.62 83.42 25.44
C PHE D 385 -4.85 83.82 26.69
N THR D 386 -3.63 83.31 26.85
CA THR D 386 -2.90 83.53 28.09
C THR D 386 -2.52 84.99 28.27
N ALA D 387 -2.24 85.71 27.17
CA ALA D 387 -1.88 87.12 27.29
C ALA D 387 -2.99 87.92 27.96
N MET D 388 -4.25 87.53 27.73
CA MET D 388 -5.40 88.17 28.36
C MET D 388 -5.73 87.57 29.71
N PHE D 389 -5.61 86.24 29.84
CA PHE D 389 -6.05 85.58 31.07
C PHE D 389 -5.12 85.88 32.24
N ARG D 390 -3.82 86.03 31.99
CA ARG D 390 -2.93 86.34 33.10
C ARG D 390 -3.17 87.74 33.66
N ARG D 391 -3.81 88.62 32.88
CA ARG D 391 -4.24 89.92 33.38
C ARG D 391 -5.75 89.96 33.59
N LYS D 392 -6.41 88.80 33.51
CA LYS D 392 -7.84 88.66 33.81
C LYS D 392 -8.71 89.66 33.05
N ALA D 393 -8.29 90.02 31.83
CA ALA D 393 -9.02 91.02 31.07
C ALA D 393 -10.37 90.48 30.62
N PHE D 394 -11.40 91.32 30.72
CA PHE D 394 -12.74 91.06 30.19
C PHE D 394 -13.40 89.82 30.80
N LEU D 395 -12.88 89.32 31.92
CA LEU D 395 -13.44 88.11 32.53
C LEU D 395 -14.84 88.32 33.07
N HIS D 396 -15.19 89.55 33.44
CA HIS D 396 -16.49 89.79 34.06
C HIS D 396 -17.64 89.48 33.09
N TRP D 397 -17.40 89.59 31.78
CA TRP D 397 -18.43 89.18 30.82
C TRP D 397 -18.82 87.73 30.99
N TYR D 398 -17.90 86.90 31.48
CA TYR D 398 -18.13 85.47 31.62
C TYR D 398 -18.52 85.08 33.04
N THR D 399 -17.83 85.64 34.04
CA THR D 399 -18.23 85.38 35.42
C THR D 399 -19.61 85.96 35.71
N GLY D 400 -20.01 87.00 34.99
CA GLY D 400 -21.34 87.57 35.12
C GLY D 400 -22.45 86.69 34.61
N GLU D 401 -22.13 85.64 33.86
CA GLU D 401 -23.10 84.68 33.38
C GLU D 401 -23.11 83.41 34.22
N GLY D 402 -22.33 83.37 35.29
CA GLY D 402 -22.30 82.24 36.20
C GLY D 402 -21.07 81.38 36.08
N MET D 403 -20.18 81.68 35.13
CA MET D 403 -18.98 80.88 34.93
C MET D 403 -17.96 81.09 36.04
N ASP D 404 -17.10 80.10 36.21
CA ASP D 404 -16.03 80.15 37.17
C ASP D 404 -14.69 80.25 36.45
N GLU D 405 -13.72 80.93 37.08
CA GLU D 405 -12.38 81.05 36.52
C GLU D 405 -11.74 79.69 36.29
N MET D 406 -12.08 78.72 37.16
CA MET D 406 -11.59 77.36 37.00
C MET D 406 -11.90 76.81 35.62
N GLU D 407 -13.04 77.17 35.05
CA GLU D 407 -13.39 76.69 33.72
C GLU D 407 -12.41 77.20 32.67
N PHE D 408 -11.98 78.46 32.79
CA PHE D 408 -10.96 79.01 31.89
C PHE D 408 -9.63 78.28 32.08
N THR D 409 -9.24 78.09 33.35
CA THR D 409 -8.00 77.38 33.63
C THR D 409 -8.01 75.97 33.05
N GLU D 410 -9.15 75.27 33.18
CA GLU D 410 -9.26 73.91 32.67
C GLU D 410 -9.24 73.87 31.15
N ALA D 411 -9.90 74.82 30.49
CA ALA D 411 -9.87 74.85 29.03
C ALA D 411 -8.45 75.11 28.53
N GLU D 412 -7.75 76.07 29.16
CA GLU D 412 -6.35 76.33 28.83
C GLU D 412 -5.51 75.07 29.00
N SER D 413 -5.65 74.40 30.14
CA SER D 413 -4.92 73.17 30.41
C SER D 413 -5.19 72.11 29.36
N ASN D 414 -6.48 71.90 29.03
CA ASN D 414 -6.84 70.86 28.07
C ASN D 414 -6.24 71.16 26.69
N MET D 415 -6.26 72.42 26.25
CA MET D 415 -5.69 72.72 24.94
C MET D 415 -4.17 72.55 24.96
N ASN D 416 -3.52 72.94 26.05
CA ASN D 416 -2.08 72.72 26.18
C ASN D 416 -1.77 71.23 26.14
N ASP D 417 -2.62 70.42 26.78
CA ASP D 417 -2.46 68.97 26.73
C ASP D 417 -2.57 68.45 25.31
N LEU D 418 -3.56 68.95 24.56
CA LEU D 418 -3.71 68.56 23.16
C LEU D 418 -2.43 68.85 22.37
N VAL D 419 -1.87 70.04 22.55
CA VAL D 419 -0.62 70.39 21.86
C VAL D 419 0.49 69.43 22.26
N SER D 420 0.62 69.14 23.55
CA SER D 420 1.67 68.23 24.00
C SER D 420 1.48 66.82 23.44
N GLU D 421 0.23 66.41 23.24
CA GLU D 421 -0.03 65.08 22.68
C GLU D 421 0.37 65.03 21.21
N TYR D 422 0.04 66.08 20.45
CA TYR D 422 0.54 66.16 19.09
C TYR D 422 2.06 66.10 19.07
N GLN D 423 2.71 66.76 20.03
CA GLN D 423 4.18 66.74 20.08
C GLN D 423 4.69 65.34 20.40
N GLN D 424 4.02 64.64 21.32
CA GLN D 424 4.41 63.28 21.68
C GLN D 424 4.39 62.36 20.46
N TYR D 425 3.31 62.44 19.67
CA TYR D 425 3.25 61.56 18.51
C TYR D 425 4.11 62.05 17.35
N GLN D 426 4.44 63.35 17.30
CA GLN D 426 5.43 63.83 16.35
C GLN D 426 6.82 63.29 16.71
N ASP D 427 7.09 63.11 17.99
CA ASP D 427 8.40 62.63 18.43
C ASP D 427 8.47 61.11 18.47
N ALA D 428 7.33 60.43 18.45
CA ALA D 428 7.32 58.98 18.50
C ALA D 428 8.09 58.40 17.32
N THR D 429 8.76 57.28 17.57
CA THR D 429 9.57 56.59 16.58
C THR D 429 9.19 55.13 16.53
N ALA D 430 9.42 54.50 15.37
CA ALA D 430 9.09 53.09 15.22
C ALA D 430 10.14 52.19 15.88
N ASP D 431 11.40 52.58 15.81
CA ASP D 431 12.47 51.82 16.48
C ASP D 431 12.79 52.42 17.84
N MET E 1 19.44 -78.72 -3.42
CA MET E 1 18.27 -78.05 -4.01
C MET E 1 17.12 -79.03 -4.19
N GLU E 2 16.16 -78.99 -3.28
CA GLU E 2 15.07 -79.97 -3.29
C GLU E 2 13.72 -79.28 -3.46
N VAL E 3 12.81 -80.01 -4.10
CA VAL E 3 11.44 -79.55 -4.34
C VAL E 3 10.50 -80.29 -3.39
N ILE E 4 9.61 -79.55 -2.73
CA ILE E 4 8.71 -80.12 -1.74
C ILE E 4 7.32 -79.52 -1.91
N GLU E 5 6.34 -80.23 -1.35
CA GLU E 5 4.96 -79.75 -1.23
C GLU E 5 4.39 -79.32 -2.59
N LEU E 6 4.59 -80.19 -3.58
CA LEU E 6 4.07 -79.96 -4.92
C LEU E 6 2.58 -80.31 -4.96
N ASN E 7 1.74 -79.31 -5.20
CA ASN E 7 0.30 -79.50 -5.34
C ASN E 7 -0.12 -79.13 -6.75
N LYS E 8 -0.88 -80.02 -7.40
CA LYS E 8 -1.32 -79.82 -8.76
C LYS E 8 -2.84 -79.79 -8.83
N CYS E 9 -3.36 -78.87 -9.66
CA CYS E 9 -4.78 -78.81 -9.97
C CYS E 9 -4.94 -78.48 -11.44
N THR E 10 -6.18 -78.35 -11.89
CA THR E 10 -6.46 -78.11 -13.31
C THR E 10 -5.97 -76.73 -13.75
N SER E 11 -5.97 -75.75 -12.85
CA SER E 11 -5.65 -74.37 -13.20
C SER E 11 -4.19 -73.98 -12.91
N GLY E 12 -3.41 -74.84 -12.25
CA GLY E 12 -2.02 -74.51 -11.99
C GLY E 12 -1.41 -75.47 -10.99
N GLN E 13 -0.30 -75.05 -10.39
CA GLN E 13 0.38 -75.89 -9.41
C GLN E 13 1.38 -75.05 -8.62
N SER E 14 1.61 -75.46 -7.37
CA SER E 14 2.52 -74.75 -6.49
C SER E 14 3.47 -75.74 -5.81
N PHE E 15 4.58 -75.21 -5.31
CA PHE E 15 5.59 -76.02 -4.64
C PHE E 15 6.54 -75.08 -3.90
N GLU E 16 7.59 -75.67 -3.32
CA GLU E 16 8.61 -74.90 -2.62
C GLU E 16 9.97 -75.53 -2.90
N VAL E 17 10.92 -74.72 -3.36
CA VAL E 17 12.27 -75.20 -3.66
C VAL E 17 13.23 -74.60 -2.64
N ILE E 18 13.94 -75.47 -1.92
CA ILE E 18 14.93 -75.07 -0.92
C ILE E 18 16.32 -75.32 -1.49
N LEU E 19 17.16 -74.29 -1.46
CA LEU E 19 18.56 -74.36 -1.87
C LEU E 19 19.52 -74.52 -0.71
N LYS E 20 19.09 -74.20 0.51
CA LYS E 20 19.94 -74.27 1.71
C LYS E 20 19.11 -74.09 2.98
N PRO E 21 19.31 -74.92 4.00
CA PRO E 21 18.63 -74.71 5.28
C PRO E 21 19.24 -73.55 6.04
N PRO E 22 18.61 -73.08 7.13
CA PRO E 22 19.10 -71.95 7.94
C PRO E 22 20.58 -72.06 8.34
N ASP E 39 -4.12 -53.94 21.29
CA ASP E 39 -4.63 -52.91 20.38
C ASP E 39 -5.49 -51.89 21.13
N PRO E 40 -5.45 -50.64 20.68
CA PRO E 40 -6.24 -49.59 21.34
C PRO E 40 -7.73 -49.90 21.29
N SER E 41 -8.43 -49.50 22.34
CA SER E 41 -9.85 -49.79 22.46
C SER E 41 -10.69 -48.69 21.81
N LEU E 42 -11.96 -49.02 21.59
CA LEU E 42 -12.89 -48.05 21.03
C LEU E 42 -12.97 -46.79 21.88
N GLU E 43 -12.98 -46.95 23.20
CA GLU E 43 -13.04 -45.79 24.09
C GLU E 43 -11.81 -44.92 23.95
N GLU E 44 -10.63 -45.53 23.88
CA GLU E 44 -9.41 -44.75 23.72
C GLU E 44 -9.38 -44.01 22.39
N ILE E 45 -9.87 -44.65 21.32
CA ILE E 45 -9.93 -43.99 20.02
C ILE E 45 -10.88 -42.79 20.06
N GLN E 46 -12.08 -42.98 20.61
CA GLN E 46 -13.02 -41.86 20.75
C GLN E 46 -12.41 -40.77 21.60
N LYS E 47 -11.62 -41.13 22.61
CA LYS E 47 -10.96 -40.15 23.46
C LYS E 47 -9.98 -39.31 22.66
N LYS E 48 -9.14 -39.95 21.84
CA LYS E 48 -8.22 -39.20 20.99
C LYS E 48 -8.97 -38.24 20.08
N LEU E 49 -10.02 -38.75 19.40
CA LEU E 49 -10.76 -37.92 18.45
C LEU E 49 -11.42 -36.73 19.15
N GLU E 50 -12.01 -36.95 20.32
CA GLU E 50 -12.65 -35.86 21.05
C GLU E 50 -11.64 -34.86 21.59
N ALA E 51 -10.45 -35.32 21.97
CA ALA E 51 -9.41 -34.39 22.40
C ALA E 51 -9.02 -33.47 21.27
N ALA E 52 -8.82 -34.02 20.07
CA ALA E 52 -8.51 -33.17 18.92
C ALA E 52 -9.64 -32.20 18.61
N GLU E 53 -10.89 -32.68 18.67
CA GLU E 53 -12.01 -31.79 18.41
C GLU E 53 -12.07 -30.65 19.43
N GLU E 54 -11.76 -30.95 20.69
CA GLU E 54 -11.80 -29.91 21.72
C GLU E 54 -10.68 -28.91 21.54
N ARG E 55 -9.50 -29.35 21.10
CA ARG E 55 -8.44 -28.40 20.80
C ARG E 55 -8.82 -27.49 19.65
N ARG E 56 -9.48 -28.05 18.63
CA ARG E 56 -10.01 -27.22 17.55
C ARG E 56 -10.99 -26.18 18.07
N LYS E 57 -11.95 -26.62 18.91
CA LYS E 57 -12.95 -25.70 19.44
C LYS E 57 -12.31 -24.61 20.28
N TYR E 58 -11.26 -24.95 21.02
CA TYR E 58 -10.58 -23.96 21.85
C TYR E 58 -9.88 -22.92 20.98
N GLN E 59 -9.18 -23.36 19.92
CA GLN E 59 -8.54 -22.40 19.02
C GLN E 59 -9.56 -21.48 18.36
N GLU E 60 -10.71 -22.04 17.96
CA GLU E 60 -11.74 -21.20 17.33
C GLU E 60 -12.35 -20.22 18.33
N ALA E 61 -12.56 -20.66 19.57
CA ALA E 61 -13.06 -19.75 20.59
C ALA E 61 -12.08 -18.63 20.85
N GLU E 62 -10.78 -18.93 20.86
CA GLU E 62 -9.77 -17.89 21.04
C GLU E 62 -9.80 -16.89 19.88
N LEU E 63 -9.96 -17.40 18.65
CA LEU E 63 -10.07 -16.52 17.48
C LEU E 63 -11.28 -15.60 17.60
N LEU E 64 -12.43 -16.16 17.96
CA LEU E 64 -13.64 -15.34 18.07
C LEU E 64 -13.54 -14.33 19.19
N LYS E 65 -12.83 -14.68 20.28
CA LYS E 65 -12.60 -13.72 21.36
C LYS E 65 -11.75 -12.55 20.87
N HIS E 66 -10.67 -12.85 20.14
CA HIS E 66 -9.82 -11.82 19.56
C HIS E 66 -10.62 -10.90 18.63
N LEU E 67 -11.47 -11.50 17.78
CA LEU E 67 -12.28 -10.70 16.87
C LEU E 67 -13.29 -9.85 17.61
N ALA E 68 -13.85 -10.36 18.71
CA ALA E 68 -14.75 -9.55 19.53
C ALA E 68 -14.03 -8.36 20.12
N GLU E 69 -12.77 -8.56 20.54
CA GLU E 69 -11.98 -7.42 20.99
C GLU E 69 -11.80 -6.39 19.88
N LYS E 70 -11.59 -6.87 18.65
CA LYS E 70 -11.51 -5.96 17.50
C LYS E 70 -12.81 -5.17 17.32
N ARG E 71 -13.96 -5.84 17.45
CA ARG E 71 -15.25 -5.16 17.33
C ARG E 71 -15.38 -4.07 18.40
N GLU E 72 -14.99 -4.40 19.62
CA GLU E 72 -15.02 -3.42 20.71
C GLU E 72 -14.17 -2.21 20.37
N HIS E 73 -12.98 -2.43 19.80
CA HIS E 73 -12.12 -1.31 19.45
C HIS E 73 -12.72 -0.47 18.33
N GLU E 74 -13.41 -1.10 17.38
CA GLU E 74 -14.06 -0.35 16.30
C GLU E 74 -15.14 0.57 16.87
N ARG E 75 -16.01 0.01 17.73
CA ARG E 75 -17.02 0.84 18.38
C ARG E 75 -16.37 2.00 19.14
N GLU E 76 -15.25 1.73 19.81
CA GLU E 76 -14.56 2.79 20.56
C GLU E 76 -14.05 3.89 19.64
N VAL E 77 -13.49 3.53 18.48
CA VAL E 77 -12.97 4.53 17.56
C VAL E 77 -14.10 5.43 17.05
N ILE E 78 -15.23 4.82 16.67
CA ILE E 78 -16.29 5.66 16.10
C ILE E 78 -16.92 6.52 17.19
N GLN E 79 -17.05 5.98 18.41
CA GLN E 79 -17.56 6.79 19.52
C GLN E 79 -16.62 7.95 19.84
N LYS E 80 -15.31 7.72 19.72
CA LYS E 80 -14.34 8.79 19.98
C LYS E 80 -14.43 9.88 18.91
N ALA E 81 -14.62 9.49 17.65
CA ALA E 81 -14.82 10.49 16.61
C ALA E 81 -16.07 11.33 16.89
N ILE E 82 -17.17 10.68 17.25
CA ILE E 82 -18.40 11.40 17.58
C ILE E 82 -18.15 12.35 18.75
N GLU E 83 -17.47 11.87 19.80
CA GLU E 83 -17.24 12.68 20.98
C GLU E 83 -16.39 13.91 20.65
N GLU E 84 -15.35 13.73 19.84
CA GLU E 84 -14.49 14.87 19.51
C GLU E 84 -15.22 15.88 18.64
N ASN E 85 -16.03 15.42 17.68
CA ASN E 85 -16.83 16.35 16.89
C ASN E 85 -17.80 17.14 17.77
N ASN E 86 -18.50 16.43 18.67
CA ASN E 86 -19.46 17.09 19.53
C ASN E 86 -18.79 18.09 20.48
N ASN E 87 -17.61 17.73 21.00
CA ASN E 87 -16.89 18.64 21.89
C ASN E 87 -16.36 19.85 21.14
N PHE E 88 -15.93 19.68 19.89
CA PHE E 88 -15.60 20.83 19.06
C PHE E 88 -16.78 21.78 18.94
N ILE E 89 -17.95 21.24 18.58
CA ILE E 89 -19.14 22.07 18.44
C ILE E 89 -19.46 22.77 19.75
N LYS E 90 -19.36 22.04 20.87
CA LYS E 90 -19.72 22.61 22.16
C LYS E 90 -18.79 23.75 22.55
N MET E 91 -17.47 23.53 22.44
CA MET E 91 -16.53 24.57 22.83
C MET E 91 -16.63 25.78 21.90
N ALA E 92 -16.90 25.56 20.61
CA ALA E 92 -17.11 26.69 19.71
C ALA E 92 -18.34 27.50 20.14
N LYS E 93 -19.45 26.81 20.41
CA LYS E 93 -20.66 27.48 20.87
C LYS E 93 -20.39 28.31 22.13
N GLU E 94 -19.68 27.73 23.08
CA GLU E 94 -19.46 28.41 24.36
C GLU E 94 -18.51 29.60 24.21
N LYS E 95 -17.45 29.45 23.41
CA LYS E 95 -16.56 30.58 23.18
C LYS E 95 -17.28 31.72 22.49
N LEU E 96 -18.14 31.39 21.52
CA LEU E 96 -18.88 32.45 20.83
C LEU E 96 -19.86 33.15 21.77
N ALA E 97 -20.55 32.39 22.62
CA ALA E 97 -21.44 33.00 23.59
C ALA E 97 -20.67 33.92 24.53
N GLN E 98 -19.54 33.45 25.05
CA GLN E 98 -18.74 34.27 25.95
C GLN E 98 -18.29 35.55 25.27
N LYS E 99 -17.82 35.46 24.02
CA LYS E 99 -17.33 36.63 23.33
C LYS E 99 -18.43 37.65 23.09
N MET E 100 -19.60 37.19 22.59
CA MET E 100 -20.69 38.12 22.35
C MET E 100 -21.17 38.77 23.65
N GLU E 101 -21.23 38.01 24.75
CA GLU E 101 -21.69 38.59 26.01
C GLU E 101 -20.69 39.62 26.55
N SER E 102 -19.40 39.26 26.59
CA SER E 102 -18.38 40.18 27.05
C SER E 102 -18.37 41.45 26.20
N ASN E 103 -18.58 41.30 24.90
CA ASN E 103 -18.55 42.45 23.99
C ASN E 103 -19.74 43.37 24.23
N LYS E 104 -20.94 42.79 24.33
CA LYS E 104 -22.12 43.59 24.69
C LYS E 104 -21.87 44.38 25.97
N GLU E 105 -21.34 43.71 26.99
CA GLU E 105 -21.07 44.38 28.26
C GLU E 105 -20.10 45.55 28.07
N ASN E 106 -19.00 45.32 27.33
CA ASN E 106 -17.99 46.36 27.17
C ASN E 106 -18.55 47.56 26.41
N ARG E 107 -19.28 47.32 25.32
CA ARG E 107 -19.81 48.44 24.54
C ARG E 107 -20.85 49.22 25.33
N GLU E 108 -21.70 48.51 26.08
CA GLU E 108 -22.67 49.21 26.93
C GLU E 108 -21.97 50.04 27.99
N ALA E 109 -20.86 49.51 28.54
CA ALA E 109 -20.11 50.26 29.55
C ALA E 109 -19.53 51.54 28.97
N HIS E 110 -18.96 51.47 27.77
CA HIS E 110 -18.41 52.67 27.15
C HIS E 110 -19.49 53.71 26.89
N LEU E 111 -20.63 53.28 26.33
CA LEU E 111 -21.73 54.22 26.10
C LEU E 111 -22.22 54.82 27.41
N ALA E 112 -22.27 54.02 28.48
CA ALA E 112 -22.74 54.52 29.76
C ALA E 112 -21.80 55.57 30.33
N ALA E 113 -20.48 55.32 30.24
CA ALA E 113 -19.52 56.32 30.71
C ALA E 113 -19.64 57.62 29.92
N MET E 114 -19.81 57.51 28.60
CA MET E 114 -19.99 58.68 27.76
C MET E 114 -21.19 59.51 28.21
N LEU E 115 -22.34 58.85 28.37
CA LEU E 115 -23.55 59.57 28.78
C LEU E 115 -23.44 60.13 30.19
N GLU E 116 -22.71 59.44 31.08
CA GLU E 116 -22.50 59.98 32.42
C GLU E 116 -21.69 61.28 32.37
N ARG E 117 -20.65 61.31 31.53
CA ARG E 117 -19.89 62.56 31.38
C ARG E 117 -20.79 63.68 30.87
N LEU E 118 -21.63 63.38 29.88
CA LEU E 118 -22.51 64.41 29.34
C LEU E 118 -23.50 64.90 30.41
N GLN E 119 -23.99 63.99 31.26
CA GLN E 119 -24.89 64.42 32.33
C GLN E 119 -24.17 65.27 33.37
N GLU E 120 -22.89 64.97 33.63
CA GLU E 120 -22.11 65.85 34.50
C GLU E 120 -21.99 67.24 33.90
N LYS E 121 -21.84 67.32 32.58
CA LYS E 121 -21.84 68.63 31.92
C LYS E 121 -23.17 69.35 32.13
N ASP E 122 -24.29 68.63 32.00
CA ASP E 122 -25.59 69.26 32.24
C ASP E 122 -25.71 69.77 33.68
N LYS E 123 -25.26 68.96 34.64
CA LYS E 123 -25.29 69.36 36.05
C LYS E 123 -24.44 70.60 36.28
N HIS E 124 -23.28 70.69 35.64
CA HIS E 124 -22.44 71.88 35.77
C HIS E 124 -23.12 73.10 35.16
N ALA E 125 -23.85 72.93 34.05
CA ALA E 125 -24.58 74.05 33.48
C ALA E 125 -25.67 74.55 34.41
N GLU E 126 -26.39 73.61 35.04
CA GLU E 126 -27.33 73.97 36.10
C GLU E 126 -26.65 74.80 37.18
N GLU E 127 -25.48 74.34 37.63
CA GLU E 127 -24.72 75.04 38.67
C GLU E 127 -24.34 76.45 38.22
N VAL E 128 -23.96 76.60 36.94
CA VAL E 128 -23.58 77.90 36.42
C VAL E 128 -24.75 78.87 36.43
N ARG E 129 -25.90 78.41 35.94
CA ARG E 129 -27.08 79.28 35.94
C ARG E 129 -27.50 79.63 37.35
N LYS E 130 -27.33 78.71 38.30
CA LYS E 130 -27.58 79.03 39.71
C LYS E 130 -26.65 80.14 40.19
N ASN E 131 -25.35 80.00 39.90
CA ASN E 131 -24.37 80.98 40.34
C ASN E 131 -24.64 82.35 39.75
N LYS E 132 -25.16 82.40 38.52
CA LYS E 132 -25.57 83.69 37.96
C LYS E 132 -26.82 84.21 38.64
N GLU E 133 -27.78 83.32 38.93
CA GLU E 133 -29.02 83.74 39.56
C GLU E 133 -28.77 84.40 40.91
N LEU E 134 -27.85 83.85 41.71
CA LEU E 134 -27.56 84.48 43.00
C LEU E 134 -26.59 85.64 42.88
N LYS E 135 -26.13 85.98 41.68
CA LYS E 135 -25.38 87.20 41.45
C LYS E 135 -26.28 88.42 41.29
N GLU E 136 -27.60 88.25 41.34
CA GLU E 136 -28.54 89.35 41.23
C GLU E 136 -29.39 89.48 42.48
N MET F 1 25.13 -26.43 -17.41
CA MET F 1 26.07 -26.43 -16.29
C MET F 1 25.82 -27.64 -15.39
N TYR F 2 26.88 -28.40 -15.12
CA TYR F 2 26.81 -29.52 -14.20
C TYR F 2 27.06 -29.05 -12.78
N THR F 3 26.50 -29.79 -11.83
CA THR F 3 26.58 -29.46 -10.41
C THR F 3 27.12 -30.65 -9.64
N PHE F 4 27.95 -30.37 -8.64
CA PHE F 4 28.50 -31.41 -7.78
C PHE F 4 28.53 -30.91 -6.34
N VAL F 5 28.75 -31.86 -5.42
CA VAL F 5 28.86 -31.56 -4.00
C VAL F 5 30.09 -32.27 -3.46
N VAL F 6 30.62 -31.76 -2.36
CA VAL F 6 31.79 -32.33 -1.69
C VAL F 6 31.39 -32.66 -0.26
N ARG F 7 31.58 -33.93 0.12
CA ARG F 7 31.21 -34.39 1.46
C ARG F 7 32.38 -35.04 2.20
N ASP F 8 33.57 -35.08 1.60
CA ASP F 8 34.78 -35.55 2.27
C ASP F 8 35.83 -34.46 2.10
N GLU F 9 35.97 -33.60 3.11
CA GLU F 9 36.93 -32.50 3.05
C GLU F 9 38.37 -32.98 3.21
N ASN F 10 38.57 -34.20 3.67
CA ASN F 10 39.89 -34.72 4.01
C ASN F 10 40.51 -35.54 2.89
N SER F 11 39.93 -35.52 1.69
CA SER F 11 40.43 -36.29 0.56
C SER F 11 41.26 -35.36 -0.33
N SER F 12 42.55 -35.63 -0.41
CA SER F 12 43.43 -34.83 -1.27
C SER F 12 43.09 -35.05 -2.74
N VAL F 13 42.90 -36.32 -3.12
CA VAL F 13 42.59 -36.66 -4.51
C VAL F 13 41.37 -35.87 -4.99
N TYR F 14 40.29 -35.90 -4.22
CA TYR F 14 39.07 -35.27 -4.68
C TYR F 14 39.00 -33.79 -4.34
N ALA F 15 39.85 -33.30 -3.43
CA ALA F 15 40.09 -31.86 -3.38
C ALA F 15 40.65 -31.37 -4.70
N GLU F 16 41.64 -32.08 -5.24
CA GLU F 16 42.20 -31.70 -6.53
C GLU F 16 41.18 -31.88 -7.66
N VAL F 17 40.36 -32.94 -7.57
CA VAL F 17 39.33 -33.17 -8.59
C VAL F 17 38.30 -32.04 -8.56
N SER F 18 37.92 -31.60 -7.36
CA SER F 18 36.98 -30.48 -7.25
C SER F 18 37.58 -29.21 -7.84
N ARG F 19 38.86 -28.95 -7.53
CA ARG F 19 39.57 -27.82 -8.12
C ARG F 19 39.51 -27.86 -9.64
N LEU F 20 39.83 -29.03 -10.21
CA LEU F 20 39.83 -29.17 -11.67
C LEU F 20 38.44 -28.97 -12.25
N LEU F 21 37.42 -29.57 -11.63
CA LEU F 21 36.05 -29.40 -12.12
C LEU F 21 35.64 -27.93 -12.11
N LEU F 22 35.97 -27.21 -11.05
CA LEU F 22 35.64 -25.79 -10.99
C LEU F 22 36.38 -25.01 -12.08
N ALA F 23 37.67 -25.31 -12.28
CA ALA F 23 38.44 -24.55 -13.26
C ALA F 23 38.05 -24.87 -14.72
N THR F 24 37.05 -25.70 -15.00
CA THR F 24 36.58 -25.88 -16.37
C THR F 24 35.51 -24.87 -16.76
N GLY F 25 34.96 -24.13 -15.81
CA GLY F 25 33.88 -23.21 -16.07
C GLY F 25 32.54 -23.85 -16.37
N GLN F 26 32.46 -25.19 -16.33
CA GLN F 26 31.23 -25.89 -16.65
C GLN F 26 30.74 -26.75 -15.48
N TRP F 27 31.35 -26.62 -14.31
CA TRP F 27 30.93 -27.31 -13.10
C TRP F 27 30.77 -26.31 -11.97
N LYS F 28 29.69 -26.45 -11.22
CA LYS F 28 29.32 -25.53 -10.16
C LYS F 28 29.11 -26.31 -8.87
N ARG F 29 29.82 -25.93 -7.81
CA ARG F 29 29.74 -26.64 -6.54
C ARG F 29 28.57 -26.11 -5.72
N LEU F 30 27.79 -27.03 -5.15
CA LEU F 30 26.66 -26.70 -4.31
C LEU F 30 27.03 -26.94 -2.85
N ARG F 31 26.14 -26.49 -1.95
CA ARG F 31 26.26 -26.86 -0.55
C ARG F 31 26.13 -28.38 -0.41
N LYS F 32 26.77 -28.92 0.63
CA LYS F 32 26.95 -30.36 0.71
C LYS F 32 25.64 -31.10 0.98
N ASP F 33 24.60 -30.42 1.44
CA ASP F 33 23.31 -31.03 1.70
C ASP F 33 22.28 -30.67 0.64
N ASN F 34 22.73 -30.15 -0.50
CA ASN F 34 21.84 -29.87 -1.62
C ASN F 34 21.63 -31.15 -2.43
N PRO F 35 20.39 -31.62 -2.60
CA PRO F 35 20.18 -32.90 -3.30
C PRO F 35 20.24 -32.80 -4.82
N ARG F 36 20.22 -31.60 -5.38
CA ARG F 36 20.12 -31.43 -6.83
C ARG F 36 21.49 -31.39 -7.51
N PHE F 37 22.28 -32.44 -7.29
CA PHE F 37 23.63 -32.54 -7.84
C PHE F 37 23.68 -33.60 -8.93
N ASN F 38 24.64 -33.42 -9.84
CA ASN F 38 24.97 -34.46 -10.81
C ASN F 38 26.03 -35.40 -10.28
N LEU F 39 26.88 -34.93 -9.36
CA LEU F 39 28.02 -35.70 -8.89
C LEU F 39 28.16 -35.52 -7.38
N MET F 40 28.36 -36.63 -6.68
CA MET F 40 28.64 -36.62 -5.25
C MET F 40 30.04 -37.16 -5.01
N LEU F 41 30.89 -36.35 -4.40
CA LEU F 41 32.18 -36.79 -3.86
C LEU F 41 31.91 -37.05 -2.38
N GLY F 42 31.50 -38.28 -2.08
CA GLY F 42 30.85 -38.57 -0.81
C GLY F 42 31.81 -38.90 0.32
N GLU F 43 31.21 -39.06 1.50
CA GLU F 43 31.97 -39.37 2.71
C GLU F 43 32.43 -40.81 2.69
N ARG F 44 33.47 -41.09 3.48
CA ARG F 44 34.03 -42.44 3.53
C ARG F 44 33.08 -43.40 4.24
N ASN F 45 32.41 -42.94 5.29
CA ASN F 45 31.62 -43.79 6.16
C ASN F 45 30.15 -43.43 6.05
N ARG F 46 29.30 -44.46 5.89
CA ARG F 46 27.85 -44.30 5.84
C ARG F 46 27.43 -43.32 4.75
N LEU F 47 27.92 -43.55 3.55
CA LEU F 47 27.48 -42.78 2.39
C LEU F 47 26.03 -43.14 2.09
N PRO F 48 25.13 -42.17 2.00
CA PRO F 48 23.69 -42.48 1.85
C PRO F 48 23.32 -42.91 0.43
N PHE F 49 23.85 -44.08 0.03
CA PHE F 49 23.56 -44.62 -1.30
C PHE F 49 22.06 -44.70 -1.54
N GLY F 50 21.29 -45.10 -0.52
CA GLY F 50 19.85 -45.23 -0.62
C GLY F 50 19.13 -43.97 -1.05
N ARG F 51 19.77 -42.81 -0.96
CA ARG F 51 19.16 -41.55 -1.38
C ARG F 51 19.63 -41.08 -2.74
N LEU F 52 20.45 -41.86 -3.44
CA LEU F 52 20.93 -41.50 -4.76
C LEU F 52 20.00 -42.04 -5.84
N GLY F 53 19.95 -41.33 -6.96
CA GLY F 53 19.16 -41.76 -8.10
C GLY F 53 17.66 -41.57 -7.96
N HIS F 54 17.22 -40.65 -7.09
CA HIS F 54 15.80 -40.35 -6.91
C HIS F 54 15.50 -38.89 -7.20
N GLU F 55 16.33 -38.23 -8.01
CA GLU F 55 16.11 -36.85 -8.38
C GLU F 55 15.74 -36.76 -9.85
N PRO F 56 14.49 -36.41 -10.18
CA PRO F 56 14.08 -36.37 -11.58
C PRO F 56 14.87 -35.34 -12.38
N GLY F 57 15.19 -35.69 -13.63
CA GLY F 57 15.93 -34.82 -14.50
C GLY F 57 17.42 -34.73 -14.20
N LEU F 58 17.92 -35.53 -13.26
CA LEU F 58 19.33 -35.50 -12.87
C LEU F 58 19.92 -36.89 -13.01
N VAL F 59 20.92 -37.02 -13.89
CA VAL F 59 21.79 -38.18 -13.89
C VAL F 59 22.79 -38.02 -12.76
N GLN F 60 22.76 -38.93 -11.79
CA GLN F 60 23.53 -38.80 -10.57
C GLN F 60 24.64 -39.85 -10.54
N LEU F 61 25.84 -39.41 -10.19
CA LEU F 61 27.04 -40.23 -10.18
C LEU F 61 27.78 -40.01 -8.87
N VAL F 62 28.31 -41.10 -8.30
CA VAL F 62 29.01 -41.04 -7.03
C VAL F 62 30.36 -41.73 -7.18
N ASN F 63 31.35 -41.24 -6.42
CA ASN F 63 32.73 -41.72 -6.52
C ASN F 63 33.03 -42.88 -5.57
N TYR F 64 32.05 -43.74 -5.31
CA TYR F 64 32.27 -44.93 -4.50
C TYR F 64 31.32 -46.04 -4.94
N TYR F 65 31.82 -47.26 -4.97
CA TYR F 65 31.02 -48.44 -5.24
C TYR F 65 30.47 -48.99 -3.94
N ARG F 66 29.15 -48.98 -3.79
CA ARG F 66 28.51 -49.57 -2.64
C ARG F 66 28.81 -51.06 -2.60
N GLY F 67 29.42 -51.52 -1.52
CA GLY F 67 29.82 -52.90 -1.36
C GLY F 67 31.30 -53.14 -1.55
N ALA F 68 32.02 -52.23 -2.20
CA ALA F 68 33.45 -52.37 -2.40
C ALA F 68 34.23 -52.52 -1.10
N ASP F 69 33.60 -52.21 0.05
CA ASP F 69 34.24 -52.47 1.33
C ASP F 69 34.62 -53.95 1.48
N LYS F 70 33.87 -54.85 0.83
CA LYS F 70 34.21 -56.27 0.88
C LYS F 70 35.64 -56.50 0.41
N LEU F 71 36.13 -55.69 -0.51
CA LEU F 71 37.49 -55.79 -1.01
C LEU F 71 38.49 -54.98 -0.19
N CYS F 72 38.03 -53.96 0.54
CA CYS F 72 38.91 -52.96 1.12
C CYS F 72 38.95 -53.01 2.65
N ARG F 73 38.56 -54.13 3.25
CA ARG F 73 38.79 -54.40 4.66
C ARG F 73 39.58 -55.70 4.76
N LYS F 74 40.47 -55.79 5.75
CA LYS F 74 41.37 -56.93 5.85
C LYS F 74 40.60 -58.24 5.95
N ALA F 75 39.76 -58.35 6.99
CA ALA F 75 38.99 -59.57 7.21
C ALA F 75 38.04 -59.86 6.06
N SER F 76 37.40 -58.80 5.53
CA SER F 76 36.48 -58.97 4.42
C SER F 76 37.19 -59.54 3.20
N LEU F 77 38.39 -59.05 2.92
CA LEU F 77 39.15 -59.53 1.77
C LEU F 77 39.57 -60.98 1.97
N VAL F 78 40.02 -61.32 3.18
CA VAL F 78 40.41 -62.70 3.46
C VAL F 78 39.22 -63.63 3.23
N LYS F 79 38.07 -63.28 3.82
CA LYS F 79 36.88 -64.11 3.68
C LYS F 79 36.45 -64.22 2.21
N LEU F 80 36.49 -63.10 1.48
CA LEU F 80 36.08 -63.10 0.08
C LEU F 80 36.95 -64.02 -0.76
N ILE F 81 38.28 -63.93 -0.57
CA ILE F 81 39.19 -64.79 -1.33
C ILE F 81 38.95 -66.24 -0.99
N LYS F 82 38.80 -66.55 0.31
CA LYS F 82 38.68 -67.96 0.70
C LYS F 82 37.35 -68.57 0.26
N THR F 83 36.28 -67.77 0.19
CA THR F 83 34.95 -68.31 -0.07
C THR F 83 34.44 -68.04 -1.48
N SER F 84 35.16 -67.30 -2.30
CA SER F 84 34.72 -67.04 -3.67
C SER F 84 35.27 -68.12 -4.60
N PRO F 85 34.42 -68.91 -5.27
CA PRO F 85 34.94 -69.91 -6.20
C PRO F 85 35.81 -69.34 -7.29
N GLU F 86 35.60 -68.08 -7.67
CA GLU F 86 36.42 -67.45 -8.69
C GLU F 86 37.86 -67.26 -8.21
N LEU F 87 38.06 -67.14 -6.90
CA LEU F 87 39.38 -66.98 -6.31
C LEU F 87 39.87 -68.22 -5.58
N SER F 88 39.00 -68.84 -4.78
CA SER F 88 39.24 -70.12 -4.12
C SER F 88 40.34 -70.06 -3.05
N GLU F 89 40.34 -71.06 -2.16
CA GLU F 89 41.41 -71.18 -1.17
C GLU F 89 42.74 -71.55 -1.82
N SER F 90 42.72 -72.06 -3.04
CA SER F 90 43.92 -72.41 -3.79
C SER F 90 44.56 -71.21 -4.48
N CYS F 91 44.04 -70.00 -4.27
CA CYS F 91 44.59 -68.80 -4.88
C CYS F 91 46.08 -68.66 -4.54
N THR F 92 46.90 -68.43 -5.56
CA THR F 92 48.34 -68.52 -5.44
C THR F 92 49.04 -67.17 -5.26
N TRP F 93 48.31 -66.06 -5.32
CA TRP F 93 48.92 -64.74 -5.19
C TRP F 93 48.50 -64.01 -3.92
N PHE F 94 47.76 -64.67 -3.03
CA PHE F 94 47.40 -64.09 -1.76
C PHE F 94 48.00 -64.93 -0.63
N PRO F 95 48.76 -64.32 0.28
CA PRO F 95 49.39 -65.11 1.35
C PRO F 95 48.36 -65.82 2.20
N GLU F 96 48.78 -66.96 2.75
CA GLU F 96 47.93 -67.71 3.66
C GLU F 96 47.48 -66.82 4.81
N SER F 97 46.16 -66.72 4.97
CA SER F 97 45.58 -65.76 5.90
C SER F 97 44.39 -66.38 6.63
N TYR F 98 44.17 -65.92 7.86
CA TYR F 98 43.10 -66.38 8.71
C TYR F 98 42.55 -65.21 9.51
N VAL F 99 41.25 -65.26 9.77
CA VAL F 99 40.55 -64.24 10.55
C VAL F 99 40.42 -64.73 11.98
N ILE F 100 40.90 -63.93 12.93
CA ILE F 100 40.87 -64.29 14.34
C ILE F 100 40.17 -63.16 15.10
N TYR F 101 39.19 -63.54 15.97
CA TYR F 101 38.44 -62.63 16.82
C TYR F 101 39.03 -62.58 18.22
N PRO F 102 39.02 -61.41 18.87
CA PRO F 102 39.42 -61.29 20.27
C PRO F 102 38.26 -61.57 21.23
N ARG F 128 41.09 -69.96 14.03
CA ARG F 128 42.04 -70.21 15.12
C ARG F 128 42.61 -71.60 15.05
N GLU F 129 41.73 -72.61 15.22
CA GLU F 129 42.16 -73.99 15.14
C GLU F 129 42.78 -74.30 13.78
N VAL F 130 42.19 -73.74 12.72
CA VAL F 130 42.76 -73.86 11.37
C VAL F 130 44.16 -73.25 11.34
N PHE F 131 44.29 -72.05 11.89
CA PHE F 131 45.57 -71.36 11.93
C PHE F 131 46.62 -72.19 12.64
N LEU F 132 46.29 -72.68 13.85
CA LEU F 132 47.24 -73.49 14.60
C LEU F 132 47.56 -74.80 13.89
N ALA F 133 46.60 -75.36 13.15
CA ALA F 133 46.88 -76.60 12.42
C ALA F 133 47.96 -76.37 11.36
N ALA F 134 47.75 -75.38 10.50
CA ALA F 134 48.78 -75.10 9.48
C ALA F 134 50.10 -74.69 10.14
N TYR F 135 50.02 -73.91 11.21
CA TYR F 135 51.21 -73.48 11.93
C TYR F 135 51.98 -74.66 12.49
N ASN F 136 51.27 -75.70 12.94
CA ASN F 136 51.95 -76.91 13.43
C ASN F 136 52.57 -77.69 12.29
N ARG F 137 51.89 -77.75 11.15
CA ARG F 137 52.54 -78.35 9.97
C ARG F 137 53.88 -77.68 9.70
N ARG F 138 53.94 -76.35 9.82
CA ARG F 138 55.21 -75.68 9.61
C ARG F 138 56.18 -75.90 10.77
N ARG F 139 55.67 -75.99 11.99
CA ARG F 139 56.52 -76.19 13.17
C ARG F 139 57.26 -77.51 13.08
N GLU F 140 56.54 -78.60 12.87
CA GLU F 140 57.19 -79.91 12.79
C GLU F 140 57.56 -80.21 11.35
N GLY F 141 57.96 -79.17 10.61
CA GLY F 141 58.43 -79.30 9.25
C GLY F 141 59.66 -78.44 9.03
N ARG F 142 60.13 -77.81 10.10
CA ARG F 142 61.30 -76.93 10.11
C ARG F 142 61.16 -75.76 9.14
N GLU F 143 59.96 -75.48 8.65
CA GLU F 143 59.76 -74.45 7.64
C GLU F 143 59.71 -73.07 8.28
N GLY F 144 59.83 -72.04 7.43
CA GLY F 144 59.70 -70.67 7.88
C GLY F 144 58.33 -70.41 8.47
N ASN F 145 58.29 -70.06 9.75
CA ASN F 145 57.05 -69.99 10.51
C ASN F 145 56.82 -68.59 11.09
N VAL F 146 57.11 -67.56 10.30
CA VAL F 146 56.92 -66.18 10.72
C VAL F 146 55.60 -65.67 10.16
N TRP F 147 54.78 -65.10 11.03
CA TRP F 147 53.48 -64.57 10.65
C TRP F 147 53.36 -63.13 11.13
N ILE F 148 52.41 -62.40 10.53
CA ILE F 148 52.13 -61.02 10.86
C ILE F 148 50.64 -60.90 11.20
N ALA F 149 50.33 -60.02 12.14
CA ALA F 149 48.96 -59.80 12.60
C ALA F 149 48.65 -58.31 12.48
N LYS F 150 47.52 -58.01 11.85
CA LYS F 150 47.14 -56.64 11.57
C LYS F 150 45.62 -56.53 11.57
N SER F 151 45.12 -55.32 11.34
CA SER F 151 43.68 -55.05 11.35
C SER F 151 43.41 -53.83 10.45
N SER F 152 42.20 -53.29 10.57
CA SER F 152 41.80 -52.11 9.81
C SER F 152 41.76 -50.87 10.70
N ILE F 160 50.23 -53.75 14.79
CA ILE F 160 50.82 -54.79 13.96
C ILE F 160 51.85 -55.57 14.76
N LEU F 161 51.85 -56.89 14.62
CA LEU F 161 52.83 -57.71 15.33
C LEU F 161 53.38 -58.76 14.38
N ILE F 162 54.71 -58.92 14.38
CA ILE F 162 55.38 -59.92 13.57
C ILE F 162 56.08 -60.89 14.51
N SER F 163 55.71 -62.17 14.44
CA SER F 163 56.29 -63.14 15.36
C SER F 163 56.36 -64.51 14.70
N SER F 164 57.27 -65.34 15.21
CA SER F 164 57.37 -66.73 14.80
C SER F 164 56.70 -67.69 15.78
N GLU F 165 56.22 -67.19 16.91
CA GLU F 165 55.50 -67.99 17.89
C GLU F 165 54.02 -67.59 17.89
N ALA F 166 53.13 -68.57 17.78
CA ALA F 166 51.72 -68.26 17.59
C ALA F 166 51.08 -67.71 18.86
N SER F 167 51.57 -68.12 20.02
CA SER F 167 50.97 -67.68 21.28
C SER F 167 51.11 -66.18 21.44
N GLU F 168 52.25 -65.61 21.03
CA GLU F 168 52.45 -64.18 21.17
C GLU F 168 51.48 -63.39 20.29
N LEU F 169 51.28 -63.84 19.04
CA LEU F 169 50.29 -63.19 18.16
C LEU F 169 48.89 -63.27 18.76
N LEU F 170 48.49 -64.46 19.19
CA LEU F 170 47.14 -64.64 19.71
C LEU F 170 46.92 -63.83 20.98
N ASP F 171 47.95 -63.71 21.82
CA ASP F 171 47.85 -62.87 23.01
C ASP F 171 47.79 -61.39 22.62
N PHE F 172 48.52 -61.00 21.58
CA PHE F 172 48.48 -59.61 21.14
C PHE F 172 47.10 -59.23 20.63
N ILE F 173 46.41 -60.15 19.96
CA ILE F 173 45.10 -59.81 19.38
C ILE F 173 44.11 -59.46 20.48
N ASP F 174 43.98 -60.32 21.50
CA ASP F 174 42.96 -60.16 22.53
C ASP F 174 43.09 -58.84 23.28
N GLU F 175 44.28 -58.24 23.30
CA GLU F 175 44.48 -56.97 23.97
C GLU F 175 43.90 -55.82 23.16
N VAL F 179 38.79 -57.58 15.98
CA VAL F 179 38.91 -58.51 14.87
C VAL F 179 40.20 -58.26 14.12
N HIS F 180 40.99 -59.30 13.91
CA HIS F 180 42.30 -59.16 13.28
C HIS F 180 42.50 -60.25 12.24
N VAL F 181 43.52 -60.05 11.41
CA VAL F 181 43.96 -61.04 10.44
C VAL F 181 45.38 -61.46 10.77
N ILE F 182 45.64 -62.76 10.71
CA ILE F 182 46.97 -63.33 10.81
C ILE F 182 47.34 -63.90 9.45
N GLN F 183 48.50 -63.52 8.94
CA GLN F 183 48.88 -63.78 7.56
C GLN F 183 50.35 -64.17 7.49
N LYS F 184 50.65 -65.14 6.64
CA LYS F 184 52.03 -65.56 6.45
C LYS F 184 52.91 -64.37 6.08
N TYR F 185 53.93 -64.12 6.89
CA TYR F 185 54.88 -63.06 6.61
C TYR F 185 55.88 -63.54 5.56
N LEU F 186 56.02 -62.78 4.49
CA LEU F 186 56.93 -63.13 3.40
C LEU F 186 58.37 -62.95 3.87
N GLU F 187 58.99 -64.05 4.28
CA GLU F 187 60.34 -63.98 4.84
C GLU F 187 61.41 -63.77 3.79
N LYS F 188 61.09 -63.96 2.51
CA LYS F 188 62.04 -63.83 1.41
C LYS F 188 61.58 -62.76 0.44
N PRO F 189 61.64 -61.49 0.83
CA PRO F 189 61.24 -60.42 -0.08
C PRO F 189 62.33 -60.10 -1.07
N LEU F 190 61.92 -59.44 -2.17
CA LEU F 190 62.87 -58.90 -3.12
C LEU F 190 63.50 -57.65 -2.52
N LEU F 191 64.83 -57.60 -2.50
CA LEU F 191 65.56 -56.56 -1.79
C LEU F 191 66.30 -55.68 -2.79
N LEU F 192 66.03 -54.38 -2.72
CA LEU F 192 66.70 -53.42 -3.59
C LEU F 192 68.16 -53.26 -3.18
N GLU F 193 69.01 -52.95 -4.17
CA GLU F 193 70.42 -52.77 -3.92
C GLU F 193 70.91 -51.49 -4.60
N PRO F 194 71.74 -50.68 -3.93
CA PRO F 194 72.26 -50.96 -2.58
C PRO F 194 71.25 -50.70 -1.47
N GLY F 195 71.58 -51.12 -0.25
CA GLY F 195 70.73 -50.91 0.90
C GLY F 195 70.12 -52.18 1.46
N HIS F 196 70.01 -53.23 0.66
CA HIS F 196 69.43 -54.50 1.08
C HIS F 196 68.06 -54.28 1.72
N ARG F 197 67.20 -53.57 1.00
CA ARG F 197 66.02 -52.96 1.58
C ARG F 197 64.74 -53.49 0.96
N LYS F 198 63.68 -53.50 1.77
CA LYS F 198 62.35 -53.98 1.45
C LYS F 198 61.53 -52.87 0.82
N PHE F 199 60.46 -53.27 0.12
CA PHE F 199 59.58 -52.30 -0.52
C PHE F 199 58.20 -52.91 -0.71
N ASP F 200 57.24 -52.04 -1.02
CA ASP F 200 55.93 -52.45 -1.50
C ASP F 200 55.54 -51.57 -2.69
N ILE F 201 54.64 -52.10 -3.52
CA ILE F 201 54.21 -51.41 -4.73
C ILE F 201 52.76 -50.97 -4.58
N ARG F 202 52.49 -49.71 -4.90
CA ARG F 202 51.15 -49.15 -4.89
C ARG F 202 50.74 -48.88 -6.33
N SER F 203 49.62 -49.48 -6.73
CA SER F 203 48.99 -49.27 -8.03
C SER F 203 47.65 -48.57 -7.83
N TRP F 204 47.36 -47.60 -8.69
CA TRP F 204 46.08 -46.90 -8.64
C TRP F 204 45.20 -47.41 -9.77
N VAL F 205 43.95 -47.77 -9.43
CA VAL F 205 43.03 -48.39 -10.37
C VAL F 205 41.70 -47.67 -10.30
N LEU F 206 41.23 -47.19 -11.45
CA LEU F 206 39.95 -46.50 -11.56
C LEU F 206 38.93 -47.41 -12.23
N VAL F 207 37.78 -47.61 -11.57
CA VAL F 207 36.68 -48.37 -12.14
C VAL F 207 35.56 -47.38 -12.42
N ASP F 208 35.18 -47.25 -13.69
CA ASP F 208 34.20 -46.26 -14.11
C ASP F 208 32.79 -46.84 -13.99
N HIS F 209 31.79 -46.09 -14.45
CA HIS F 209 30.40 -46.52 -14.32
C HIS F 209 30.08 -47.73 -15.19
N LEU F 210 30.84 -47.96 -16.25
CA LEU F 210 30.66 -49.12 -17.12
C LEU F 210 31.44 -50.33 -16.64
N TYR F 211 32.11 -50.22 -15.49
CA TYR F 211 32.98 -51.25 -14.94
C TYR F 211 34.15 -51.57 -15.86
N ASN F 212 34.58 -50.59 -16.65
CA ASN F 212 35.93 -50.66 -17.21
C ASN F 212 36.94 -50.51 -16.10
N ILE F 213 38.06 -51.22 -16.21
CA ILE F 213 39.10 -51.22 -15.20
C ILE F 213 40.33 -50.56 -15.80
N TYR F 214 40.75 -49.44 -15.22
CA TYR F 214 41.87 -48.66 -15.73
C TYR F 214 42.99 -48.68 -14.69
N LEU F 215 44.15 -49.18 -15.07
CA LEU F 215 45.33 -49.16 -14.22
C LEU F 215 46.17 -47.95 -14.61
N TYR F 216 46.28 -46.97 -13.70
CA TYR F 216 47.17 -45.85 -13.90
C TYR F 216 48.56 -46.34 -14.24
N ARG F 217 49.13 -45.82 -15.33
CA ARG F 217 50.43 -46.29 -15.80
C ARG F 217 51.57 -45.95 -14.85
N GLU F 218 51.33 -45.06 -13.88
CA GLU F 218 52.35 -44.68 -12.90
C GLU F 218 52.01 -45.33 -11.56
N GLY F 219 52.83 -46.28 -11.14
CA GLY F 219 52.77 -46.82 -9.80
C GLY F 219 53.86 -46.18 -8.94
N VAL F 220 53.96 -46.66 -7.70
CA VAL F 220 55.02 -46.15 -6.82
C VAL F 220 55.49 -47.25 -5.88
N LEU F 221 56.80 -47.27 -5.60
CA LEU F 221 57.37 -48.19 -4.63
C LEU F 221 57.64 -47.41 -3.35
N ARG F 222 56.93 -47.78 -2.29
CA ARG F 222 57.25 -47.31 -0.94
C ARG F 222 58.36 -48.19 -0.41
N THR F 223 59.54 -47.60 -0.22
CA THR F 223 60.74 -48.34 0.12
C THR F 223 61.08 -48.20 1.60
N SER F 224 61.77 -49.21 2.12
CA SER F 224 62.44 -49.10 3.40
C SER F 224 63.84 -48.56 3.17
N SER F 225 64.28 -47.68 4.07
CA SER F 225 65.63 -47.14 4.00
C SER F 225 66.60 -47.88 4.91
N GLU F 226 66.13 -48.91 5.61
CA GLU F 226 66.94 -49.72 6.52
C GLU F 226 67.13 -51.12 5.98
N PRO F 227 68.33 -51.70 6.12
CA PRO F 227 68.55 -53.04 5.60
C PRO F 227 67.65 -54.08 6.26
N TYR F 228 67.12 -54.98 5.44
CA TYR F 228 66.22 -56.01 5.94
C TYR F 228 66.96 -56.95 6.89
N ASN F 229 66.31 -57.28 8.01
CA ASN F 229 66.92 -58.04 9.11
C ASN F 229 66.02 -59.23 9.43
N SER F 230 66.30 -60.37 8.81
CA SER F 230 65.50 -61.58 9.03
C SER F 230 65.68 -62.17 10.42
N ALA F 231 66.60 -61.63 11.23
CA ALA F 231 66.86 -62.14 12.57
C ALA F 231 66.29 -61.25 13.66
N ASN F 232 65.49 -60.25 13.30
CA ASN F 232 64.97 -59.33 14.30
C ASN F 232 63.69 -58.63 13.82
N PHE F 233 62.56 -59.33 13.89
CA PHE F 233 61.26 -58.72 13.65
C PHE F 233 60.81 -57.85 14.81
N GLN F 234 61.64 -57.74 15.85
CA GLN F 234 61.34 -56.88 16.99
C GLN F 234 61.28 -55.41 16.56
N ASP F 235 62.25 -54.98 15.76
CA ASP F 235 62.29 -53.62 15.23
C ASP F 235 61.48 -53.57 13.95
N LYS F 236 60.40 -52.78 13.96
CA LYS F 236 59.45 -52.72 12.85
C LYS F 236 59.70 -51.52 11.96
N THR F 237 60.95 -51.32 11.55
CA THR F 237 61.29 -50.23 10.63
C THR F 237 61.86 -50.74 9.31
N CYS F 238 62.65 -51.80 9.33
CA CYS F 238 63.09 -52.46 8.11
C CYS F 238 62.09 -53.48 7.61
N HIS F 239 60.97 -53.66 8.33
CA HIS F 239 59.94 -54.63 7.96
C HIS F 239 58.64 -54.00 7.50
N LEU F 240 58.35 -52.77 7.94
CA LEU F 240 57.12 -52.07 7.57
C LEU F 240 57.50 -50.89 6.67
N THR F 241 57.05 -50.95 5.42
CA THR F 241 57.45 -49.99 4.39
C THR F 241 56.57 -48.74 4.36
N ASN F 242 55.67 -48.58 5.32
CA ASN F 242 54.75 -47.45 5.29
C ASN F 242 55.51 -46.13 5.36
N HIS F 243 55.05 -45.16 4.56
CA HIS F 243 55.71 -43.86 4.48
C HIS F 243 55.77 -43.19 5.86
N CYS F 244 54.66 -43.23 6.60
CA CYS F 244 54.63 -42.61 7.93
C CYS F 244 55.63 -43.27 8.87
N ILE F 245 55.71 -44.60 8.83
CA ILE F 245 56.62 -45.31 9.74
C ILE F 245 58.06 -45.02 9.39
N GLN F 246 58.38 -44.99 8.09
CA GLN F 246 59.75 -44.67 7.68
C GLN F 246 60.13 -43.26 8.12
N LYS F 247 59.30 -42.26 7.77
CA LYS F 247 59.52 -40.85 8.06
C LYS F 247 59.64 -40.54 9.55
N GLU F 248 59.49 -41.53 10.43
CA GLU F 248 59.72 -41.32 11.85
C GLU F 248 60.79 -42.24 12.42
N TYR F 249 60.65 -43.55 12.24
CA TYR F 249 61.56 -44.50 12.87
C TYR F 249 62.81 -44.81 12.05
N SER F 250 62.91 -44.34 10.82
CA SER F 250 64.06 -44.63 9.98
C SER F 250 65.02 -43.43 9.98
N LYS F 251 66.27 -43.68 10.38
CA LYS F 251 67.28 -42.64 10.40
C LYS F 251 67.89 -42.36 9.03
N ASN F 252 67.69 -43.26 8.06
CA ASN F 252 68.17 -43.07 6.70
C ASN F 252 67.06 -42.62 5.76
N TYR F 253 65.98 -42.06 6.29
CA TYR F 253 64.84 -41.66 5.46
C TYR F 253 65.26 -40.62 4.44
N GLY F 254 65.09 -40.95 3.16
CA GLY F 254 65.42 -40.06 2.07
C GLY F 254 66.79 -40.23 1.47
N ARG F 255 67.55 -41.24 1.89
CA ARG F 255 68.93 -41.38 1.44
C ARG F 255 69.00 -41.76 -0.03
N TYR F 256 68.29 -42.82 -0.42
CA TYR F 256 68.43 -43.36 -1.77
C TYR F 256 67.49 -42.71 -2.78
N GLU F 257 66.29 -42.31 -2.37
CA GLU F 257 65.37 -41.59 -3.23
C GLU F 257 64.50 -40.69 -2.36
N GLU F 258 63.63 -39.92 -3.02
CA GLU F 258 62.80 -38.93 -2.34
C GLU F 258 61.33 -39.32 -2.47
N GLY F 259 60.66 -39.48 -1.33
CA GLY F 259 61.29 -39.42 -0.03
C GLY F 259 61.68 -40.83 0.39
N ASN F 260 60.73 -41.74 0.27
CA ASN F 260 60.98 -43.17 0.22
C ASN F 260 60.16 -43.76 -0.92
N GLU F 261 60.14 -43.04 -2.04
CA GLU F 261 59.28 -43.33 -3.18
C GLU F 261 60.15 -43.50 -4.43
N MET F 262 60.13 -44.71 -4.98
CA MET F 262 60.79 -45.02 -6.23
C MET F 262 59.74 -45.18 -7.31
N PHE F 263 59.90 -44.49 -8.43
CA PHE F 263 58.89 -44.54 -9.47
C PHE F 263 59.27 -45.57 -10.54
N PHE F 264 58.37 -45.75 -11.51
CA PHE F 264 58.43 -46.94 -12.36
C PHE F 264 59.59 -46.89 -13.34
N GLU F 265 59.96 -45.71 -13.81
CA GLU F 265 61.09 -45.63 -14.74
C GLU F 265 62.37 -46.11 -14.09
N GLU F 266 62.66 -45.61 -12.89
CA GLU F 266 63.88 -46.01 -12.19
C GLU F 266 63.84 -47.47 -11.77
N PHE F 267 62.67 -47.96 -11.36
CA PHE F 267 62.57 -49.36 -10.93
C PHE F 267 62.72 -50.30 -12.12
N ASN F 268 62.19 -49.92 -13.28
CA ASN F 268 62.37 -50.73 -14.48
C ASN F 268 63.82 -50.72 -14.93
N GLN F 269 64.48 -49.56 -14.84
CA GLN F 269 65.91 -49.51 -15.15
C GLN F 269 66.71 -50.39 -14.19
N TYR F 270 66.33 -50.39 -12.91
CA TYR F 270 67.00 -51.24 -11.94
C TYR F 270 66.81 -52.71 -12.27
N LEU F 271 65.57 -53.10 -12.56
CA LEU F 271 65.31 -54.49 -12.93
C LEU F 271 66.14 -54.89 -14.14
N MET F 272 66.16 -54.06 -15.18
CA MET F 272 67.00 -54.35 -16.33
C MET F 272 68.46 -54.54 -15.92
N ASP F 273 69.06 -53.51 -15.31
CA ASP F 273 70.48 -53.54 -14.96
C ASP F 273 70.83 -54.76 -14.11
N ALA F 274 70.05 -55.00 -13.05
CA ALA F 274 70.40 -56.00 -12.05
C ALA F 274 69.96 -57.41 -12.43
N LEU F 275 68.69 -57.60 -12.79
CA LEU F 275 68.13 -58.92 -13.01
C LEU F 275 67.83 -59.23 -14.46
N ASN F 276 68.17 -58.33 -15.40
CA ASN F 276 67.99 -58.58 -16.83
C ASN F 276 66.54 -58.91 -17.18
N THR F 277 65.62 -58.11 -16.65
CA THR F 277 64.20 -58.25 -16.96
C THR F 277 63.58 -56.86 -16.94
N THR F 278 62.35 -56.78 -17.45
CA THR F 278 61.59 -55.54 -17.41
C THR F 278 60.52 -55.63 -16.34
N LEU F 279 60.11 -54.44 -15.86
CA LEU F 279 59.01 -54.36 -14.90
C LEU F 279 57.75 -55.01 -15.46
N GLU F 280 57.42 -54.70 -16.72
CA GLU F 280 56.26 -55.29 -17.39
C GLU F 280 56.29 -56.81 -17.33
N ASN F 281 57.39 -57.41 -17.77
CA ASN F 281 57.46 -58.86 -17.84
C ASN F 281 57.45 -59.48 -16.45
N SER F 282 58.28 -58.97 -15.53
CA SER F 282 58.49 -59.66 -14.28
C SER F 282 57.39 -59.41 -13.24
N ILE F 283 56.67 -58.29 -13.30
CA ILE F 283 55.80 -57.91 -12.19
C ILE F 283 54.44 -57.42 -12.68
N LEU F 284 54.43 -56.58 -13.72
CA LEU F 284 53.21 -55.88 -14.09
C LEU F 284 52.13 -56.82 -14.62
N LEU F 285 52.52 -57.90 -15.30
CA LEU F 285 51.54 -58.89 -15.75
C LEU F 285 50.79 -59.49 -14.57
N GLN F 286 51.52 -59.88 -13.53
CA GLN F 286 50.88 -60.42 -12.32
C GLN F 286 50.01 -59.37 -11.65
N ILE F 287 50.46 -58.12 -11.60
CA ILE F 287 49.66 -57.06 -10.99
C ILE F 287 48.33 -56.90 -11.72
N LYS F 288 48.37 -56.84 -13.05
CA LYS F 288 47.15 -56.71 -13.84
C LYS F 288 46.25 -57.92 -13.65
N HIS F 289 46.84 -59.13 -13.62
CA HIS F 289 46.04 -60.33 -13.38
C HIS F 289 45.30 -60.25 -12.05
N ILE F 290 45.99 -59.82 -10.99
CA ILE F 290 45.37 -59.78 -9.66
C ILE F 290 44.26 -58.74 -9.61
N ILE F 291 44.51 -57.56 -10.18
CA ILE F 291 43.48 -56.51 -10.21
C ILE F 291 42.23 -57.02 -10.94
N ARG F 292 42.42 -57.59 -12.13
CA ARG F 292 41.30 -58.15 -12.87
C ARG F 292 40.57 -59.20 -12.06
N SER F 293 41.31 -60.10 -11.40
CA SER F 293 40.68 -61.16 -10.63
C SER F 293 39.75 -60.60 -9.56
N CYS F 294 40.28 -59.72 -8.71
CA CYS F 294 39.47 -59.21 -7.60
C CYS F 294 38.24 -58.44 -8.11
N LEU F 295 38.47 -57.49 -9.02
CA LEU F 295 37.37 -56.63 -9.43
C LEU F 295 36.30 -57.40 -10.21
N MET F 296 36.72 -58.32 -11.10
CA MET F 296 35.75 -59.16 -11.80
C MET F 296 35.03 -60.09 -10.84
N CYS F 297 35.69 -60.53 -9.75
CA CYS F 297 35.01 -61.36 -8.77
C CYS F 297 33.83 -60.60 -8.15
N ILE F 298 34.07 -59.36 -7.73
CA ILE F 298 32.99 -58.64 -7.05
C ILE F 298 32.08 -57.86 -7.99
N GLU F 299 32.34 -57.86 -9.29
CA GLU F 299 31.49 -57.14 -10.24
C GLU F 299 29.99 -57.40 -10.08
N PRO F 300 29.50 -58.65 -10.00
CA PRO F 300 28.05 -58.84 -9.91
C PRO F 300 27.44 -58.24 -8.66
N ALA F 301 28.23 -58.04 -7.61
CA ALA F 301 27.70 -57.59 -6.34
C ALA F 301 27.67 -56.07 -6.20
N ILE F 302 28.41 -55.34 -7.03
CA ILE F 302 28.53 -53.90 -6.86
C ILE F 302 28.26 -53.13 -8.14
N SER F 303 28.19 -53.82 -9.27
CA SER F 303 28.00 -53.14 -10.56
C SER F 303 26.74 -52.30 -10.56
N THR F 304 26.83 -51.11 -11.15
CA THR F 304 25.71 -50.18 -11.28
C THR F 304 25.24 -50.07 -12.73
N LYS F 305 25.37 -51.17 -13.49
CA LYS F 305 25.06 -51.12 -14.92
C LYS F 305 23.61 -50.76 -15.17
N HIS F 306 22.69 -51.42 -14.47
CA HIS F 306 21.26 -51.19 -14.64
C HIS F 306 20.64 -50.48 -13.43
N LEU F 307 21.44 -49.72 -12.70
CA LEU F 307 20.99 -49.08 -11.47
C LEU F 307 20.52 -47.65 -11.74
N HIS F 308 19.72 -47.13 -10.80
CA HIS F 308 19.14 -45.79 -10.93
C HIS F 308 20.14 -44.68 -10.61
N TYR F 309 21.31 -45.04 -10.07
CA TYR F 309 22.45 -44.13 -10.00
C TYR F 309 23.68 -44.89 -10.46
N GLN F 310 24.77 -44.16 -10.72
CA GLN F 310 25.99 -44.75 -11.24
C GLN F 310 27.14 -44.47 -10.30
N SER F 311 28.12 -45.38 -10.31
CA SER F 311 29.27 -45.29 -9.43
C SER F 311 30.56 -45.45 -10.21
N PHE F 312 31.61 -44.79 -9.72
CA PHE F 312 32.99 -45.10 -10.08
C PHE F 312 33.79 -45.10 -8.78
N GLN F 313 35.03 -45.59 -8.83
CA GLN F 313 35.84 -45.55 -7.62
C GLN F 313 37.31 -45.73 -7.97
N LEU F 314 38.15 -45.02 -7.21
CA LEU F 314 39.61 -45.16 -7.27
C LEU F 314 40.08 -46.06 -6.13
N PHE F 315 40.91 -47.03 -6.47
CA PHE F 315 41.44 -48.03 -5.56
C PHE F 315 42.95 -47.96 -5.52
N GLY F 316 43.53 -48.32 -4.37
CA GLY F 316 44.96 -48.47 -4.26
C GLY F 316 45.37 -49.88 -3.88
N PHE F 317 45.91 -50.63 -4.82
CA PHE F 317 46.36 -52.00 -4.57
C PHE F 317 47.79 -51.97 -4.05
N ASP F 318 48.04 -52.74 -2.98
CA ASP F 318 49.36 -52.84 -2.38
C ASP F 318 49.90 -54.25 -2.61
N PHE F 319 51.05 -54.35 -3.26
CA PHE F 319 51.67 -55.62 -3.63
C PHE F 319 53.03 -55.78 -2.98
N MET F 320 53.37 -57.03 -2.71
CA MET F 320 54.72 -57.43 -2.33
C MET F 320 55.33 -58.24 -3.48
N VAL F 321 56.66 -58.22 -3.55
CA VAL F 321 57.41 -59.01 -4.52
C VAL F 321 58.45 -59.83 -3.75
N ASP F 322 58.46 -61.14 -3.98
CA ASP F 322 59.48 -61.98 -3.35
C ASP F 322 60.70 -62.08 -4.26
N GLU F 323 61.72 -62.79 -3.79
CA GLU F 323 63.00 -62.83 -4.50
C GLU F 323 62.94 -63.65 -5.79
N GLU F 324 61.90 -64.45 -6.01
CA GLU F 324 61.70 -65.14 -7.27
C GLU F 324 60.91 -64.30 -8.27
N LEU F 325 60.70 -63.02 -7.98
CA LEU F 325 59.89 -62.13 -8.80
C LEU F 325 58.45 -62.62 -8.90
N LYS F 326 57.90 -63.05 -7.78
CA LYS F 326 56.48 -63.38 -7.67
C LYS F 326 55.78 -62.26 -6.92
N VAL F 327 54.62 -61.84 -7.42
CA VAL F 327 53.87 -60.72 -6.87
C VAL F 327 52.79 -61.27 -5.96
N TRP F 328 52.69 -60.69 -4.76
CA TRP F 328 51.66 -61.04 -3.79
C TRP F 328 50.79 -59.83 -3.51
N LEU F 329 49.49 -60.06 -3.40
CA LEU F 329 48.58 -58.99 -3.01
C LEU F 329 48.53 -58.89 -1.49
N ILE F 330 48.77 -57.68 -0.98
CA ILE F 330 48.75 -57.42 0.46
C ILE F 330 47.40 -56.88 0.90
N GLU F 331 46.93 -55.81 0.28
CA GLU F 331 45.66 -55.22 0.65
C GLU F 331 45.16 -54.32 -0.47
N VAL F 332 43.89 -53.93 -0.36
CA VAL F 332 43.24 -53.02 -1.29
C VAL F 332 42.68 -51.85 -0.49
N ASN F 333 43.01 -50.63 -0.92
CA ASN F 333 42.58 -49.41 -0.28
C ASN F 333 41.42 -48.82 -1.05
N GLY F 334 40.32 -48.54 -0.35
CA GLY F 334 39.15 -47.95 -0.98
C GLY F 334 39.19 -46.44 -1.13
N ALA F 335 40.01 -45.76 -0.33
CA ALA F 335 40.15 -44.30 -0.39
C ALA F 335 41.62 -43.94 -0.35
N PRO F 336 42.36 -44.23 -1.41
CA PRO F 336 43.82 -44.03 -1.37
C PRO F 336 44.22 -42.60 -1.64
N ALA F 337 45.39 -42.24 -1.11
CA ALA F 337 46.04 -40.99 -1.47
C ALA F 337 46.92 -41.24 -2.70
N CYS F 338 47.59 -40.21 -3.18
CA CYS F 338 48.45 -40.32 -4.35
C CYS F 338 49.86 -39.86 -4.01
N ALA F 339 50.81 -40.22 -4.87
CA ALA F 339 52.16 -39.70 -4.78
C ALA F 339 52.16 -38.25 -5.23
N GLN F 340 52.83 -37.39 -4.46
CA GLN F 340 52.67 -35.93 -4.62
C GLN F 340 52.87 -35.48 -6.06
N LYS F 341 53.87 -36.05 -6.75
CA LYS F 341 54.16 -35.63 -8.11
C LYS F 341 53.19 -36.20 -9.13
N LEU F 342 52.26 -37.08 -8.72
CA LEU F 342 51.32 -37.71 -9.63
C LEU F 342 49.89 -37.26 -9.44
N TYR F 343 49.63 -36.39 -8.45
CA TYR F 343 48.27 -35.92 -8.19
C TYR F 343 47.66 -35.28 -9.43
N ALA F 344 48.39 -34.37 -10.05
CA ALA F 344 47.87 -33.63 -11.20
C ALA F 344 47.42 -34.59 -12.30
N GLU F 345 48.33 -35.44 -12.75
CA GLU F 345 48.02 -36.35 -13.86
C GLU F 345 46.88 -37.30 -13.50
N LEU F 346 46.93 -37.89 -12.30
CA LEU F 346 45.93 -38.88 -11.95
C LEU F 346 44.55 -38.26 -11.80
N CYS F 347 44.46 -37.07 -11.18
CA CYS F 347 43.15 -36.44 -10.99
C CYS F 347 42.60 -35.93 -12.32
N GLN F 348 43.46 -35.44 -13.21
CA GLN F 348 43.00 -35.10 -14.54
C GLN F 348 42.46 -36.33 -15.26
N GLY F 349 43.16 -37.47 -15.11
CA GLY F 349 42.66 -38.71 -15.69
C GLY F 349 41.33 -39.14 -15.09
N ILE F 350 41.13 -38.86 -13.80
CA ILE F 350 39.86 -39.16 -13.15
C ILE F 350 38.74 -38.36 -13.79
N VAL F 351 38.92 -37.04 -13.90
CA VAL F 351 37.87 -36.21 -14.49
C VAL F 351 37.68 -36.53 -15.98
N ASP F 352 38.71 -37.06 -16.64
CA ASP F 352 38.56 -37.43 -18.05
C ASP F 352 37.77 -38.71 -18.21
N VAL F 353 38.13 -39.74 -17.45
CA VAL F 353 37.62 -41.09 -17.68
C VAL F 353 36.33 -41.34 -16.93
N ALA F 354 36.24 -40.91 -15.67
CA ALA F 354 35.12 -41.28 -14.81
C ALA F 354 33.97 -40.28 -14.84
N ILE F 355 34.26 -38.99 -15.05
CA ILE F 355 33.29 -37.92 -14.87
C ILE F 355 32.84 -37.35 -16.21
N SER F 356 33.79 -36.93 -17.05
CA SER F 356 33.43 -36.36 -18.34
C SER F 356 32.84 -37.40 -19.29
N SER F 357 33.05 -38.68 -19.01
CA SER F 357 32.41 -39.72 -19.81
C SER F 357 30.91 -39.72 -19.61
N VAL F 358 30.45 -39.42 -18.38
CA VAL F 358 29.03 -39.32 -18.11
C VAL F 358 28.52 -37.90 -18.36
N PHE F 359 29.34 -36.89 -18.08
CA PHE F 359 28.97 -35.49 -18.23
C PHE F 359 29.98 -34.81 -19.15
N PRO F 360 29.77 -34.91 -20.46
CA PRO F 360 30.77 -34.39 -21.41
C PRO F 360 30.82 -32.87 -21.39
N LEU F 361 32.03 -32.35 -21.61
CA LEU F 361 32.26 -30.91 -21.68
C LEU F 361 32.04 -30.40 -23.11
N ALA F 362 32.09 -29.09 -23.26
CA ALA F 362 31.84 -28.45 -24.55
C ALA F 362 32.95 -28.78 -25.55
N PRO F 371 45.25 -39.59 -28.47
CA PRO F 371 45.53 -40.71 -27.58
C PRO F 371 46.36 -40.30 -26.36
N THR F 372 47.44 -41.06 -26.10
CA THR F 372 48.31 -40.83 -24.93
C THR F 372 47.51 -40.88 -23.64
N SER F 373 46.74 -41.95 -23.47
CA SER F 373 45.97 -42.15 -22.26
C SER F 373 46.89 -42.58 -21.12
N ILE F 374 46.67 -42.00 -19.93
CA ILE F 374 47.47 -42.35 -18.76
C ILE F 374 47.04 -43.65 -18.12
N PHE F 375 46.07 -44.35 -18.70
CA PHE F 375 45.53 -45.58 -18.14
C PHE F 375 45.73 -46.75 -19.09
N ILE F 376 46.02 -47.92 -18.52
CA ILE F 376 46.00 -49.19 -19.24
C ILE F 376 44.65 -49.85 -18.96
N LYS F 377 43.91 -50.17 -20.02
CA LYS F 377 42.59 -50.76 -19.86
C LYS F 377 42.72 -52.27 -19.73
N LEU F 378 42.24 -52.82 -18.62
CA LEU F 378 42.33 -54.24 -18.32
C LEU F 378 41.02 -54.92 -18.71
N HIS F 379 41.10 -55.91 -19.59
CA HIS F 379 39.93 -56.69 -19.99
C HIS F 379 40.32 -58.11 -20.38
#